data_1RPY
# 
_entry.id   1RPY 
# 
_audit_conform.dict_name       mmcif_pdbx.dic 
_audit_conform.dict_version    5.397 
_audit_conform.dict_location   http://mmcif.pdb.org/dictionaries/ascii/mmcif_pdbx.dic 
# 
loop_
_database_2.database_id 
_database_2.database_code 
_database_2.pdbx_database_accession 
_database_2.pdbx_DOI 
PDB   1RPY         pdb_00001rpy 10.2210/pdb1rpy/pdb 
RCSB  RCSB020936   ?            ?                   
WWPDB D_1000020936 ?            ?                   
# 
loop_
_pdbx_audit_revision_history.ordinal 
_pdbx_audit_revision_history.data_content_type 
_pdbx_audit_revision_history.major_revision 
_pdbx_audit_revision_history.minor_revision 
_pdbx_audit_revision_history.revision_date 
1 'Structure model' 1 0 2003-12-23 
2 'Structure model' 1 1 2008-04-29 
3 'Structure model' 1 2 2011-07-13 
4 'Structure model' 1 3 2024-10-30 
# 
_pdbx_audit_revision_details.ordinal             1 
_pdbx_audit_revision_details.revision_ordinal    1 
_pdbx_audit_revision_details.data_content_type   'Structure model' 
_pdbx_audit_revision_details.provider            repository 
_pdbx_audit_revision_details.type                'Initial release' 
_pdbx_audit_revision_details.description         ? 
_pdbx_audit_revision_details.details             ? 
# 
loop_
_pdbx_audit_revision_group.ordinal 
_pdbx_audit_revision_group.revision_ordinal 
_pdbx_audit_revision_group.data_content_type 
_pdbx_audit_revision_group.group 
1 2 'Structure model' 'Version format compliance' 
2 3 'Structure model' 'Version format compliance' 
3 4 'Structure model' 'Data collection'           
4 4 'Structure model' 'Database references'       
5 4 'Structure model' 'Derived calculations'      
6 4 'Structure model' 'Structure summary'         
# 
loop_
_pdbx_audit_revision_category.ordinal 
_pdbx_audit_revision_category.revision_ordinal 
_pdbx_audit_revision_category.data_content_type 
_pdbx_audit_revision_category.category 
1 4 'Structure model' chem_comp_atom            
2 4 'Structure model' chem_comp_bond            
3 4 'Structure model' database_2                
4 4 'Structure model' pdbx_entry_details        
5 4 'Structure model' pdbx_modification_feature 
6 4 'Structure model' struct_conn               
7 4 'Structure model' struct_ref_seq_dif        
8 4 'Structure model' struct_site               
# 
loop_
_pdbx_audit_revision_item.ordinal 
_pdbx_audit_revision_item.revision_ordinal 
_pdbx_audit_revision_item.data_content_type 
_pdbx_audit_revision_item.item 
1 4 'Structure model' '_database_2.pdbx_DOI'                
2 4 'Structure model' '_database_2.pdbx_database_accession' 
3 4 'Structure model' '_struct_conn.pdbx_leaving_atom_flag' 
4 4 'Structure model' '_struct_ref_seq_dif.details'         
5 4 'Structure model' '_struct_site.pdbx_auth_asym_id'      
6 4 'Structure model' '_struct_site.pdbx_auth_comp_id'      
7 4 'Structure model' '_struct_site.pdbx_auth_seq_id'       
# 
_pdbx_database_status.status_code                     REL 
_pdbx_database_status.entry_id                        1RPY 
_pdbx_database_status.recvd_initial_deposition_date   2003-12-03 
_pdbx_database_status.deposit_site                    RCSB 
_pdbx_database_status.process_site                    RCSB 
_pdbx_database_status.status_code_sf                  REL 
_pdbx_database_status.SG_entry                        . 
_pdbx_database_status.pdb_format_compatible           Y 
_pdbx_database_status.status_code_mr                  ? 
_pdbx_database_status.status_code_cs                  ? 
_pdbx_database_status.status_code_nmr_data            ? 
_pdbx_database_status.methods_development_category    ? 
# 
loop_
_audit_author.name 
_audit_author.pdbx_ordinal 
'Hu, J.'        1 
'Liu, J.'       2 
'Ghirlando, R.' 3 
'Saltiel, A.R.' 4 
'Hubbard, S.R.' 5 
# 
_citation.id                        primary 
_citation.title                     
'Structural basis for recruitment of the adaptor protein APS to the activated insulin receptor.' 
_citation.journal_abbrev            Mol.Cell 
_citation.journal_volume            12 
_citation.page_first                1379 
_citation.page_last                 1389 
_citation.year                      2003 
_citation.journal_id_ASTM           MOCEFL 
_citation.country                   US 
_citation.journal_id_ISSN           1097-2765 
_citation.journal_id_CSD            2168 
_citation.book_publisher            ? 
_citation.pdbx_database_id_PubMed   14690593 
_citation.pdbx_database_id_DOI      '10.1016/S1097-2765(03)00487-8' 
# 
loop_
_citation_author.citation_id 
_citation_author.name 
_citation_author.ordinal 
_citation_author.identifier_ORCID 
primary 'Hu, J.'        1 ? 
primary 'Liu, J.'       2 ? 
primary 'Ghirlando, R.' 3 ? 
primary 'Saltiel, A.R.' 4 ? 
primary 'Hubbard, S.R.' 5 ? 
# 
loop_
_entity.id 
_entity.type 
_entity.src_method 
_entity.pdbx_description 
_entity.formula_weight 
_entity.pdbx_number_of_molecules 
_entity.pdbx_ec 
_entity.pdbx_mutation 
_entity.pdbx_fragment 
_entity.details 
1 polymer     man 'adaptor protein APS' 12938.573 2  ? ? 'SH2 domain' ? 
2 non-polymer syn 'SULFATE ION'         96.063    2  ? ? ?            ? 
3 water       nat water                 18.015    30 ? ? ?            ? 
# 
_entity_poly.entity_id                      1 
_entity_poly.type                           'polypeptide(L)' 
_entity_poly.nstd_linkage                   no 
_entity_poly.nstd_monomer                   yes 
_entity_poly.pdbx_seq_one_letter_code       
;GSHMELELSDYPWFHGTLSRVKAAQLVLAGGPRSHGLFVIRQSETRPGECVLTFNFQGKAKHLRLSLNGHGQCHVQHLWF
QSVFD(MSE)LRHFHTHPIPLESGGSADITLRSYVRAQ
;
_entity_poly.pdbx_seq_one_letter_code_can   
;GSHMELELSDYPWFHGTLSRVKAAQLVLAGGPRSHGLFVIRQSETRPGECVLTFNFQGKAKHLRLSLNGHGQCHVQHLWF
QSVFDMLRHFHTHPIPLESGGSADITLRSYVRAQ
;
_entity_poly.pdbx_strand_id                 A,B 
_entity_poly.pdbx_target_identifier         ? 
# 
loop_
_pdbx_entity_nonpoly.entity_id 
_pdbx_entity_nonpoly.name 
_pdbx_entity_nonpoly.comp_id 
2 'SULFATE ION' SO4 
3 water         HOH 
# 
loop_
_entity_poly_seq.entity_id 
_entity_poly_seq.num 
_entity_poly_seq.mon_id 
_entity_poly_seq.hetero 
1 1   GLY n 
1 2   SER n 
1 3   HIS n 
1 4   MET n 
1 5   GLU n 
1 6   LEU n 
1 7   GLU n 
1 8   LEU n 
1 9   SER n 
1 10  ASP n 
1 11  TYR n 
1 12  PRO n 
1 13  TRP n 
1 14  PHE n 
1 15  HIS n 
1 16  GLY n 
1 17  THR n 
1 18  LEU n 
1 19  SER n 
1 20  ARG n 
1 21  VAL n 
1 22  LYS n 
1 23  ALA n 
1 24  ALA n 
1 25  GLN n 
1 26  LEU n 
1 27  VAL n 
1 28  LEU n 
1 29  ALA n 
1 30  GLY n 
1 31  GLY n 
1 32  PRO n 
1 33  ARG n 
1 34  SER n 
1 35  HIS n 
1 36  GLY n 
1 37  LEU n 
1 38  PHE n 
1 39  VAL n 
1 40  ILE n 
1 41  ARG n 
1 42  GLN n 
1 43  SER n 
1 44  GLU n 
1 45  THR n 
1 46  ARG n 
1 47  PRO n 
1 48  GLY n 
1 49  GLU n 
1 50  CYS n 
1 51  VAL n 
1 52  LEU n 
1 53  THR n 
1 54  PHE n 
1 55  ASN n 
1 56  PHE n 
1 57  GLN n 
1 58  GLY n 
1 59  LYS n 
1 60  ALA n 
1 61  LYS n 
1 62  HIS n 
1 63  LEU n 
1 64  ARG n 
1 65  LEU n 
1 66  SER n 
1 67  LEU n 
1 68  ASN n 
1 69  GLY n 
1 70  HIS n 
1 71  GLY n 
1 72  GLN n 
1 73  CYS n 
1 74  HIS n 
1 75  VAL n 
1 76  GLN n 
1 77  HIS n 
1 78  LEU n 
1 79  TRP n 
1 80  PHE n 
1 81  GLN n 
1 82  SER n 
1 83  VAL n 
1 84  PHE n 
1 85  ASP n 
1 86  MSE n 
1 87  LEU n 
1 88  ARG n 
1 89  HIS n 
1 90  PHE n 
1 91  HIS n 
1 92  THR n 
1 93  HIS n 
1 94  PRO n 
1 95  ILE n 
1 96  PRO n 
1 97  LEU n 
1 98  GLU n 
1 99  SER n 
1 100 GLY n 
1 101 GLY n 
1 102 SER n 
1 103 ALA n 
1 104 ASP n 
1 105 ILE n 
1 106 THR n 
1 107 LEU n 
1 108 ARG n 
1 109 SER n 
1 110 TYR n 
1 111 VAL n 
1 112 ARG n 
1 113 ALA n 
1 114 GLN n 
# 
_entity_src_gen.entity_id                          1 
_entity_src_gen.pdbx_src_id                        1 
_entity_src_gen.pdbx_alt_source_flag               sample 
_entity_src_gen.pdbx_seq_type                      ? 
_entity_src_gen.pdbx_beg_seq_num                   ? 
_entity_src_gen.pdbx_end_seq_num                   ? 
_entity_src_gen.gene_src_common_name               'Norway rat' 
_entity_src_gen.gene_src_genus                     Rattus 
_entity_src_gen.pdbx_gene_src_gene                 ? 
_entity_src_gen.gene_src_species                   ? 
_entity_src_gen.gene_src_strain                    ? 
_entity_src_gen.gene_src_tissue                    ? 
_entity_src_gen.gene_src_tissue_fraction           ? 
_entity_src_gen.gene_src_details                   ? 
_entity_src_gen.pdbx_gene_src_fragment             ? 
_entity_src_gen.pdbx_gene_src_scientific_name      'Rattus norvegicus' 
_entity_src_gen.pdbx_gene_src_ncbi_taxonomy_id     10116 
_entity_src_gen.pdbx_gene_src_variant              ? 
_entity_src_gen.pdbx_gene_src_cell_line            ? 
_entity_src_gen.pdbx_gene_src_atcc                 ? 
_entity_src_gen.pdbx_gene_src_organ                ? 
_entity_src_gen.pdbx_gene_src_organelle            ? 
_entity_src_gen.pdbx_gene_src_cell                 ? 
_entity_src_gen.pdbx_gene_src_cellular_location    ? 
_entity_src_gen.host_org_common_name               ? 
_entity_src_gen.pdbx_host_org_scientific_name      'Escherichia coli' 
_entity_src_gen.pdbx_host_org_ncbi_taxonomy_id     562 
_entity_src_gen.host_org_genus                     Escherichia 
_entity_src_gen.pdbx_host_org_gene                 ? 
_entity_src_gen.pdbx_host_org_organ                ? 
_entity_src_gen.host_org_species                   ? 
_entity_src_gen.pdbx_host_org_tissue               ? 
_entity_src_gen.pdbx_host_org_tissue_fraction      ? 
_entity_src_gen.pdbx_host_org_strain               ? 
_entity_src_gen.pdbx_host_org_variant              ? 
_entity_src_gen.pdbx_host_org_cell_line            ? 
_entity_src_gen.pdbx_host_org_atcc                 ? 
_entity_src_gen.pdbx_host_org_culture_collection   ? 
_entity_src_gen.pdbx_host_org_cell                 ? 
_entity_src_gen.pdbx_host_org_organelle            ? 
_entity_src_gen.pdbx_host_org_cellular_location    ? 
_entity_src_gen.pdbx_host_org_vector_type          ? 
_entity_src_gen.pdbx_host_org_vector               ? 
_entity_src_gen.host_org_details                   ? 
_entity_src_gen.expression_system_id               ? 
_entity_src_gen.plasmid_name                       ? 
_entity_src_gen.plasmid_details                    ? 
_entity_src_gen.pdbx_description                   ? 
# 
loop_
_chem_comp.id 
_chem_comp.type 
_chem_comp.mon_nstd_flag 
_chem_comp.name 
_chem_comp.pdbx_synonyms 
_chem_comp.formula 
_chem_comp.formula_weight 
ALA 'L-peptide linking' y ALANINE          ? 'C3 H7 N O2'     89.093  
ARG 'L-peptide linking' y ARGININE         ? 'C6 H15 N4 O2 1' 175.209 
ASN 'L-peptide linking' y ASPARAGINE       ? 'C4 H8 N2 O3'    132.118 
ASP 'L-peptide linking' y 'ASPARTIC ACID'  ? 'C4 H7 N O4'     133.103 
CYS 'L-peptide linking' y CYSTEINE         ? 'C3 H7 N O2 S'   121.158 
GLN 'L-peptide linking' y GLUTAMINE        ? 'C5 H10 N2 O3'   146.144 
GLU 'L-peptide linking' y 'GLUTAMIC ACID'  ? 'C5 H9 N O4'     147.129 
GLY 'peptide linking'   y GLYCINE          ? 'C2 H5 N O2'     75.067  
HIS 'L-peptide linking' y HISTIDINE        ? 'C6 H10 N3 O2 1' 156.162 
HOH non-polymer         . WATER            ? 'H2 O'           18.015  
ILE 'L-peptide linking' y ISOLEUCINE       ? 'C6 H13 N O2'    131.173 
LEU 'L-peptide linking' y LEUCINE          ? 'C6 H13 N O2'    131.173 
LYS 'L-peptide linking' y LYSINE           ? 'C6 H15 N2 O2 1' 147.195 
MET 'L-peptide linking' y METHIONINE       ? 'C5 H11 N O2 S'  149.211 
MSE 'L-peptide linking' n SELENOMETHIONINE ? 'C5 H11 N O2 Se' 196.106 
PHE 'L-peptide linking' y PHENYLALANINE    ? 'C9 H11 N O2'    165.189 
PRO 'L-peptide linking' y PROLINE          ? 'C5 H9 N O2'     115.130 
SER 'L-peptide linking' y SERINE           ? 'C3 H7 N O3'     105.093 
SO4 non-polymer         . 'SULFATE ION'    ? 'O4 S -2'        96.063  
THR 'L-peptide linking' y THREONINE        ? 'C4 H9 N O3'     119.119 
TRP 'L-peptide linking' y TRYPTOPHAN       ? 'C11 H12 N2 O2'  204.225 
TYR 'L-peptide linking' y TYROSINE         ? 'C9 H11 N O3'    181.189 
VAL 'L-peptide linking' y VALINE           ? 'C5 H11 N O2'    117.146 
# 
loop_
_pdbx_poly_seq_scheme.asym_id 
_pdbx_poly_seq_scheme.entity_id 
_pdbx_poly_seq_scheme.seq_id 
_pdbx_poly_seq_scheme.mon_id 
_pdbx_poly_seq_scheme.ndb_seq_num 
_pdbx_poly_seq_scheme.pdb_seq_num 
_pdbx_poly_seq_scheme.auth_seq_num 
_pdbx_poly_seq_scheme.pdb_mon_id 
_pdbx_poly_seq_scheme.auth_mon_id 
_pdbx_poly_seq_scheme.pdb_strand_id 
_pdbx_poly_seq_scheme.pdb_ins_code 
_pdbx_poly_seq_scheme.hetero 
A 1 1   GLY 1   397 ?   ?   ?   A . n 
A 1 2   SER 2   398 ?   ?   ?   A . n 
A 1 3   HIS 3   399 ?   ?   ?   A . n 
A 1 4   MET 4   400 ?   ?   ?   A . n 
A 1 5   GLU 5   401 ?   ?   ?   A . n 
A 1 6   LEU 6   402 ?   ?   ?   A . n 
A 1 7   GLU 7   403 403 GLU GLU A . n 
A 1 8   LEU 8   404 404 LEU LEU A . n 
A 1 9   SER 9   405 405 SER SER A . n 
A 1 10  ASP 10  406 406 ASP ASP A . n 
A 1 11  TYR 11  407 407 TYR TYR A . n 
A 1 12  PRO 12  408 408 PRO PRO A . n 
A 1 13  TRP 13  409 409 TRP TRP A . n 
A 1 14  PHE 14  410 410 PHE PHE A . n 
A 1 15  HIS 15  411 411 HIS HIS A . n 
A 1 16  GLY 16  412 412 GLY GLY A . n 
A 1 17  THR 17  413 413 THR THR A . n 
A 1 18  LEU 18  414 414 LEU LEU A . n 
A 1 19  SER 19  415 415 SER SER A . n 
A 1 20  ARG 20  416 416 ARG ARG A . n 
A 1 21  VAL 21  417 417 VAL VAL A . n 
A 1 22  LYS 22  418 418 LYS LYS A . n 
A 1 23  ALA 23  419 419 ALA ALA A . n 
A 1 24  ALA 24  420 420 ALA ALA A . n 
A 1 25  GLN 25  421 421 GLN GLN A . n 
A 1 26  LEU 26  422 422 LEU LEU A . n 
A 1 27  VAL 27  423 423 VAL VAL A . n 
A 1 28  LEU 28  424 424 LEU LEU A . n 
A 1 29  ALA 29  425 425 ALA ALA A . n 
A 1 30  GLY 30  426 426 GLY GLY A . n 
A 1 31  GLY 31  427 427 GLY GLY A . n 
A 1 32  PRO 32  428 428 PRO PRO A . n 
A 1 33  ARG 33  429 429 ARG ARG A . n 
A 1 34  SER 34  430 430 SER SER A . n 
A 1 35  HIS 35  431 431 HIS HIS A . n 
A 1 36  GLY 36  432 432 GLY GLY A . n 
A 1 37  LEU 37  433 433 LEU LEU A . n 
A 1 38  PHE 38  434 434 PHE PHE A . n 
A 1 39  VAL 39  435 435 VAL VAL A . n 
A 1 40  ILE 40  436 436 ILE ILE A . n 
A 1 41  ARG 41  437 437 ARG ARG A . n 
A 1 42  GLN 42  438 438 GLN GLN A . n 
A 1 43  SER 43  439 439 SER SER A . n 
A 1 44  GLU 44  440 440 GLU GLU A . n 
A 1 45  THR 45  441 441 THR THR A . n 
A 1 46  ARG 46  442 442 ARG ARG A . n 
A 1 47  PRO 47  443 443 PRO PRO A . n 
A 1 48  GLY 48  444 444 GLY GLY A . n 
A 1 49  GLU 49  445 445 GLU GLU A . n 
A 1 50  CYS 50  446 446 CYS CYS A . n 
A 1 51  VAL 51  447 447 VAL VAL A . n 
A 1 52  LEU 52  448 448 LEU LEU A . n 
A 1 53  THR 53  449 449 THR THR A . n 
A 1 54  PHE 54  450 450 PHE PHE A . n 
A 1 55  ASN 55  451 451 ASN ASN A . n 
A 1 56  PHE 56  452 452 PHE PHE A . n 
A 1 57  GLN 57  453 453 GLN GLN A . n 
A 1 58  GLY 58  454 454 GLY GLY A . n 
A 1 59  LYS 59  455 455 LYS LYS A . n 
A 1 60  ALA 60  456 456 ALA ALA A . n 
A 1 61  LYS 61  457 457 LYS LYS A . n 
A 1 62  HIS 62  458 458 HIS HIS A . n 
A 1 63  LEU 63  459 459 LEU LEU A . n 
A 1 64  ARG 64  460 460 ARG ARG A . n 
A 1 65  LEU 65  461 461 LEU LEU A . n 
A 1 66  SER 66  462 ?   ?   ?   A . n 
A 1 67  LEU 67  463 ?   ?   ?   A . n 
A 1 68  ASN 68  464 ?   ?   ?   A . n 
A 1 69  GLY 69  465 ?   ?   ?   A . n 
A 1 70  HIS 70  466 466 HIS HIS A . n 
A 1 71  GLY 71  467 467 GLY GLY A . n 
A 1 72  GLN 72  468 468 GLN GLN A . n 
A 1 73  CYS 73  469 469 CYS CYS A . n 
A 1 74  HIS 74  470 470 HIS HIS A . n 
A 1 75  VAL 75  471 471 VAL VAL A . n 
A 1 76  GLN 76  472 472 GLN GLN A . n 
A 1 77  HIS 77  473 473 HIS HIS A . n 
A 1 78  LEU 78  474 474 LEU LEU A . n 
A 1 79  TRP 79  475 475 TRP TRP A . n 
A 1 80  PHE 80  476 476 PHE PHE A . n 
A 1 81  GLN 81  477 477 GLN GLN A . n 
A 1 82  SER 82  478 478 SER SER A . n 
A 1 83  VAL 83  479 479 VAL VAL A . n 
A 1 84  PHE 84  480 480 PHE PHE A . n 
A 1 85  ASP 85  481 481 ASP ASP A . n 
A 1 86  MSE 86  482 482 MSE MSE A . n 
A 1 87  LEU 87  483 483 LEU LEU A . n 
A 1 88  ARG 88  484 484 ARG ARG A . n 
A 1 89  HIS 89  485 485 HIS HIS A . n 
A 1 90  PHE 90  486 486 PHE PHE A . n 
A 1 91  HIS 91  487 487 HIS HIS A . n 
A 1 92  THR 92  488 488 THR THR A . n 
A 1 93  HIS 93  489 ?   ?   ?   A . n 
A 1 94  PRO 94  490 ?   ?   ?   A . n 
A 1 95  ILE 95  491 ?   ?   ?   A . n 
A 1 96  PRO 96  492 ?   ?   ?   A . n 
A 1 97  LEU 97  493 ?   ?   ?   A . n 
A 1 98  GLU 98  494 ?   ?   ?   A . n 
A 1 99  SER 99  495 ?   ?   ?   A . n 
A 1 100 GLY 100 496 ?   ?   ?   A . n 
A 1 101 GLY 101 497 ?   ?   ?   A . n 
A 1 102 SER 102 498 ?   ?   ?   A . n 
A 1 103 ALA 103 499 ?   ?   ?   A . n 
A 1 104 ASP 104 500 ?   ?   ?   A . n 
A 1 105 ILE 105 501 ?   ?   ?   A . n 
A 1 106 THR 106 502 ?   ?   ?   A . n 
A 1 107 LEU 107 503 ?   ?   ?   A . n 
A 1 108 ARG 108 504 ?   ?   ?   A . n 
A 1 109 SER 109 505 ?   ?   ?   A . n 
A 1 110 TYR 110 506 ?   ?   ?   A . n 
A 1 111 VAL 111 507 ?   ?   ?   A . n 
A 1 112 ARG 112 508 ?   ?   ?   A . n 
A 1 113 ALA 113 509 ?   ?   ?   A . n 
A 1 114 GLN 114 510 ?   ?   ?   A . n 
B 1 1   GLY 1   397 ?   ?   ?   B . n 
B 1 2   SER 2   398 ?   ?   ?   B . n 
B 1 3   HIS 3   399 ?   ?   ?   B . n 
B 1 4   MET 4   400 ?   ?   ?   B . n 
B 1 5   GLU 5   401 ?   ?   ?   B . n 
B 1 6   LEU 6   402 ?   ?   ?   B . n 
B 1 7   GLU 7   403 ?   ?   ?   B . n 
B 1 8   LEU 8   404 404 LEU LEU B . n 
B 1 9   SER 9   405 405 SER SER B . n 
B 1 10  ASP 10  406 406 ASP ASP B . n 
B 1 11  TYR 11  407 407 TYR TYR B . n 
B 1 12  PRO 12  408 408 PRO PRO B . n 
B 1 13  TRP 13  409 409 TRP TRP B . n 
B 1 14  PHE 14  410 410 PHE PHE B . n 
B 1 15  HIS 15  411 411 HIS HIS B . n 
B 1 16  GLY 16  412 412 GLY GLY B . n 
B 1 17  THR 17  413 413 THR THR B . n 
B 1 18  LEU 18  414 414 LEU LEU B . n 
B 1 19  SER 19  415 415 SER SER B . n 
B 1 20  ARG 20  416 416 ARG ARG B . n 
B 1 21  VAL 21  417 417 VAL VAL B . n 
B 1 22  LYS 22  418 418 LYS LYS B . n 
B 1 23  ALA 23  419 419 ALA ALA B . n 
B 1 24  ALA 24  420 420 ALA ALA B . n 
B 1 25  GLN 25  421 421 GLN GLN B . n 
B 1 26  LEU 26  422 422 LEU LEU B . n 
B 1 27  VAL 27  423 423 VAL VAL B . n 
B 1 28  LEU 28  424 424 LEU LEU B . n 
B 1 29  ALA 29  425 425 ALA ALA B . n 
B 1 30  GLY 30  426 426 GLY GLY B . n 
B 1 31  GLY 31  427 427 GLY GLY B . n 
B 1 32  PRO 32  428 428 PRO PRO B . n 
B 1 33  ARG 33  429 429 ARG ARG B . n 
B 1 34  SER 34  430 430 SER SER B . n 
B 1 35  HIS 35  431 431 HIS HIS B . n 
B 1 36  GLY 36  432 432 GLY GLY B . n 
B 1 37  LEU 37  433 433 LEU LEU B . n 
B 1 38  PHE 38  434 434 PHE PHE B . n 
B 1 39  VAL 39  435 435 VAL VAL B . n 
B 1 40  ILE 40  436 436 ILE ILE B . n 
B 1 41  ARG 41  437 437 ARG ARG B . n 
B 1 42  GLN 42  438 438 GLN GLN B . n 
B 1 43  SER 43  439 439 SER SER B . n 
B 1 44  GLU 44  440 440 GLU GLU B . n 
B 1 45  THR 45  441 441 THR THR B . n 
B 1 46  ARG 46  442 442 ARG ARG B . n 
B 1 47  PRO 47  443 443 PRO PRO B . n 
B 1 48  GLY 48  444 444 GLY GLY B . n 
B 1 49  GLU 49  445 445 GLU GLU B . n 
B 1 50  CYS 50  446 446 CYS CYS B . n 
B 1 51  VAL 51  447 447 VAL VAL B . n 
B 1 52  LEU 52  448 448 LEU LEU B . n 
B 1 53  THR 53  449 449 THR THR B . n 
B 1 54  PHE 54  450 450 PHE PHE B . n 
B 1 55  ASN 55  451 451 ASN ASN B . n 
B 1 56  PHE 56  452 452 PHE PHE B . n 
B 1 57  GLN 57  453 453 GLN GLN B . n 
B 1 58  GLY 58  454 454 GLY GLY B . n 
B 1 59  LYS 59  455 455 LYS LYS B . n 
B 1 60  ALA 60  456 456 ALA ALA B . n 
B 1 61  LYS 61  457 457 LYS LYS B . n 
B 1 62  HIS 62  458 458 HIS HIS B . n 
B 1 63  LEU 63  459 459 LEU LEU B . n 
B 1 64  ARG 64  460 460 ARG ARG B . n 
B 1 65  LEU 65  461 461 LEU LEU B . n 
B 1 66  SER 66  462 462 SER SER B . n 
B 1 67  LEU 67  463 ?   ?   ?   B . n 
B 1 68  ASN 68  464 ?   ?   ?   B . n 
B 1 69  GLY 69  465 ?   ?   ?   B . n 
B 1 70  HIS 70  466 ?   ?   ?   B . n 
B 1 71  GLY 71  467 467 GLY GLY B . n 
B 1 72  GLN 72  468 468 GLN GLN B . n 
B 1 73  CYS 73  469 469 CYS CYS B . n 
B 1 74  HIS 74  470 470 HIS HIS B . n 
B 1 75  VAL 75  471 471 VAL VAL B . n 
B 1 76  GLN 76  472 472 GLN GLN B . n 
B 1 77  HIS 77  473 473 HIS HIS B . n 
B 1 78  LEU 78  474 474 LEU LEU B . n 
B 1 79  TRP 79  475 475 TRP TRP B . n 
B 1 80  PHE 80  476 476 PHE PHE B . n 
B 1 81  GLN 81  477 477 GLN GLN B . n 
B 1 82  SER 82  478 478 SER SER B . n 
B 1 83  VAL 83  479 479 VAL VAL B . n 
B 1 84  PHE 84  480 480 PHE PHE B . n 
B 1 85  ASP 85  481 481 ASP ASP B . n 
B 1 86  MSE 86  482 482 MSE MSE B . n 
B 1 87  LEU 87  483 483 LEU LEU B . n 
B 1 88  ARG 88  484 484 ARG ARG B . n 
B 1 89  HIS 89  485 485 HIS HIS B . n 
B 1 90  PHE 90  486 486 PHE PHE B . n 
B 1 91  HIS 91  487 487 HIS HIS B . n 
B 1 92  THR 92  488 488 THR THR B . n 
B 1 93  HIS 93  489 489 HIS HIS B . n 
B 1 94  PRO 94  490 490 PRO PRO B . n 
B 1 95  ILE 95  491 491 ILE ILE B . n 
B 1 96  PRO 96  492 492 PRO PRO B . n 
B 1 97  LEU 97  493 493 LEU LEU B . n 
B 1 98  GLU 98  494 ?   ?   ?   B . n 
B 1 99  SER 99  495 ?   ?   ?   B . n 
B 1 100 GLY 100 496 ?   ?   ?   B . n 
B 1 101 GLY 101 497 ?   ?   ?   B . n 
B 1 102 SER 102 498 ?   ?   ?   B . n 
B 1 103 ALA 103 499 ?   ?   ?   B . n 
B 1 104 ASP 104 500 ?   ?   ?   B . n 
B 1 105 ILE 105 501 ?   ?   ?   B . n 
B 1 106 THR 106 502 ?   ?   ?   B . n 
B 1 107 LEU 107 503 ?   ?   ?   B . n 
B 1 108 ARG 108 504 ?   ?   ?   B . n 
B 1 109 SER 109 505 ?   ?   ?   B . n 
B 1 110 TYR 110 506 ?   ?   ?   B . n 
B 1 111 VAL 111 507 ?   ?   ?   B . n 
B 1 112 ARG 112 508 ?   ?   ?   B . n 
B 1 113 ALA 113 509 ?   ?   ?   B . n 
B 1 114 GLN 114 510 ?   ?   ?   B . n 
# 
loop_
_pdbx_nonpoly_scheme.asym_id 
_pdbx_nonpoly_scheme.entity_id 
_pdbx_nonpoly_scheme.mon_id 
_pdbx_nonpoly_scheme.ndb_seq_num 
_pdbx_nonpoly_scheme.pdb_seq_num 
_pdbx_nonpoly_scheme.auth_seq_num 
_pdbx_nonpoly_scheme.pdb_mon_id 
_pdbx_nonpoly_scheme.auth_mon_id 
_pdbx_nonpoly_scheme.pdb_strand_id 
_pdbx_nonpoly_scheme.pdb_ins_code 
C 2 SO4 1  102 102 SO4 SO4 A . 
D 2 SO4 1  101 101 SO4 SO4 B . 
E 3 HOH 1  1   1   HOH WAT A . 
E 3 HOH 2  3   3   HOH WAT A . 
E 3 HOH 3  4   4   HOH WAT A . 
E 3 HOH 4  5   5   HOH WAT A . 
E 3 HOH 5  6   6   HOH WAT A . 
E 3 HOH 6  7   7   HOH WAT A . 
E 3 HOH 7  8   8   HOH WAT A . 
E 3 HOH 8  9   9   HOH WAT A . 
E 3 HOH 9  12  12  HOH WAT A . 
E 3 HOH 10 13  13  HOH WAT A . 
E 3 HOH 11 14  14  HOH WAT A . 
E 3 HOH 12 16  16  HOH WAT A . 
E 3 HOH 13 17  17  HOH WAT A . 
E 3 HOH 14 20  20  HOH WAT A . 
E 3 HOH 15 21  21  HOH WAT A . 
E 3 HOH 16 22  22  HOH WAT A . 
E 3 HOH 17 23  23  HOH WAT A . 
E 3 HOH 18 25  25  HOH WAT A . 
E 3 HOH 19 28  28  HOH WAT A . 
E 3 HOH 20 29  29  HOH WAT A . 
F 3 HOH 1  2   2   HOH WAT B . 
F 3 HOH 2  10  10  HOH WAT B . 
F 3 HOH 3  11  11  HOH WAT B . 
F 3 HOH 4  15  15  HOH WAT B . 
F 3 HOH 5  18  18  HOH WAT B . 
F 3 HOH 6  19  19  HOH WAT B . 
F 3 HOH 7  24  24  HOH WAT B . 
F 3 HOH 8  26  26  HOH WAT B . 
F 3 HOH 9  27  27  HOH WAT B . 
F 3 HOH 10 30  30  HOH WAT B . 
# 
loop_
_pdbx_unobs_or_zero_occ_atoms.id 
_pdbx_unobs_or_zero_occ_atoms.PDB_model_num 
_pdbx_unobs_or_zero_occ_atoms.polymer_flag 
_pdbx_unobs_or_zero_occ_atoms.occupancy_flag 
_pdbx_unobs_or_zero_occ_atoms.auth_asym_id 
_pdbx_unobs_or_zero_occ_atoms.auth_comp_id 
_pdbx_unobs_or_zero_occ_atoms.auth_seq_id 
_pdbx_unobs_or_zero_occ_atoms.PDB_ins_code 
_pdbx_unobs_or_zero_occ_atoms.auth_atom_id 
_pdbx_unobs_or_zero_occ_atoms.label_alt_id 
_pdbx_unobs_or_zero_occ_atoms.label_asym_id 
_pdbx_unobs_or_zero_occ_atoms.label_comp_id 
_pdbx_unobs_or_zero_occ_atoms.label_seq_id 
_pdbx_unobs_or_zero_occ_atoms.label_atom_id 
1  1 Y 1 A ARG 460 ? CG  ? A ARG 64 CG  
2  1 Y 1 A ARG 460 ? CD  ? A ARG 64 CD  
3  1 Y 1 A ARG 460 ? NE  ? A ARG 64 NE  
4  1 Y 1 A ARG 460 ? CZ  ? A ARG 64 CZ  
5  1 Y 1 A ARG 460 ? NH1 ? A ARG 64 NH1 
6  1 Y 1 A ARG 460 ? NH2 ? A ARG 64 NH2 
7  1 Y 1 A HIS 466 ? CG  ? A HIS 70 CG  
8  1 Y 1 A HIS 466 ? ND1 ? A HIS 70 ND1 
9  1 Y 1 A HIS 466 ? CD2 ? A HIS 70 CD2 
10 1 Y 1 A HIS 466 ? CE1 ? A HIS 70 CE1 
11 1 Y 1 A HIS 466 ? NE2 ? A HIS 70 NE2 
# 
loop_
_software.name 
_software.classification 
_software.version 
_software.citation_id 
_software.pdbx_ordinal 
DENZO     'data reduction' . ? 1 
SCALEPACK 'data scaling'   . ? 2 
SOLVE     phasing          . ? 3 
RESOLVE   'model building' . ? 4 
CNS       refinement       . ? 5 
RESOLVE   phasing          . ? 6 
# 
_cell.entry_id           1RPY 
_cell.length_a           78.378 
_cell.length_b           78.378 
_cell.length_c           67.330 
_cell.angle_alpha        90.00 
_cell.angle_beta         90.00 
_cell.angle_gamma        120.00 
_cell.pdbx_unique_axis   ? 
_cell.Z_PDB              12 
# 
_symmetry.entry_id                         1RPY 
_symmetry.space_group_name_H-M             'P 31 2 1' 
_symmetry.pdbx_full_space_group_name_H-M   ? 
_symmetry.Int_Tables_number                152 
_symmetry.cell_setting                     ? 
# 
_exptl.entry_id          1RPY 
_exptl.method            'X-RAY DIFFRACTION' 
_exptl.crystals_number   1 
# 
_exptl_crystal.id                    1 
_exptl_crystal.density_meas          ? 
_exptl_crystal.density_Matthews      2.31 
_exptl_crystal.density_percent_sol   51 
_exptl_crystal.description           ? 
# 
_exptl_crystal_grow.crystal_id      1 
_exptl_crystal_grow.method          ? 
_exptl_crystal_grow.temp            ? 
_exptl_crystal_grow.temp_details    ? 
_exptl_crystal_grow.pH              7.50 
_exptl_crystal_grow.pdbx_details    'Ammonium sulfate/tris, pH 7.5, pH 7.50' 
_exptl_crystal_grow.pdbx_pH_range   . 
# 
_diffrn.id                     1 
_diffrn.ambient_temp           90.0 
_diffrn.ambient_temp_details   ? 
_diffrn.crystal_id             1 
# 
_diffrn_detector.diffrn_id              1 
_diffrn_detector.detector               ? 
_diffrn_detector.type                   ? 
_diffrn_detector.pdbx_collection_date   2002-07-18 
_diffrn_detector.details                ? 
# 
_diffrn_radiation.diffrn_id                        1 
_diffrn_radiation.wavelength_id                    1 
_diffrn_radiation.pdbx_monochromatic_or_laue_m_l   M 
_diffrn_radiation.monochromator                    ? 
_diffrn_radiation.pdbx_diffrn_protocol             MAD 
_diffrn_radiation.pdbx_scattering_type             x-ray 
# 
_diffrn_radiation_wavelength.id           1 
_diffrn_radiation_wavelength.wavelength   0.9789 
_diffrn_radiation_wavelength.wt           1.0 
# 
_diffrn_source.diffrn_id                   1 
_diffrn_source.source                      SYNCHROTRON 
_diffrn_source.type                        'NSLS BEAMLINE X4A' 
_diffrn_source.pdbx_synchrotron_site       NSLS 
_diffrn_source.pdbx_synchrotron_beamline   X4A 
_diffrn_source.pdbx_wavelength             0.9789 
_diffrn_source.pdbx_wavelength_list        ? 
# 
_reflns.entry_id                     1RPY 
_reflns.observed_criterion_sigma_I   0.000 
_reflns.observed_criterion_sigma_F   ? 
_reflns.d_resolution_low             30.000 
_reflns.d_resolution_high            2.300 
_reflns.number_obs                   10560 
_reflns.number_all                   ? 
_reflns.percent_possible_obs         96.2 
_reflns.pdbx_Rmerge_I_obs            ? 
_reflns.pdbx_Rsym_value              0.05 
_reflns.pdbx_netI_over_sigmaI        19.8000 
_reflns.B_iso_Wilson_estimate        ? 
_reflns.pdbx_redundancy              7.200 
_reflns.R_free_details               ? 
_reflns.limit_h_max                  ? 
_reflns.limit_h_min                  ? 
_reflns.limit_k_max                  ? 
_reflns.limit_k_min                  ? 
_reflns.limit_l_max                  ? 
_reflns.limit_l_min                  ? 
_reflns.observed_criterion_F_max     ? 
_reflns.observed_criterion_F_min     ? 
_reflns.pdbx_diffrn_id               1 
_reflns.pdbx_ordinal                 1 
# 
_reflns_shell.d_res_high             2.30 
_reflns_shell.d_res_low              2.38 
_reflns_shell.percent_possible_all   96.6 
_reflns_shell.Rmerge_I_obs           ? 
_reflns_shell.pdbx_Rsym_value        0.199 
_reflns_shell.meanI_over_sigI_obs    ? 
_reflns_shell.pdbx_redundancy        ? 
_reflns_shell.percent_possible_obs   ? 
_reflns_shell.number_unique_all      ? 
_reflns_shell.pdbx_diffrn_id         ? 
_reflns_shell.pdbx_ordinal           1 
# 
_refine.entry_id                                 1RPY 
_refine.ls_number_reflns_obs                     10288 
_refine.ls_number_reflns_all                     10934 
_refine.pdbx_ls_sigma_I                          ? 
_refine.pdbx_ls_sigma_F                          0.000 
_refine.pdbx_data_cutoff_high_absF               ? 
_refine.pdbx_data_cutoff_low_absF                ? 
_refine.pdbx_data_cutoff_high_rms_absF           ? 
_refine.ls_d_res_low                             30.00 
_refine.ls_d_res_high                            2.30 
_refine.ls_percent_reflns_obs                    94.1 
_refine.ls_R_factor_obs                          0.228 
_refine.ls_R_factor_all                          ? 
_refine.ls_R_factor_R_work                       0.228 
_refine.ls_R_factor_R_free                       0.27 
_refine.ls_R_factor_R_free_error                 ? 
_refine.ls_R_factor_R_free_error_details         ? 
_refine.ls_percent_reflns_R_free                 5 
_refine.ls_number_reflns_R_free                  542 
_refine.ls_number_parameters                     ? 
_refine.ls_number_restraints                     ? 
_refine.occupancy_min                            ? 
_refine.occupancy_max                            ? 
_refine.correlation_coeff_Fo_to_Fc               ? 
_refine.correlation_coeff_Fo_to_Fc_free          ? 
_refine.B_iso_mean                               ? 
_refine.aniso_B[1][1]                            -5.40000 
_refine.aniso_B[2][2]                            -5.40000 
_refine.aniso_B[3][3]                            10.80000 
_refine.aniso_B[1][2]                            -2.40000 
_refine.aniso_B[1][3]                            0.00000 
_refine.aniso_B[2][3]                            0.00000 
_refine.solvent_model_details                    ? 
_refine.solvent_model_param_ksol                 ? 
_refine.solvent_model_param_bsol                 ? 
_refine.pdbx_solvent_vdw_probe_radii             ? 
_refine.pdbx_solvent_ion_probe_radii             ? 
_refine.pdbx_solvent_shrinkage_radii             ? 
_refine.pdbx_ls_cross_valid_method               THROUGHOUT 
_refine.details                                  ? 
_refine.pdbx_starting_model                      ? 
_refine.pdbx_method_to_determine_struct          MAD 
_refine.pdbx_isotropic_thermal_model             ? 
_refine.pdbx_stereochemistry_target_values       'ENGH & HUBER' 
_refine.pdbx_stereochem_target_val_spec_case     ? 
_refine.pdbx_R_Free_selection_details            RANDOM 
_refine.pdbx_overall_ESU_R                       ? 
_refine.pdbx_overall_ESU_R_Free                  ? 
_refine.overall_SU_ML                            ? 
_refine.overall_SU_B                             ? 
_refine.ls_redundancy_reflns_obs                 ? 
_refine.B_iso_min                                ? 
_refine.B_iso_max                                ? 
_refine.overall_SU_R_Cruickshank_DPI             ? 
_refine.overall_SU_R_free                        ? 
_refine.pdbx_refine_id                           'X-RAY DIFFRACTION' 
_refine.pdbx_diffrn_id                           1 
_refine.pdbx_TLS_residual_ADP_flag               ? 
_refine.pdbx_overall_phase_error                 ? 
_refine.pdbx_overall_SU_R_free_Cruickshank_DPI   ? 
_refine.pdbx_overall_SU_R_Blow_DPI               ? 
_refine.pdbx_overall_SU_R_free_Blow_DPI          ? 
# 
_refine_hist.pdbx_refine_id                   'X-RAY DIFFRACTION' 
_refine_hist.cycle_id                         LAST 
_refine_hist.pdbx_number_atoms_protein        1360 
_refine_hist.pdbx_number_atoms_nucleic_acid   0 
_refine_hist.pdbx_number_atoms_ligand         10 
_refine_hist.number_atoms_solvent             30 
_refine_hist.number_atoms_total               1400 
_refine_hist.d_res_high                       2.30 
_refine_hist.d_res_low                        30.00 
# 
loop_
_refine_ls_restr.type 
_refine_ls_restr.dev_ideal 
_refine_ls_restr.dev_ideal_target 
_refine_ls_restr.weight 
_refine_ls_restr.number 
_refine_ls_restr.pdbx_refine_id 
_refine_ls_restr.pdbx_restraint_function 
c_bond_d                0.006 ?     ? ? 'X-RAY DIFFRACTION' ? 
c_bond_d_na             ?     ?     ? ? 'X-RAY DIFFRACTION' ? 
c_bond_d_prot           ?     ?     ? ? 'X-RAY DIFFRACTION' ? 
c_angle_d               ?     ?     ? ? 'X-RAY DIFFRACTION' ? 
c_angle_d_na            ?     ?     ? ? 'X-RAY DIFFRACTION' ? 
c_angle_d_prot          ?     ?     ? ? 'X-RAY DIFFRACTION' ? 
c_angle_deg             1.30  ?     ? ? 'X-RAY DIFFRACTION' ? 
c_angle_deg_na          ?     ?     ? ? 'X-RAY DIFFRACTION' ? 
c_angle_deg_prot        ?     ?     ? ? 'X-RAY DIFFRACTION' ? 
c_dihedral_angle_d      ?     ?     ? ? 'X-RAY DIFFRACTION' ? 
c_dihedral_angle_d_na   ?     ?     ? ? 'X-RAY DIFFRACTION' ? 
c_dihedral_angle_d_prot ?     ?     ? ? 'X-RAY DIFFRACTION' ? 
c_improper_angle_d      0.70  ?     ? ? 'X-RAY DIFFRACTION' ? 
c_improper_angle_d_na   ?     ?     ? ? 'X-RAY DIFFRACTION' ? 
c_improper_angle_d_prot ?     ?     ? ? 'X-RAY DIFFRACTION' ? 
c_mcbond_it             1.200 1.500 ? ? 'X-RAY DIFFRACTION' ? 
c_mcangle_it            2.100 2.000 ? ? 'X-RAY DIFFRACTION' ? 
c_scbond_it             1.700 2.000 ? ? 'X-RAY DIFFRACTION' ? 
c_scangle_it            2.700 2.500 ? ? 'X-RAY DIFFRACTION' ? 
# 
_struct.entry_id                  1RPY 
_struct.title                     'CRYSTAL STRUCTURE OF THE DIMERIC SH2 DOMAIN OF APS' 
_struct.pdbx_model_details        ? 
_struct.pdbx_CASP_flag            ? 
_struct.pdbx_model_type_details   ? 
# 
_struct_keywords.entry_id        1RPY 
_struct_keywords.pdbx_keywords   'SIGNALING PROTEIN' 
_struct_keywords.text            'ADAPTER PROTEIN, SH2 DOMAIN, SIGNALING PROTEIN' 
# 
loop_
_struct_asym.id 
_struct_asym.pdbx_blank_PDB_chainid_flag 
_struct_asym.pdbx_modified 
_struct_asym.entity_id 
_struct_asym.details 
A N N 1 ? 
B N N 1 ? 
C N N 2 ? 
D N N 2 ? 
E N N 3 ? 
F N N 3 ? 
# 
_struct_ref.id                         1 
_struct_ref.db_name                    UNP 
_struct_ref.db_code                    APS_RAT 
_struct_ref.pdbx_db_accession          Q9Z200 
_struct_ref.entity_id                  1 
_struct_ref.pdbx_seq_one_letter_code   
;ELELSDYPWFHGTLSRVKAAQLVLAGGPRSHGLFVIRQSETRPGECVLTFNFQGKAKHLRLSLNGHGQCHVQHLWFQSVF
DMLRHFHTHPIPLESGGSADITLRSYVRAQ
;
_struct_ref.pdbx_align_begin           401 
_struct_ref.pdbx_db_isoform            ? 
# 
loop_
_struct_ref_seq.align_id 
_struct_ref_seq.ref_id 
_struct_ref_seq.pdbx_PDB_id_code 
_struct_ref_seq.pdbx_strand_id 
_struct_ref_seq.seq_align_beg 
_struct_ref_seq.pdbx_seq_align_beg_ins_code 
_struct_ref_seq.seq_align_end 
_struct_ref_seq.pdbx_seq_align_end_ins_code 
_struct_ref_seq.pdbx_db_accession 
_struct_ref_seq.db_align_beg 
_struct_ref_seq.pdbx_db_align_beg_ins_code 
_struct_ref_seq.db_align_end 
_struct_ref_seq.pdbx_db_align_end_ins_code 
_struct_ref_seq.pdbx_auth_seq_align_beg 
_struct_ref_seq.pdbx_auth_seq_align_end 
1 1 1RPY A 5 ? 114 ? Q9Z200 401 ? 510 ? 401 510 
2 1 1RPY B 5 ? 114 ? Q9Z200 401 ? 510 ? 401 510 
# 
loop_
_struct_ref_seq_dif.align_id 
_struct_ref_seq_dif.pdbx_pdb_id_code 
_struct_ref_seq_dif.mon_id 
_struct_ref_seq_dif.pdbx_pdb_strand_id 
_struct_ref_seq_dif.seq_num 
_struct_ref_seq_dif.pdbx_pdb_ins_code 
_struct_ref_seq_dif.pdbx_seq_db_name 
_struct_ref_seq_dif.pdbx_seq_db_accession_code 
_struct_ref_seq_dif.db_mon_id 
_struct_ref_seq_dif.pdbx_seq_db_seq_num 
_struct_ref_seq_dif.details 
_struct_ref_seq_dif.pdbx_auth_seq_num 
_struct_ref_seq_dif.pdbx_ordinal 
1 1RPY GLY A 1  ? UNP Q9Z200 ?   ?   'cloning artifact' 397 1  
1 1RPY SER A 2  ? UNP Q9Z200 ?   ?   'cloning artifact' 398 2  
1 1RPY HIS A 3  ? UNP Q9Z200 ?   ?   'cloning artifact' 399 3  
1 1RPY MET A 4  ? UNP Q9Z200 ?   ?   'cloning artifact' 400 4  
1 1RPY MSE A 86 ? UNP Q9Z200 MET 482 'modified residue' 482 5  
2 1RPY GLY B 1  ? UNP Q9Z200 ?   ?   'cloning artifact' 397 6  
2 1RPY SER B 2  ? UNP Q9Z200 ?   ?   'cloning artifact' 398 7  
2 1RPY HIS B 3  ? UNP Q9Z200 ?   ?   'cloning artifact' 399 8  
2 1RPY MET B 4  ? UNP Q9Z200 ?   ?   'cloning artifact' 400 9  
2 1RPY MSE B 86 ? UNP Q9Z200 MET 482 'modified residue' 482 10 
# 
loop_
_pdbx_struct_assembly.id 
_pdbx_struct_assembly.details 
_pdbx_struct_assembly.method_details 
_pdbx_struct_assembly.oligomeric_details 
_pdbx_struct_assembly.oligomeric_count 
1 author_and_software_defined_assembly PISA dimeric    2 
2 software_defined_assembly            PISA tetrameric 4 
# 
loop_
_pdbx_struct_assembly_prop.biol_id 
_pdbx_struct_assembly_prop.type 
_pdbx_struct_assembly_prop.value 
_pdbx_struct_assembly_prop.details 
1 'ABSA (A^2)' 2850  ? 
1 MORE         -63   ? 
1 'SSA (A^2)'  9580  ? 
2 'ABSA (A^2)' 7880  ? 
2 MORE         -141  ? 
2 'SSA (A^2)'  16980 ? 
# 
loop_
_pdbx_struct_assembly_gen.assembly_id 
_pdbx_struct_assembly_gen.oper_expression 
_pdbx_struct_assembly_gen.asym_id_list 
1 1   A,B,C,D,E,F 
2 1,2 A,B,C,D,E,F 
# 
loop_
_pdbx_struct_oper_list.id 
_pdbx_struct_oper_list.type 
_pdbx_struct_oper_list.name 
_pdbx_struct_oper_list.symmetry_operation 
_pdbx_struct_oper_list.matrix[1][1] 
_pdbx_struct_oper_list.matrix[1][2] 
_pdbx_struct_oper_list.matrix[1][3] 
_pdbx_struct_oper_list.vector[1] 
_pdbx_struct_oper_list.matrix[2][1] 
_pdbx_struct_oper_list.matrix[2][2] 
_pdbx_struct_oper_list.matrix[2][3] 
_pdbx_struct_oper_list.vector[2] 
_pdbx_struct_oper_list.matrix[3][1] 
_pdbx_struct_oper_list.matrix[3][2] 
_pdbx_struct_oper_list.matrix[3][3] 
_pdbx_struct_oper_list.vector[3] 
1 'identity operation'         1_555 x,y,z         1.0000000000  0.0000000000 0.0000000000 0.0000000000 0.0000000000 1.0000000000  0.0000000000 0.0000000000   0.0000000000 0.0000000000 1.0000000000 0.0000000000 
2 'crystal symmetry operation' 5_554 x-y,-y,-z-1/3 -0.4387844663 0.1263969577 0.8896583621 5.1048377617 0.1263969577 -0.9715328783 0.2003688487 -32.6273238760 0.8896583621 0.2003688487 0.4103173446 1.4152401420 
# 
_struct_biol.id                    1 
_struct_biol.pdbx_parent_biol_id   ? 
_struct_biol.details               ? 
# 
loop_
_struct_conf.conf_type_id 
_struct_conf.id 
_struct_conf.pdbx_PDB_helix_id 
_struct_conf.beg_label_comp_id 
_struct_conf.beg_label_asym_id 
_struct_conf.beg_label_seq_id 
_struct_conf.pdbx_beg_PDB_ins_code 
_struct_conf.end_label_comp_id 
_struct_conf.end_label_asym_id 
_struct_conf.end_label_seq_id 
_struct_conf.pdbx_end_PDB_ins_code 
_struct_conf.beg_auth_comp_id 
_struct_conf.beg_auth_asym_id 
_struct_conf.beg_auth_seq_id 
_struct_conf.end_auth_comp_id 
_struct_conf.end_auth_asym_id 
_struct_conf.end_auth_seq_id 
_struct_conf.pdbx_PDB_helix_class 
_struct_conf.details 
_struct_conf.pdbx_PDB_helix_length 
HELX_P HELX_P1 1 GLU A 7  ? TYR A 11 ? GLU A 403 TYR A 407 5 ? 5  
HELX_P HELX_P2 2 SER A 19 ? ALA A 29 ? SER A 415 ALA A 425 1 ? 11 
HELX_P HELX_P3 3 GLY A 30 ? HIS A 35 ? GLY A 426 HIS A 431 5 ? 6  
HELX_P HELX_P4 4 GLN A 72 ? HIS A 91 ? GLN A 468 HIS A 487 1 ? 20 
HELX_P HELX_P5 5 SER B 19 ? ALA B 29 ? SER B 415 ALA B 425 1 ? 11 
HELX_P HELX_P6 6 GLY B 30 ? HIS B 35 ? GLY B 426 HIS B 431 5 ? 6  
HELX_P HELX_P7 7 GLN B 72 ? HIS B 91 ? GLN B 468 HIS B 487 1 ? 20 
# 
_struct_conf_type.id          HELX_P 
_struct_conf_type.criteria    ? 
_struct_conf_type.reference   ? 
# 
loop_
_struct_conn.id 
_struct_conn.conn_type_id 
_struct_conn.pdbx_leaving_atom_flag 
_struct_conn.pdbx_PDB_id 
_struct_conn.ptnr1_label_asym_id 
_struct_conn.ptnr1_label_comp_id 
_struct_conn.ptnr1_label_seq_id 
_struct_conn.ptnr1_label_atom_id 
_struct_conn.pdbx_ptnr1_label_alt_id 
_struct_conn.pdbx_ptnr1_PDB_ins_code 
_struct_conn.pdbx_ptnr1_standard_comp_id 
_struct_conn.ptnr1_symmetry 
_struct_conn.ptnr2_label_asym_id 
_struct_conn.ptnr2_label_comp_id 
_struct_conn.ptnr2_label_seq_id 
_struct_conn.ptnr2_label_atom_id 
_struct_conn.pdbx_ptnr2_label_alt_id 
_struct_conn.pdbx_ptnr2_PDB_ins_code 
_struct_conn.ptnr1_auth_asym_id 
_struct_conn.ptnr1_auth_comp_id 
_struct_conn.ptnr1_auth_seq_id 
_struct_conn.ptnr2_auth_asym_id 
_struct_conn.ptnr2_auth_comp_id 
_struct_conn.ptnr2_auth_seq_id 
_struct_conn.ptnr2_symmetry 
_struct_conn.pdbx_ptnr3_label_atom_id 
_struct_conn.pdbx_ptnr3_label_seq_id 
_struct_conn.pdbx_ptnr3_label_comp_id 
_struct_conn.pdbx_ptnr3_label_asym_id 
_struct_conn.pdbx_ptnr3_label_alt_id 
_struct_conn.pdbx_ptnr3_PDB_ins_code 
_struct_conn.details 
_struct_conn.pdbx_dist_value 
_struct_conn.pdbx_value_order 
_struct_conn.pdbx_role 
covale1 covale both ? A ASP 85 C ? ? ? 1_555 A MSE 86 N ? ? A ASP 481 A MSE 482 1_555 ? ? ? ? ? ? ? 1.333 ? ? 
covale2 covale both ? A MSE 86 C ? ? ? 1_555 A LEU 87 N ? ? A MSE 482 A LEU 483 1_555 ? ? ? ? ? ? ? 1.331 ? ? 
covale3 covale both ? B ASP 85 C ? ? ? 1_555 B MSE 86 N ? ? B ASP 481 B MSE 482 1_555 ? ? ? ? ? ? ? 1.326 ? ? 
covale4 covale both ? B MSE 86 C ? ? ? 1_555 B LEU 87 N ? ? B MSE 482 B LEU 483 1_555 ? ? ? ? ? ? ? 1.330 ? ? 
# 
_struct_conn_type.id          covale 
_struct_conn_type.criteria    ? 
_struct_conn_type.reference   ? 
# 
loop_
_pdbx_modification_feature.ordinal 
_pdbx_modification_feature.label_comp_id 
_pdbx_modification_feature.label_asym_id 
_pdbx_modification_feature.label_seq_id 
_pdbx_modification_feature.label_alt_id 
_pdbx_modification_feature.modified_residue_label_comp_id 
_pdbx_modification_feature.modified_residue_label_asym_id 
_pdbx_modification_feature.modified_residue_label_seq_id 
_pdbx_modification_feature.modified_residue_label_alt_id 
_pdbx_modification_feature.auth_comp_id 
_pdbx_modification_feature.auth_asym_id 
_pdbx_modification_feature.auth_seq_id 
_pdbx_modification_feature.PDB_ins_code 
_pdbx_modification_feature.symmetry 
_pdbx_modification_feature.modified_residue_auth_comp_id 
_pdbx_modification_feature.modified_residue_auth_asym_id 
_pdbx_modification_feature.modified_residue_auth_seq_id 
_pdbx_modification_feature.modified_residue_PDB_ins_code 
_pdbx_modification_feature.modified_residue_symmetry 
_pdbx_modification_feature.comp_id_linking_atom 
_pdbx_modification_feature.modified_residue_id_linking_atom 
_pdbx_modification_feature.modified_residue_id 
_pdbx_modification_feature.ref_pcm_id 
_pdbx_modification_feature.ref_comp_id 
_pdbx_modification_feature.type 
_pdbx_modification_feature.category 
1 MSE A 86 ? . . . . MSE A 482 ? 1_555 . . . . . . . MET 1 MSE Selenomethionine 'Named protein modification' 
2 MSE B 86 ? . . . . MSE B 482 ? 1_555 . . . . . . . MET 1 MSE Selenomethionine 'Named protein modification' 
# 
loop_
_struct_sheet.id 
_struct_sheet.type 
_struct_sheet.number_strands 
_struct_sheet.details 
A ? 3 ? 
B ? 3 ? 
# 
loop_
_struct_sheet_order.sheet_id 
_struct_sheet_order.range_id_1 
_struct_sheet_order.range_id_2 
_struct_sheet_order.offset 
_struct_sheet_order.sense 
A 1 2 ? anti-parallel 
A 2 3 ? anti-parallel 
B 1 2 ? anti-parallel 
B 2 3 ? anti-parallel 
# 
loop_
_struct_sheet_range.sheet_id 
_struct_sheet_range.id 
_struct_sheet_range.beg_label_comp_id 
_struct_sheet_range.beg_label_asym_id 
_struct_sheet_range.beg_label_seq_id 
_struct_sheet_range.pdbx_beg_PDB_ins_code 
_struct_sheet_range.end_label_comp_id 
_struct_sheet_range.end_label_asym_id 
_struct_sheet_range.end_label_seq_id 
_struct_sheet_range.pdbx_end_PDB_ins_code 
_struct_sheet_range.beg_auth_comp_id 
_struct_sheet_range.beg_auth_asym_id 
_struct_sheet_range.beg_auth_seq_id 
_struct_sheet_range.end_auth_comp_id 
_struct_sheet_range.end_auth_asym_id 
_struct_sheet_range.end_auth_seq_id 
A 1 PHE A 38 ? GLN A 42 ? PHE A 434 GLN A 438 
A 2 CYS A 50 ? PHE A 56 ? CYS A 446 PHE A 452 
A 3 LYS A 59 ? ARG A 64 ? LYS A 455 ARG A 460 
B 1 PHE B 38 ? GLN B 42 ? PHE B 434 GLN B 438 
B 2 CYS B 50 ? PHE B 56 ? CYS B 446 PHE B 452 
B 3 LYS B 59 ? LEU B 65 ? LYS B 455 LEU B 461 
# 
loop_
_pdbx_struct_sheet_hbond.sheet_id 
_pdbx_struct_sheet_hbond.range_id_1 
_pdbx_struct_sheet_hbond.range_id_2 
_pdbx_struct_sheet_hbond.range_1_label_atom_id 
_pdbx_struct_sheet_hbond.range_1_label_comp_id 
_pdbx_struct_sheet_hbond.range_1_label_asym_id 
_pdbx_struct_sheet_hbond.range_1_label_seq_id 
_pdbx_struct_sheet_hbond.range_1_PDB_ins_code 
_pdbx_struct_sheet_hbond.range_1_auth_atom_id 
_pdbx_struct_sheet_hbond.range_1_auth_comp_id 
_pdbx_struct_sheet_hbond.range_1_auth_asym_id 
_pdbx_struct_sheet_hbond.range_1_auth_seq_id 
_pdbx_struct_sheet_hbond.range_2_label_atom_id 
_pdbx_struct_sheet_hbond.range_2_label_comp_id 
_pdbx_struct_sheet_hbond.range_2_label_asym_id 
_pdbx_struct_sheet_hbond.range_2_label_seq_id 
_pdbx_struct_sheet_hbond.range_2_PDB_ins_code 
_pdbx_struct_sheet_hbond.range_2_auth_atom_id 
_pdbx_struct_sheet_hbond.range_2_auth_comp_id 
_pdbx_struct_sheet_hbond.range_2_auth_asym_id 
_pdbx_struct_sheet_hbond.range_2_auth_seq_id 
A 1 2 N ARG A 41 ? N ARG A 437 O VAL A 51 ? O VAL A 447 
A 2 3 N LEU A 52 ? N LEU A 448 O LEU A 63 ? O LEU A 459 
B 1 2 N ARG B 41 ? N ARG B 437 O VAL B 51 ? O VAL B 447 
B 2 3 N LEU B 52 ? N LEU B 448 O LEU B 63 ? O LEU B 459 
# 
loop_
_struct_site.id 
_struct_site.pdbx_evidence_code 
_struct_site.pdbx_auth_asym_id 
_struct_site.pdbx_auth_comp_id 
_struct_site.pdbx_auth_seq_id 
_struct_site.pdbx_auth_ins_code 
_struct_site.pdbx_num_residues 
_struct_site.details 
AC1 Software B SO4 101 ? 5 'BINDING SITE FOR RESIDUE SO4 B 101' 
AC2 Software A SO4 102 ? 6 'BINDING SITE FOR RESIDUE SO4 A 102' 
# 
loop_
_struct_site_gen.id 
_struct_site_gen.site_id 
_struct_site_gen.pdbx_num_res 
_struct_site_gen.label_comp_id 
_struct_site_gen.label_asym_id 
_struct_site_gen.label_seq_id 
_struct_site_gen.pdbx_auth_ins_code 
_struct_site_gen.auth_comp_id 
_struct_site_gen.auth_asym_id 
_struct_site_gen.auth_seq_id 
_struct_site_gen.label_atom_id 
_struct_site_gen.label_alt_id 
_struct_site_gen.symmetry 
_struct_site_gen.details 
1  AC1 5 ARG B 20 ? ARG B 416 . ? 1_555 ? 
2  AC1 5 ARG B 41 ? ARG B 437 . ? 1_555 ? 
3  AC1 5 SER B 43 ? SER B 439 . ? 1_555 ? 
4  AC1 5 GLU B 44 ? GLU B 440 . ? 1_555 ? 
5  AC1 5 THR B 45 ? THR B 441 . ? 1_555 ? 
6  AC2 6 HOH E .  ? HOH A 22  . ? 1_555 ? 
7  AC2 6 ARG A 20 ? ARG A 416 . ? 1_555 ? 
8  AC2 6 ARG A 41 ? ARG A 437 . ? 1_555 ? 
9  AC2 6 SER A 43 ? SER A 439 . ? 1_555 ? 
10 AC2 6 GLU A 44 ? GLU A 440 . ? 1_555 ? 
11 AC2 6 THR A 45 ? THR A 441 . ? 1_555 ? 
# 
_pdbx_entry_details.entry_id                   1RPY 
_pdbx_entry_details.compound_details           ? 
_pdbx_entry_details.source_details             ? 
_pdbx_entry_details.nonpolymer_details         ? 
_pdbx_entry_details.sequence_details           ? 
_pdbx_entry_details.has_ligand_of_interest     ? 
_pdbx_entry_details.has_protein_modification   Y 
# 
loop_
_pdbx_validate_torsion.id 
_pdbx_validate_torsion.PDB_model_num 
_pdbx_validate_torsion.auth_comp_id 
_pdbx_validate_torsion.auth_asym_id 
_pdbx_validate_torsion.auth_seq_id 
_pdbx_validate_torsion.PDB_ins_code 
_pdbx_validate_torsion.label_alt_id 
_pdbx_validate_torsion.phi 
_pdbx_validate_torsion.psi 
1 1 LEU A 404 ? ? -19.99  -65.12 
2 1 THR B 488 ? ? -147.13 -31.77 
# 
loop_
_pdbx_struct_mod_residue.id 
_pdbx_struct_mod_residue.label_asym_id 
_pdbx_struct_mod_residue.label_comp_id 
_pdbx_struct_mod_residue.label_seq_id 
_pdbx_struct_mod_residue.auth_asym_id 
_pdbx_struct_mod_residue.auth_comp_id 
_pdbx_struct_mod_residue.auth_seq_id 
_pdbx_struct_mod_residue.PDB_ins_code 
_pdbx_struct_mod_residue.parent_comp_id 
_pdbx_struct_mod_residue.details 
1 A MSE 86 A MSE 482 ? MET SELENOMETHIONINE 
2 B MSE 86 B MSE 482 ? MET SELENOMETHIONINE 
# 
loop_
_pdbx_unobs_or_zero_occ_residues.id 
_pdbx_unobs_or_zero_occ_residues.PDB_model_num 
_pdbx_unobs_or_zero_occ_residues.polymer_flag 
_pdbx_unobs_or_zero_occ_residues.occupancy_flag 
_pdbx_unobs_or_zero_occ_residues.auth_asym_id 
_pdbx_unobs_or_zero_occ_residues.auth_comp_id 
_pdbx_unobs_or_zero_occ_residues.auth_seq_id 
_pdbx_unobs_or_zero_occ_residues.PDB_ins_code 
_pdbx_unobs_or_zero_occ_residues.label_asym_id 
_pdbx_unobs_or_zero_occ_residues.label_comp_id 
_pdbx_unobs_or_zero_occ_residues.label_seq_id 
1  1 Y 1 A GLY 397 ? A GLY 1   
2  1 Y 1 A SER 398 ? A SER 2   
3  1 Y 1 A HIS 399 ? A HIS 3   
4  1 Y 1 A MET 400 ? A MET 4   
5  1 Y 1 A GLU 401 ? A GLU 5   
6  1 Y 1 A LEU 402 ? A LEU 6   
7  1 Y 1 A SER 462 ? A SER 66  
8  1 Y 1 A LEU 463 ? A LEU 67  
9  1 Y 1 A ASN 464 ? A ASN 68  
10 1 Y 1 A GLY 465 ? A GLY 69  
11 1 Y 1 A HIS 489 ? A HIS 93  
12 1 Y 1 A PRO 490 ? A PRO 94  
13 1 Y 1 A ILE 491 ? A ILE 95  
14 1 Y 1 A PRO 492 ? A PRO 96  
15 1 Y 1 A LEU 493 ? A LEU 97  
16 1 Y 1 A GLU 494 ? A GLU 98  
17 1 Y 1 A SER 495 ? A SER 99  
18 1 Y 1 A GLY 496 ? A GLY 100 
19 1 Y 1 A GLY 497 ? A GLY 101 
20 1 Y 1 A SER 498 ? A SER 102 
21 1 Y 1 A ALA 499 ? A ALA 103 
22 1 Y 1 A ASP 500 ? A ASP 104 
23 1 Y 1 A ILE 501 ? A ILE 105 
24 1 Y 1 A THR 502 ? A THR 106 
25 1 Y 1 A LEU 503 ? A LEU 107 
26 1 Y 1 A ARG 504 ? A ARG 108 
27 1 Y 1 A SER 505 ? A SER 109 
28 1 Y 1 A TYR 506 ? A TYR 110 
29 1 Y 1 A VAL 507 ? A VAL 111 
30 1 Y 1 A ARG 508 ? A ARG 112 
31 1 Y 1 A ALA 509 ? A ALA 113 
32 1 Y 1 A GLN 510 ? A GLN 114 
33 1 Y 1 B GLY 397 ? B GLY 1   
34 1 Y 1 B SER 398 ? B SER 2   
35 1 Y 1 B HIS 399 ? B HIS 3   
36 1 Y 1 B MET 400 ? B MET 4   
37 1 Y 1 B GLU 401 ? B GLU 5   
38 1 Y 1 B LEU 402 ? B LEU 6   
39 1 Y 1 B GLU 403 ? B GLU 7   
40 1 Y 1 B LEU 463 ? B LEU 67  
41 1 Y 1 B ASN 464 ? B ASN 68  
42 1 Y 1 B GLY 465 ? B GLY 69  
43 1 Y 1 B HIS 466 ? B HIS 70  
44 1 Y 1 B GLU 494 ? B GLU 98  
45 1 Y 1 B SER 495 ? B SER 99  
46 1 Y 1 B GLY 496 ? B GLY 100 
47 1 Y 1 B GLY 497 ? B GLY 101 
48 1 Y 1 B SER 498 ? B SER 102 
49 1 Y 1 B ALA 499 ? B ALA 103 
50 1 Y 1 B ASP 500 ? B ASP 104 
51 1 Y 1 B ILE 501 ? B ILE 105 
52 1 Y 1 B THR 502 ? B THR 106 
53 1 Y 1 B LEU 503 ? B LEU 107 
54 1 Y 1 B ARG 504 ? B ARG 108 
55 1 Y 1 B SER 505 ? B SER 109 
56 1 Y 1 B TYR 506 ? B TYR 110 
57 1 Y 1 B VAL 507 ? B VAL 111 
58 1 Y 1 B ARG 508 ? B ARG 112 
59 1 Y 1 B ALA 509 ? B ALA 113 
60 1 Y 1 B GLN 510 ? B GLN 114 
# 
loop_
_chem_comp_atom.comp_id 
_chem_comp_atom.atom_id 
_chem_comp_atom.type_symbol 
_chem_comp_atom.pdbx_aromatic_flag 
_chem_comp_atom.pdbx_stereo_config 
_chem_comp_atom.pdbx_ordinal 
ALA N    N  N N 1   
ALA CA   C  N S 2   
ALA C    C  N N 3   
ALA O    O  N N 4   
ALA CB   C  N N 5   
ALA OXT  O  N N 6   
ALA H    H  N N 7   
ALA H2   H  N N 8   
ALA HA   H  N N 9   
ALA HB1  H  N N 10  
ALA HB2  H  N N 11  
ALA HB3  H  N N 12  
ALA HXT  H  N N 13  
ARG N    N  N N 14  
ARG CA   C  N S 15  
ARG C    C  N N 16  
ARG O    O  N N 17  
ARG CB   C  N N 18  
ARG CG   C  N N 19  
ARG CD   C  N N 20  
ARG NE   N  N N 21  
ARG CZ   C  N N 22  
ARG NH1  N  N N 23  
ARG NH2  N  N N 24  
ARG OXT  O  N N 25  
ARG H    H  N N 26  
ARG H2   H  N N 27  
ARG HA   H  N N 28  
ARG HB2  H  N N 29  
ARG HB3  H  N N 30  
ARG HG2  H  N N 31  
ARG HG3  H  N N 32  
ARG HD2  H  N N 33  
ARG HD3  H  N N 34  
ARG HE   H  N N 35  
ARG HH11 H  N N 36  
ARG HH12 H  N N 37  
ARG HH21 H  N N 38  
ARG HH22 H  N N 39  
ARG HXT  H  N N 40  
ASN N    N  N N 41  
ASN CA   C  N S 42  
ASN C    C  N N 43  
ASN O    O  N N 44  
ASN CB   C  N N 45  
ASN CG   C  N N 46  
ASN OD1  O  N N 47  
ASN ND2  N  N N 48  
ASN OXT  O  N N 49  
ASN H    H  N N 50  
ASN H2   H  N N 51  
ASN HA   H  N N 52  
ASN HB2  H  N N 53  
ASN HB3  H  N N 54  
ASN HD21 H  N N 55  
ASN HD22 H  N N 56  
ASN HXT  H  N N 57  
ASP N    N  N N 58  
ASP CA   C  N S 59  
ASP C    C  N N 60  
ASP O    O  N N 61  
ASP CB   C  N N 62  
ASP CG   C  N N 63  
ASP OD1  O  N N 64  
ASP OD2  O  N N 65  
ASP OXT  O  N N 66  
ASP H    H  N N 67  
ASP H2   H  N N 68  
ASP HA   H  N N 69  
ASP HB2  H  N N 70  
ASP HB3  H  N N 71  
ASP HD2  H  N N 72  
ASP HXT  H  N N 73  
CYS N    N  N N 74  
CYS CA   C  N R 75  
CYS C    C  N N 76  
CYS O    O  N N 77  
CYS CB   C  N N 78  
CYS SG   S  N N 79  
CYS OXT  O  N N 80  
CYS H    H  N N 81  
CYS H2   H  N N 82  
CYS HA   H  N N 83  
CYS HB2  H  N N 84  
CYS HB3  H  N N 85  
CYS HG   H  N N 86  
CYS HXT  H  N N 87  
GLN N    N  N N 88  
GLN CA   C  N S 89  
GLN C    C  N N 90  
GLN O    O  N N 91  
GLN CB   C  N N 92  
GLN CG   C  N N 93  
GLN CD   C  N N 94  
GLN OE1  O  N N 95  
GLN NE2  N  N N 96  
GLN OXT  O  N N 97  
GLN H    H  N N 98  
GLN H2   H  N N 99  
GLN HA   H  N N 100 
GLN HB2  H  N N 101 
GLN HB3  H  N N 102 
GLN HG2  H  N N 103 
GLN HG3  H  N N 104 
GLN HE21 H  N N 105 
GLN HE22 H  N N 106 
GLN HXT  H  N N 107 
GLU N    N  N N 108 
GLU CA   C  N S 109 
GLU C    C  N N 110 
GLU O    O  N N 111 
GLU CB   C  N N 112 
GLU CG   C  N N 113 
GLU CD   C  N N 114 
GLU OE1  O  N N 115 
GLU OE2  O  N N 116 
GLU OXT  O  N N 117 
GLU H    H  N N 118 
GLU H2   H  N N 119 
GLU HA   H  N N 120 
GLU HB2  H  N N 121 
GLU HB3  H  N N 122 
GLU HG2  H  N N 123 
GLU HG3  H  N N 124 
GLU HE2  H  N N 125 
GLU HXT  H  N N 126 
GLY N    N  N N 127 
GLY CA   C  N N 128 
GLY C    C  N N 129 
GLY O    O  N N 130 
GLY OXT  O  N N 131 
GLY H    H  N N 132 
GLY H2   H  N N 133 
GLY HA2  H  N N 134 
GLY HA3  H  N N 135 
GLY HXT  H  N N 136 
HIS N    N  N N 137 
HIS CA   C  N S 138 
HIS C    C  N N 139 
HIS O    O  N N 140 
HIS CB   C  N N 141 
HIS CG   C  Y N 142 
HIS ND1  N  Y N 143 
HIS CD2  C  Y N 144 
HIS CE1  C  Y N 145 
HIS NE2  N  Y N 146 
HIS OXT  O  N N 147 
HIS H    H  N N 148 
HIS H2   H  N N 149 
HIS HA   H  N N 150 
HIS HB2  H  N N 151 
HIS HB3  H  N N 152 
HIS HD1  H  N N 153 
HIS HD2  H  N N 154 
HIS HE1  H  N N 155 
HIS HE2  H  N N 156 
HIS HXT  H  N N 157 
HOH O    O  N N 158 
HOH H1   H  N N 159 
HOH H2   H  N N 160 
ILE N    N  N N 161 
ILE CA   C  N S 162 
ILE C    C  N N 163 
ILE O    O  N N 164 
ILE CB   C  N S 165 
ILE CG1  C  N N 166 
ILE CG2  C  N N 167 
ILE CD1  C  N N 168 
ILE OXT  O  N N 169 
ILE H    H  N N 170 
ILE H2   H  N N 171 
ILE HA   H  N N 172 
ILE HB   H  N N 173 
ILE HG12 H  N N 174 
ILE HG13 H  N N 175 
ILE HG21 H  N N 176 
ILE HG22 H  N N 177 
ILE HG23 H  N N 178 
ILE HD11 H  N N 179 
ILE HD12 H  N N 180 
ILE HD13 H  N N 181 
ILE HXT  H  N N 182 
LEU N    N  N N 183 
LEU CA   C  N S 184 
LEU C    C  N N 185 
LEU O    O  N N 186 
LEU CB   C  N N 187 
LEU CG   C  N N 188 
LEU CD1  C  N N 189 
LEU CD2  C  N N 190 
LEU OXT  O  N N 191 
LEU H    H  N N 192 
LEU H2   H  N N 193 
LEU HA   H  N N 194 
LEU HB2  H  N N 195 
LEU HB3  H  N N 196 
LEU HG   H  N N 197 
LEU HD11 H  N N 198 
LEU HD12 H  N N 199 
LEU HD13 H  N N 200 
LEU HD21 H  N N 201 
LEU HD22 H  N N 202 
LEU HD23 H  N N 203 
LEU HXT  H  N N 204 
LYS N    N  N N 205 
LYS CA   C  N S 206 
LYS C    C  N N 207 
LYS O    O  N N 208 
LYS CB   C  N N 209 
LYS CG   C  N N 210 
LYS CD   C  N N 211 
LYS CE   C  N N 212 
LYS NZ   N  N N 213 
LYS OXT  O  N N 214 
LYS H    H  N N 215 
LYS H2   H  N N 216 
LYS HA   H  N N 217 
LYS HB2  H  N N 218 
LYS HB3  H  N N 219 
LYS HG2  H  N N 220 
LYS HG3  H  N N 221 
LYS HD2  H  N N 222 
LYS HD3  H  N N 223 
LYS HE2  H  N N 224 
LYS HE3  H  N N 225 
LYS HZ1  H  N N 226 
LYS HZ2  H  N N 227 
LYS HZ3  H  N N 228 
LYS HXT  H  N N 229 
MET N    N  N N 230 
MET CA   C  N S 231 
MET C    C  N N 232 
MET O    O  N N 233 
MET CB   C  N N 234 
MET CG   C  N N 235 
MET SD   S  N N 236 
MET CE   C  N N 237 
MET OXT  O  N N 238 
MET H    H  N N 239 
MET H2   H  N N 240 
MET HA   H  N N 241 
MET HB2  H  N N 242 
MET HB3  H  N N 243 
MET HG2  H  N N 244 
MET HG3  H  N N 245 
MET HE1  H  N N 246 
MET HE2  H  N N 247 
MET HE3  H  N N 248 
MET HXT  H  N N 249 
MSE N    N  N N 250 
MSE CA   C  N S 251 
MSE C    C  N N 252 
MSE O    O  N N 253 
MSE OXT  O  N N 254 
MSE CB   C  N N 255 
MSE CG   C  N N 256 
MSE SE   SE N N 257 
MSE CE   C  N N 258 
MSE H    H  N N 259 
MSE H2   H  N N 260 
MSE HA   H  N N 261 
MSE HXT  H  N N 262 
MSE HB2  H  N N 263 
MSE HB3  H  N N 264 
MSE HG2  H  N N 265 
MSE HG3  H  N N 266 
MSE HE1  H  N N 267 
MSE HE2  H  N N 268 
MSE HE3  H  N N 269 
PHE N    N  N N 270 
PHE CA   C  N S 271 
PHE C    C  N N 272 
PHE O    O  N N 273 
PHE CB   C  N N 274 
PHE CG   C  Y N 275 
PHE CD1  C  Y N 276 
PHE CD2  C  Y N 277 
PHE CE1  C  Y N 278 
PHE CE2  C  Y N 279 
PHE CZ   C  Y N 280 
PHE OXT  O  N N 281 
PHE H    H  N N 282 
PHE H2   H  N N 283 
PHE HA   H  N N 284 
PHE HB2  H  N N 285 
PHE HB3  H  N N 286 
PHE HD1  H  N N 287 
PHE HD2  H  N N 288 
PHE HE1  H  N N 289 
PHE HE2  H  N N 290 
PHE HZ   H  N N 291 
PHE HXT  H  N N 292 
PRO N    N  N N 293 
PRO CA   C  N S 294 
PRO C    C  N N 295 
PRO O    O  N N 296 
PRO CB   C  N N 297 
PRO CG   C  N N 298 
PRO CD   C  N N 299 
PRO OXT  O  N N 300 
PRO H    H  N N 301 
PRO HA   H  N N 302 
PRO HB2  H  N N 303 
PRO HB3  H  N N 304 
PRO HG2  H  N N 305 
PRO HG3  H  N N 306 
PRO HD2  H  N N 307 
PRO HD3  H  N N 308 
PRO HXT  H  N N 309 
SER N    N  N N 310 
SER CA   C  N S 311 
SER C    C  N N 312 
SER O    O  N N 313 
SER CB   C  N N 314 
SER OG   O  N N 315 
SER OXT  O  N N 316 
SER H    H  N N 317 
SER H2   H  N N 318 
SER HA   H  N N 319 
SER HB2  H  N N 320 
SER HB3  H  N N 321 
SER HG   H  N N 322 
SER HXT  H  N N 323 
SO4 S    S  N N 324 
SO4 O1   O  N N 325 
SO4 O2   O  N N 326 
SO4 O3   O  N N 327 
SO4 O4   O  N N 328 
THR N    N  N N 329 
THR CA   C  N S 330 
THR C    C  N N 331 
THR O    O  N N 332 
THR CB   C  N R 333 
THR OG1  O  N N 334 
THR CG2  C  N N 335 
THR OXT  O  N N 336 
THR H    H  N N 337 
THR H2   H  N N 338 
THR HA   H  N N 339 
THR HB   H  N N 340 
THR HG1  H  N N 341 
THR HG21 H  N N 342 
THR HG22 H  N N 343 
THR HG23 H  N N 344 
THR HXT  H  N N 345 
TRP N    N  N N 346 
TRP CA   C  N S 347 
TRP C    C  N N 348 
TRP O    O  N N 349 
TRP CB   C  N N 350 
TRP CG   C  Y N 351 
TRP CD1  C  Y N 352 
TRP CD2  C  Y N 353 
TRP NE1  N  Y N 354 
TRP CE2  C  Y N 355 
TRP CE3  C  Y N 356 
TRP CZ2  C  Y N 357 
TRP CZ3  C  Y N 358 
TRP CH2  C  Y N 359 
TRP OXT  O  N N 360 
TRP H    H  N N 361 
TRP H2   H  N N 362 
TRP HA   H  N N 363 
TRP HB2  H  N N 364 
TRP HB3  H  N N 365 
TRP HD1  H  N N 366 
TRP HE1  H  N N 367 
TRP HE3  H  N N 368 
TRP HZ2  H  N N 369 
TRP HZ3  H  N N 370 
TRP HH2  H  N N 371 
TRP HXT  H  N N 372 
TYR N    N  N N 373 
TYR CA   C  N S 374 
TYR C    C  N N 375 
TYR O    O  N N 376 
TYR CB   C  N N 377 
TYR CG   C  Y N 378 
TYR CD1  C  Y N 379 
TYR CD2  C  Y N 380 
TYR CE1  C  Y N 381 
TYR CE2  C  Y N 382 
TYR CZ   C  Y N 383 
TYR OH   O  N N 384 
TYR OXT  O  N N 385 
TYR H    H  N N 386 
TYR H2   H  N N 387 
TYR HA   H  N N 388 
TYR HB2  H  N N 389 
TYR HB3  H  N N 390 
TYR HD1  H  N N 391 
TYR HD2  H  N N 392 
TYR HE1  H  N N 393 
TYR HE2  H  N N 394 
TYR HH   H  N N 395 
TYR HXT  H  N N 396 
VAL N    N  N N 397 
VAL CA   C  N S 398 
VAL C    C  N N 399 
VAL O    O  N N 400 
VAL CB   C  N N 401 
VAL CG1  C  N N 402 
VAL CG2  C  N N 403 
VAL OXT  O  N N 404 
VAL H    H  N N 405 
VAL H2   H  N N 406 
VAL HA   H  N N 407 
VAL HB   H  N N 408 
VAL HG11 H  N N 409 
VAL HG12 H  N N 410 
VAL HG13 H  N N 411 
VAL HG21 H  N N 412 
VAL HG22 H  N N 413 
VAL HG23 H  N N 414 
VAL HXT  H  N N 415 
# 
loop_
_chem_comp_bond.comp_id 
_chem_comp_bond.atom_id_1 
_chem_comp_bond.atom_id_2 
_chem_comp_bond.value_order 
_chem_comp_bond.pdbx_aromatic_flag 
_chem_comp_bond.pdbx_stereo_config 
_chem_comp_bond.pdbx_ordinal 
ALA N   CA   sing N N 1   
ALA N   H    sing N N 2   
ALA N   H2   sing N N 3   
ALA CA  C    sing N N 4   
ALA CA  CB   sing N N 5   
ALA CA  HA   sing N N 6   
ALA C   O    doub N N 7   
ALA C   OXT  sing N N 8   
ALA CB  HB1  sing N N 9   
ALA CB  HB2  sing N N 10  
ALA CB  HB3  sing N N 11  
ALA OXT HXT  sing N N 12  
ARG N   CA   sing N N 13  
ARG N   H    sing N N 14  
ARG N   H2   sing N N 15  
ARG CA  C    sing N N 16  
ARG CA  CB   sing N N 17  
ARG CA  HA   sing N N 18  
ARG C   O    doub N N 19  
ARG C   OXT  sing N N 20  
ARG CB  CG   sing N N 21  
ARG CB  HB2  sing N N 22  
ARG CB  HB3  sing N N 23  
ARG CG  CD   sing N N 24  
ARG CG  HG2  sing N N 25  
ARG CG  HG3  sing N N 26  
ARG CD  NE   sing N N 27  
ARG CD  HD2  sing N N 28  
ARG CD  HD3  sing N N 29  
ARG NE  CZ   sing N N 30  
ARG NE  HE   sing N N 31  
ARG CZ  NH1  sing N N 32  
ARG CZ  NH2  doub N N 33  
ARG NH1 HH11 sing N N 34  
ARG NH1 HH12 sing N N 35  
ARG NH2 HH21 sing N N 36  
ARG NH2 HH22 sing N N 37  
ARG OXT HXT  sing N N 38  
ASN N   CA   sing N N 39  
ASN N   H    sing N N 40  
ASN N   H2   sing N N 41  
ASN CA  C    sing N N 42  
ASN CA  CB   sing N N 43  
ASN CA  HA   sing N N 44  
ASN C   O    doub N N 45  
ASN C   OXT  sing N N 46  
ASN CB  CG   sing N N 47  
ASN CB  HB2  sing N N 48  
ASN CB  HB3  sing N N 49  
ASN CG  OD1  doub N N 50  
ASN CG  ND2  sing N N 51  
ASN ND2 HD21 sing N N 52  
ASN ND2 HD22 sing N N 53  
ASN OXT HXT  sing N N 54  
ASP N   CA   sing N N 55  
ASP N   H    sing N N 56  
ASP N   H2   sing N N 57  
ASP CA  C    sing N N 58  
ASP CA  CB   sing N N 59  
ASP CA  HA   sing N N 60  
ASP C   O    doub N N 61  
ASP C   OXT  sing N N 62  
ASP CB  CG   sing N N 63  
ASP CB  HB2  sing N N 64  
ASP CB  HB3  sing N N 65  
ASP CG  OD1  doub N N 66  
ASP CG  OD2  sing N N 67  
ASP OD2 HD2  sing N N 68  
ASP OXT HXT  sing N N 69  
CYS N   CA   sing N N 70  
CYS N   H    sing N N 71  
CYS N   H2   sing N N 72  
CYS CA  C    sing N N 73  
CYS CA  CB   sing N N 74  
CYS CA  HA   sing N N 75  
CYS C   O    doub N N 76  
CYS C   OXT  sing N N 77  
CYS CB  SG   sing N N 78  
CYS CB  HB2  sing N N 79  
CYS CB  HB3  sing N N 80  
CYS SG  HG   sing N N 81  
CYS OXT HXT  sing N N 82  
GLN N   CA   sing N N 83  
GLN N   H    sing N N 84  
GLN N   H2   sing N N 85  
GLN CA  C    sing N N 86  
GLN CA  CB   sing N N 87  
GLN CA  HA   sing N N 88  
GLN C   O    doub N N 89  
GLN C   OXT  sing N N 90  
GLN CB  CG   sing N N 91  
GLN CB  HB2  sing N N 92  
GLN CB  HB3  sing N N 93  
GLN CG  CD   sing N N 94  
GLN CG  HG2  sing N N 95  
GLN CG  HG3  sing N N 96  
GLN CD  OE1  doub N N 97  
GLN CD  NE2  sing N N 98  
GLN NE2 HE21 sing N N 99  
GLN NE2 HE22 sing N N 100 
GLN OXT HXT  sing N N 101 
GLU N   CA   sing N N 102 
GLU N   H    sing N N 103 
GLU N   H2   sing N N 104 
GLU CA  C    sing N N 105 
GLU CA  CB   sing N N 106 
GLU CA  HA   sing N N 107 
GLU C   O    doub N N 108 
GLU C   OXT  sing N N 109 
GLU CB  CG   sing N N 110 
GLU CB  HB2  sing N N 111 
GLU CB  HB3  sing N N 112 
GLU CG  CD   sing N N 113 
GLU CG  HG2  sing N N 114 
GLU CG  HG3  sing N N 115 
GLU CD  OE1  doub N N 116 
GLU CD  OE2  sing N N 117 
GLU OE2 HE2  sing N N 118 
GLU OXT HXT  sing N N 119 
GLY N   CA   sing N N 120 
GLY N   H    sing N N 121 
GLY N   H2   sing N N 122 
GLY CA  C    sing N N 123 
GLY CA  HA2  sing N N 124 
GLY CA  HA3  sing N N 125 
GLY C   O    doub N N 126 
GLY C   OXT  sing N N 127 
GLY OXT HXT  sing N N 128 
HIS N   CA   sing N N 129 
HIS N   H    sing N N 130 
HIS N   H2   sing N N 131 
HIS CA  C    sing N N 132 
HIS CA  CB   sing N N 133 
HIS CA  HA   sing N N 134 
HIS C   O    doub N N 135 
HIS C   OXT  sing N N 136 
HIS CB  CG   sing N N 137 
HIS CB  HB2  sing N N 138 
HIS CB  HB3  sing N N 139 
HIS CG  ND1  sing Y N 140 
HIS CG  CD2  doub Y N 141 
HIS ND1 CE1  doub Y N 142 
HIS ND1 HD1  sing N N 143 
HIS CD2 NE2  sing Y N 144 
HIS CD2 HD2  sing N N 145 
HIS CE1 NE2  sing Y N 146 
HIS CE1 HE1  sing N N 147 
HIS NE2 HE2  sing N N 148 
HIS OXT HXT  sing N N 149 
HOH O   H1   sing N N 150 
HOH O   H2   sing N N 151 
ILE N   CA   sing N N 152 
ILE N   H    sing N N 153 
ILE N   H2   sing N N 154 
ILE CA  C    sing N N 155 
ILE CA  CB   sing N N 156 
ILE CA  HA   sing N N 157 
ILE C   O    doub N N 158 
ILE C   OXT  sing N N 159 
ILE CB  CG1  sing N N 160 
ILE CB  CG2  sing N N 161 
ILE CB  HB   sing N N 162 
ILE CG1 CD1  sing N N 163 
ILE CG1 HG12 sing N N 164 
ILE CG1 HG13 sing N N 165 
ILE CG2 HG21 sing N N 166 
ILE CG2 HG22 sing N N 167 
ILE CG2 HG23 sing N N 168 
ILE CD1 HD11 sing N N 169 
ILE CD1 HD12 sing N N 170 
ILE CD1 HD13 sing N N 171 
ILE OXT HXT  sing N N 172 
LEU N   CA   sing N N 173 
LEU N   H    sing N N 174 
LEU N   H2   sing N N 175 
LEU CA  C    sing N N 176 
LEU CA  CB   sing N N 177 
LEU CA  HA   sing N N 178 
LEU C   O    doub N N 179 
LEU C   OXT  sing N N 180 
LEU CB  CG   sing N N 181 
LEU CB  HB2  sing N N 182 
LEU CB  HB3  sing N N 183 
LEU CG  CD1  sing N N 184 
LEU CG  CD2  sing N N 185 
LEU CG  HG   sing N N 186 
LEU CD1 HD11 sing N N 187 
LEU CD1 HD12 sing N N 188 
LEU CD1 HD13 sing N N 189 
LEU CD2 HD21 sing N N 190 
LEU CD2 HD22 sing N N 191 
LEU CD2 HD23 sing N N 192 
LEU OXT HXT  sing N N 193 
LYS N   CA   sing N N 194 
LYS N   H    sing N N 195 
LYS N   H2   sing N N 196 
LYS CA  C    sing N N 197 
LYS CA  CB   sing N N 198 
LYS CA  HA   sing N N 199 
LYS C   O    doub N N 200 
LYS C   OXT  sing N N 201 
LYS CB  CG   sing N N 202 
LYS CB  HB2  sing N N 203 
LYS CB  HB3  sing N N 204 
LYS CG  CD   sing N N 205 
LYS CG  HG2  sing N N 206 
LYS CG  HG3  sing N N 207 
LYS CD  CE   sing N N 208 
LYS CD  HD2  sing N N 209 
LYS CD  HD3  sing N N 210 
LYS CE  NZ   sing N N 211 
LYS CE  HE2  sing N N 212 
LYS CE  HE3  sing N N 213 
LYS NZ  HZ1  sing N N 214 
LYS NZ  HZ2  sing N N 215 
LYS NZ  HZ3  sing N N 216 
LYS OXT HXT  sing N N 217 
MET N   CA   sing N N 218 
MET N   H    sing N N 219 
MET N   H2   sing N N 220 
MET CA  C    sing N N 221 
MET CA  CB   sing N N 222 
MET CA  HA   sing N N 223 
MET C   O    doub N N 224 
MET C   OXT  sing N N 225 
MET CB  CG   sing N N 226 
MET CB  HB2  sing N N 227 
MET CB  HB3  sing N N 228 
MET CG  SD   sing N N 229 
MET CG  HG2  sing N N 230 
MET CG  HG3  sing N N 231 
MET SD  CE   sing N N 232 
MET CE  HE1  sing N N 233 
MET CE  HE2  sing N N 234 
MET CE  HE3  sing N N 235 
MET OXT HXT  sing N N 236 
MSE N   CA   sing N N 237 
MSE N   H    sing N N 238 
MSE N   H2   sing N N 239 
MSE CA  C    sing N N 240 
MSE CA  CB   sing N N 241 
MSE CA  HA   sing N N 242 
MSE C   O    doub N N 243 
MSE C   OXT  sing N N 244 
MSE OXT HXT  sing N N 245 
MSE CB  CG   sing N N 246 
MSE CB  HB2  sing N N 247 
MSE CB  HB3  sing N N 248 
MSE CG  SE   sing N N 249 
MSE CG  HG2  sing N N 250 
MSE CG  HG3  sing N N 251 
MSE SE  CE   sing N N 252 
MSE CE  HE1  sing N N 253 
MSE CE  HE2  sing N N 254 
MSE CE  HE3  sing N N 255 
PHE N   CA   sing N N 256 
PHE N   H    sing N N 257 
PHE N   H2   sing N N 258 
PHE CA  C    sing N N 259 
PHE CA  CB   sing N N 260 
PHE CA  HA   sing N N 261 
PHE C   O    doub N N 262 
PHE C   OXT  sing N N 263 
PHE CB  CG   sing N N 264 
PHE CB  HB2  sing N N 265 
PHE CB  HB3  sing N N 266 
PHE CG  CD1  doub Y N 267 
PHE CG  CD2  sing Y N 268 
PHE CD1 CE1  sing Y N 269 
PHE CD1 HD1  sing N N 270 
PHE CD2 CE2  doub Y N 271 
PHE CD2 HD2  sing N N 272 
PHE CE1 CZ   doub Y N 273 
PHE CE1 HE1  sing N N 274 
PHE CE2 CZ   sing Y N 275 
PHE CE2 HE2  sing N N 276 
PHE CZ  HZ   sing N N 277 
PHE OXT HXT  sing N N 278 
PRO N   CA   sing N N 279 
PRO N   CD   sing N N 280 
PRO N   H    sing N N 281 
PRO CA  C    sing N N 282 
PRO CA  CB   sing N N 283 
PRO CA  HA   sing N N 284 
PRO C   O    doub N N 285 
PRO C   OXT  sing N N 286 
PRO CB  CG   sing N N 287 
PRO CB  HB2  sing N N 288 
PRO CB  HB3  sing N N 289 
PRO CG  CD   sing N N 290 
PRO CG  HG2  sing N N 291 
PRO CG  HG3  sing N N 292 
PRO CD  HD2  sing N N 293 
PRO CD  HD3  sing N N 294 
PRO OXT HXT  sing N N 295 
SER N   CA   sing N N 296 
SER N   H    sing N N 297 
SER N   H2   sing N N 298 
SER CA  C    sing N N 299 
SER CA  CB   sing N N 300 
SER CA  HA   sing N N 301 
SER C   O    doub N N 302 
SER C   OXT  sing N N 303 
SER CB  OG   sing N N 304 
SER CB  HB2  sing N N 305 
SER CB  HB3  sing N N 306 
SER OG  HG   sing N N 307 
SER OXT HXT  sing N N 308 
SO4 S   O1   doub N N 309 
SO4 S   O2   doub N N 310 
SO4 S   O3   sing N N 311 
SO4 S   O4   sing N N 312 
THR N   CA   sing N N 313 
THR N   H    sing N N 314 
THR N   H2   sing N N 315 
THR CA  C    sing N N 316 
THR CA  CB   sing N N 317 
THR CA  HA   sing N N 318 
THR C   O    doub N N 319 
THR C   OXT  sing N N 320 
THR CB  OG1  sing N N 321 
THR CB  CG2  sing N N 322 
THR CB  HB   sing N N 323 
THR OG1 HG1  sing N N 324 
THR CG2 HG21 sing N N 325 
THR CG2 HG22 sing N N 326 
THR CG2 HG23 sing N N 327 
THR OXT HXT  sing N N 328 
TRP N   CA   sing N N 329 
TRP N   H    sing N N 330 
TRP N   H2   sing N N 331 
TRP CA  C    sing N N 332 
TRP CA  CB   sing N N 333 
TRP CA  HA   sing N N 334 
TRP C   O    doub N N 335 
TRP C   OXT  sing N N 336 
TRP CB  CG   sing N N 337 
TRP CB  HB2  sing N N 338 
TRP CB  HB3  sing N N 339 
TRP CG  CD1  doub Y N 340 
TRP CG  CD2  sing Y N 341 
TRP CD1 NE1  sing Y N 342 
TRP CD1 HD1  sing N N 343 
TRP CD2 CE2  doub Y N 344 
TRP CD2 CE3  sing Y N 345 
TRP NE1 CE2  sing Y N 346 
TRP NE1 HE1  sing N N 347 
TRP CE2 CZ2  sing Y N 348 
TRP CE3 CZ3  doub Y N 349 
TRP CE3 HE3  sing N N 350 
TRP CZ2 CH2  doub Y N 351 
TRP CZ2 HZ2  sing N N 352 
TRP CZ3 CH2  sing Y N 353 
TRP CZ3 HZ3  sing N N 354 
TRP CH2 HH2  sing N N 355 
TRP OXT HXT  sing N N 356 
TYR N   CA   sing N N 357 
TYR N   H    sing N N 358 
TYR N   H2   sing N N 359 
TYR CA  C    sing N N 360 
TYR CA  CB   sing N N 361 
TYR CA  HA   sing N N 362 
TYR C   O    doub N N 363 
TYR C   OXT  sing N N 364 
TYR CB  CG   sing N N 365 
TYR CB  HB2  sing N N 366 
TYR CB  HB3  sing N N 367 
TYR CG  CD1  doub Y N 368 
TYR CG  CD2  sing Y N 369 
TYR CD1 CE1  sing Y N 370 
TYR CD1 HD1  sing N N 371 
TYR CD2 CE2  doub Y N 372 
TYR CD2 HD2  sing N N 373 
TYR CE1 CZ   doub Y N 374 
TYR CE1 HE1  sing N N 375 
TYR CE2 CZ   sing Y N 376 
TYR CE2 HE2  sing N N 377 
TYR CZ  OH   sing N N 378 
TYR OH  HH   sing N N 379 
TYR OXT HXT  sing N N 380 
VAL N   CA   sing N N 381 
VAL N   H    sing N N 382 
VAL N   H2   sing N N 383 
VAL CA  C    sing N N 384 
VAL CA  CB   sing N N 385 
VAL CA  HA   sing N N 386 
VAL C   O    doub N N 387 
VAL C   OXT  sing N N 388 
VAL CB  CG1  sing N N 389 
VAL CB  CG2  sing N N 390 
VAL CB  HB   sing N N 391 
VAL CG1 HG11 sing N N 392 
VAL CG1 HG12 sing N N 393 
VAL CG1 HG13 sing N N 394 
VAL CG2 HG21 sing N N 395 
VAL CG2 HG22 sing N N 396 
VAL CG2 HG23 sing N N 397 
VAL OXT HXT  sing N N 398 
# 
_atom_sites.entry_id                    1RPY 
_atom_sites.fract_transf_matrix[1][1]   -0.01278440 
_atom_sites.fract_transf_matrix[1][2]   0.00093383 
_atom_sites.fract_transf_matrix[1][3]   -0.00726204 
_atom_sites.fract_transf_matrix[2][1]   -0.01205129 
_atom_sites.fract_transf_matrix[2][2]   0.00491208 
_atom_sites.fract_transf_matrix[2][3]   0.00690433 
_atom_sites.fract_transf_matrix[3][1]   0.00332802 
_atom_sites.fract_transf_matrix[3][2]   0.01388953 
_atom_sites.fract_transf_matrix[3][3]   -0.00407272 
_atom_sites.fract_transf_vector[1]      0.458211 
_atom_sites.fract_transf_vector[2]      0.106008 
_atom_sites.fract_transf_vector[3]      0.054312 
# 
loop_
_atom_type.symbol 
C  
N  
O  
S  
SE 
# 
loop_
_atom_site.group_PDB 
_atom_site.id 
_atom_site.type_symbol 
_atom_site.label_atom_id 
_atom_site.label_alt_id 
_atom_site.label_comp_id 
_atom_site.label_asym_id 
_atom_site.label_entity_id 
_atom_site.label_seq_id 
_atom_site.pdbx_PDB_ins_code 
_atom_site.Cartn_x 
_atom_site.Cartn_y 
_atom_site.Cartn_z 
_atom_site.occupancy 
_atom_site.B_iso_or_equiv 
_atom_site.pdbx_formal_charge 
_atom_site.auth_seq_id 
_atom_site.auth_comp_id 
_atom_site.auth_asym_id 
_atom_site.auth_atom_id 
_atom_site.pdbx_PDB_model_num 
ATOM   1    N  N   . GLU A 1 7  ? -11.194 -8.108  -11.572 1.00 55.24 ? 403 GLU A N   1 
ATOM   2    C  CA  . GLU A 1 7  ? -11.151 -6.623  -11.668 1.00 55.33 ? 403 GLU A CA  1 
ATOM   3    C  C   . GLU A 1 7  ? -11.677 -5.893  -10.424 1.00 53.48 ? 403 GLU A C   1 
ATOM   4    O  O   . GLU A 1 7  ? -12.379 -6.467  -9.588  1.00 52.47 ? 403 GLU A O   1 
ATOM   5    C  CB  . GLU A 1 7  ? -11.924 -6.153  -12.902 1.00 57.91 ? 403 GLU A CB  1 
ATOM   6    C  CG  . GLU A 1 7  ? -13.400 -6.516  -12.908 1.00 61.67 ? 403 GLU A CG  1 
ATOM   7    C  CD  . GLU A 1 7  ? -14.103 -6.040  -14.175 1.00 64.61 ? 403 GLU A CD  1 
ATOM   8    O  OE1 . GLU A 1 7  ? -13.411 -5.508  -15.075 1.00 64.52 ? 403 GLU A OE1 1 
ATOM   9    O  OE2 . GLU A 1 7  ? -15.343 -6.201  -14.274 1.00 65.86 ? 403 GLU A OE2 1 
ATOM   10   N  N   . LEU A 1 8  ? -11.325 -4.613  -10.339 1.00 51.70 ? 404 LEU A N   1 
ATOM   11   C  CA  . LEU A 1 8  ? -11.680 -3.714  -9.240  1.00 49.79 ? 404 LEU A CA  1 
ATOM   12   C  C   . LEU A 1 8  ? -12.872 -4.114  -8.364  1.00 48.68 ? 404 LEU A C   1 
ATOM   13   O  O   . LEU A 1 8  ? -12.723 -4.402  -7.176  1.00 46.57 ? 404 LEU A O   1 
ATOM   14   C  CB  . LEU A 1 8  ? -11.913 -2.312  -9.807  1.00 49.45 ? 404 LEU A CB  1 
ATOM   15   C  CG  . LEU A 1 8  ? -11.965 -1.150  -8.819  1.00 50.02 ? 404 LEU A CG  1 
ATOM   16   C  CD1 . LEU A 1 8  ? -10.671 -1.093  -8.027  1.00 49.53 ? 404 LEU A CD1 1 
ATOM   17   C  CD2 . LEU A 1 8  ? -12.172 0.151   -9.577  1.00 49.95 ? 404 LEU A CD2 1 
ATOM   18   N  N   . SER A 1 9  ? -14.054 -4.139  -8.963  1.00 48.29 ? 405 SER A N   1 
ATOM   19   C  CA  . SER A 1 9  ? -15.273 -4.469  -8.243  1.00 47.95 ? 405 SER A CA  1 
ATOM   20   C  C   . SER A 1 9  ? -15.260 -5.815  -7.526  1.00 47.37 ? 405 SER A C   1 
ATOM   21   O  O   . SER A 1 9  ? -16.072 -6.048  -6.634  1.00 47.39 ? 405 SER A O   1 
ATOM   22   C  CB  . SER A 1 9  ? -16.449 -4.434  -9.214  1.00 48.76 ? 405 SER A CB  1 
ATOM   23   O  OG  . SER A 1 9  ? -17.575 -5.090  -8.662  1.00 51.47 ? 405 SER A OG  1 
ATOM   24   N  N   . ASP A 1 10 ? -14.353 -6.705  -7.921  1.00 46.28 ? 406 ASP A N   1 
ATOM   25   C  CA  . ASP A 1 10 ? -14.273 -8.036  -7.312  1.00 44.79 ? 406 ASP A CA  1 
ATOM   26   C  C   . ASP A 1 10 ? -13.524 -8.062  -5.982  1.00 42.97 ? 406 ASP A C   1 
ATOM   27   O  O   . ASP A 1 10 ? -13.565 -9.064  -5.270  1.00 43.09 ? 406 ASP A O   1 
ATOM   28   C  CB  . ASP A 1 10 ? -13.575 -9.027  -8.252  1.00 46.73 ? 406 ASP A CB  1 
ATOM   29   C  CG  . ASP A 1 10 ? -14.374 -9.315  -9.507  1.00 48.01 ? 406 ASP A CG  1 
ATOM   30   O  OD1 . ASP A 1 10 ? -15.526 -9.790  -9.383  1.00 49.41 ? 406 ASP A OD1 1 
ATOM   31   O  OD2 . ASP A 1 10 ? -13.846 -9.074  -10.613 1.00 47.65 ? 406 ASP A OD2 1 
ATOM   32   N  N   . TYR A 1 11 ? -12.834 -6.975  -5.654  1.00 38.94 ? 407 TYR A N   1 
ATOM   33   C  CA  . TYR A 1 11 ? -12.054 -6.921  -4.423  1.00 35.66 ? 407 TYR A CA  1 
ATOM   34   C  C   . TYR A 1 11 ? -12.815 -6.391  -3.204  1.00 32.96 ? 407 TYR A C   1 
ATOM   35   O  O   . TYR A 1 11 ? -13.542 -5.404  -3.285  1.00 31.61 ? 407 TYR A O   1 
ATOM   36   C  CB  . TYR A 1 11 ? -10.800 -6.080  -4.648  1.00 34.75 ? 407 TYR A CB  1 
ATOM   37   C  CG  . TYR A 1 11 ? -9.818  -6.681  -5.621  1.00 35.07 ? 407 TYR A CG  1 
ATOM   38   C  CD1 . TYR A 1 11 ? -8.850  -7.602  -5.197  1.00 36.11 ? 407 TYR A CD1 1 
ATOM   39   C  CD2 . TYR A 1 11 ? -9.841  -6.322  -6.968  1.00 35.95 ? 407 TYR A CD2 1 
ATOM   40   C  CE1 . TYR A 1 11 ? -7.929  -8.147  -6.099  1.00 35.42 ? 407 TYR A CE1 1 
ATOM   41   C  CE2 . TYR A 1 11 ? -8.928  -6.860  -7.877  1.00 34.93 ? 407 TYR A CE2 1 
ATOM   42   C  CZ  . TYR A 1 11 ? -7.978  -7.767  -7.438  1.00 35.69 ? 407 TYR A CZ  1 
ATOM   43   O  OH  . TYR A 1 11 ? -7.079  -8.283  -8.342  1.00 35.40 ? 407 TYR A OH  1 
ATOM   44   N  N   . PRO A 1 12 ? -12.630 -7.039  -2.045  1.00 31.33 ? 408 PRO A N   1 
ATOM   45   C  CA  . PRO A 1 12 ? -13.306 -6.629  -0.809  1.00 29.11 ? 408 PRO A CA  1 
ATOM   46   C  C   . PRO A 1 12 ? -12.937 -5.228  -0.315  1.00 28.37 ? 408 PRO A C   1 
ATOM   47   O  O   . PRO A 1 12 ? -13.713 -4.590  0.401   1.00 28.00 ? 408 PRO A O   1 
ATOM   48   C  CB  . PRO A 1 12 ? -12.913 -7.727  0.176   1.00 28.70 ? 408 PRO A CB  1 
ATOM   49   C  CG  . PRO A 1 12 ? -11.546 -8.133  -0.293  1.00 29.07 ? 408 PRO A CG  1 
ATOM   50   C  CD  . PRO A 1 12 ? -11.721 -8.177  -1.795  1.00 30.89 ? 408 PRO A CD  1 
ATOM   51   N  N   . TRP A 1 13 ? -11.762 -4.744  -0.699  1.00 26.23 ? 409 TRP A N   1 
ATOM   52   C  CA  . TRP A 1 13 ? -11.343 -3.425  -0.275  1.00 26.41 ? 409 TRP A CA  1 
ATOM   53   C  C   . TRP A 1 13 ? -11.834 -2.305  -1.195  1.00 26.58 ? 409 TRP A C   1 
ATOM   54   O  O   . TRP A 1 13 ? -11.542 -1.132  -0.963  1.00 26.03 ? 409 TRP A O   1 
ATOM   55   C  CB  . TRP A 1 13 ? -9.821  -3.369  -0.122  1.00 24.87 ? 409 TRP A CB  1 
ATOM   56   C  CG  . TRP A 1 13 ? -9.102  -4.070  -1.214  1.00 25.18 ? 409 TRP A CG  1 
ATOM   57   C  CD1 . TRP A 1 13 ? -8.536  -5.311  -1.154  1.00 23.62 ? 409 TRP A CD1 1 
ATOM   58   C  CD2 . TRP A 1 13 ? -8.883  -3.588  -2.547  1.00 23.72 ? 409 TRP A CD2 1 
ATOM   59   N  NE1 . TRP A 1 13 ? -7.971  -5.631  -2.371  1.00 24.62 ? 409 TRP A NE1 1 
ATOM   60   C  CE2 . TRP A 1 13 ? -8.170  -4.591  -3.244  1.00 24.40 ? 409 TRP A CE2 1 
ATOM   61   C  CE3 . TRP A 1 13 ? -9.220  -2.408  -3.220  1.00 20.88 ? 409 TRP A CE3 1 
ATOM   62   C  CZ2 . TRP A 1 13 ? -7.785  -4.448  -4.586  1.00 20.73 ? 409 TRP A CZ2 1 
ATOM   63   C  CZ3 . TRP A 1 13 ? -8.837  -2.268  -4.558  1.00 20.58 ? 409 TRP A CZ3 1 
ATOM   64   C  CH2 . TRP A 1 13 ? -8.128  -3.285  -5.222  1.00 19.66 ? 409 TRP A CH2 1 
ATOM   65   N  N   . PHE A 1 14 ? -12.569 -2.661  -2.242  1.00 27.01 ? 410 PHE A N   1 
ATOM   66   C  CA  . PHE A 1 14 ? -13.115 -1.652  -3.142  1.00 28.08 ? 410 PHE A CA  1 
ATOM   67   C  C   . PHE A 1 14 ? -14.551 -1.401  -2.708  1.00 28.40 ? 410 PHE A C   1 
ATOM   68   O  O   . PHE A 1 14 ? -15.318 -2.342  -2.543  1.00 26.98 ? 410 PHE A O   1 
ATOM   69   C  CB  . PHE A 1 14 ? -13.117 -2.121  -4.595  1.00 27.36 ? 410 PHE A CB  1 
ATOM   70   C  CG  . PHE A 1 14 ? -13.699 -1.113  -5.534  1.00 27.69 ? 410 PHE A CG  1 
ATOM   71   C  CD1 . PHE A 1 14 ? -13.044 0.098   -5.759  1.00 27.53 ? 410 PHE A CD1 1 
ATOM   72   C  CD2 . PHE A 1 14 ? -14.925 -1.338  -6.149  1.00 28.84 ? 410 PHE A CD2 1 
ATOM   73   C  CE1 . PHE A 1 14 ? -13.610 1.077   -6.585  1.00 28.04 ? 410 PHE A CE1 1 
ATOM   74   C  CE2 . PHE A 1 14 ? -15.501 -0.363  -6.978  1.00 28.40 ? 410 PHE A CE2 1 
ATOM   75   C  CZ  . PHE A 1 14 ? -14.840 0.844   -7.194  1.00 27.80 ? 410 PHE A CZ  1 
ATOM   76   N  N   . HIS A 1 15 ? -14.915 -0.137  -2.524  1.00 30.39 ? 411 HIS A N   1 
ATOM   77   C  CA  . HIS A 1 15 ? -16.263 0.193   -2.075  1.00 33.49 ? 411 HIS A CA  1 
ATOM   78   C  C   . HIS A 1 15 ? -17.002 1.157   -3.004  1.00 35.42 ? 411 HIS A C   1 
ATOM   79   O  O   . HIS A 1 15 ? -17.716 2.044   -2.542  1.00 38.25 ? 411 HIS A O   1 
ATOM   80   C  CB  . HIS A 1 15 ? -16.212 0.781   -0.659  1.00 31.88 ? 411 HIS A CB  1 
ATOM   81   C  CG  . HIS A 1 15 ? -15.652 -0.152  0.371   1.00 34.06 ? 411 HIS A CG  1 
ATOM   82   N  ND1 . HIS A 1 15 ? -16.343 -0.504  1.513   1.00 33.97 ? 411 HIS A ND1 1 
ATOM   83   C  CD2 . HIS A 1 15 ? -14.456 -0.790  0.447   1.00 33.68 ? 411 HIS A CD2 1 
ATOM   84   C  CE1 . HIS A 1 15 ? -15.600 -1.315  2.246   1.00 32.99 ? 411 HIS A CE1 1 
ATOM   85   N  NE2 . HIS A 1 15 ? -14.450 -1.505  1.620   1.00 34.39 ? 411 HIS A NE2 1 
ATOM   86   N  N   . GLY A 1 16 ? -16.823 0.977   -4.309  1.00 37.35 ? 412 GLY A N   1 
ATOM   87   C  CA  . GLY A 1 16 ? -17.486 1.806   -5.304  1.00 37.47 ? 412 GLY A CA  1 
ATOM   88   C  C   . GLY A 1 16 ? -17.843 3.254   -4.972  1.00 39.74 ? 412 GLY A C   1 
ATOM   89   O  O   . GLY A 1 16 ? -16.980 4.117   -4.761  1.00 38.58 ? 412 GLY A O   1 
ATOM   90   N  N   . THR A 1 17 ? -19.141 3.517   -4.922  1.00 40.25 ? 413 THR A N   1 
ATOM   91   C  CA  . THR A 1 17 ? -19.678 4.855   -4.663  1.00 42.96 ? 413 THR A CA  1 
ATOM   92   C  C   . THR A 1 17 ? -19.528 5.460   -3.255  1.00 41.74 ? 413 THR A C   1 
ATOM   93   O  O   . THR A 1 17 ? -19.931 6.606   -3.043  1.00 42.87 ? 413 THR A O   1 
ATOM   94   C  CB  . THR A 1 17 ? -21.181 4.874   -4.988  1.00 44.23 ? 413 THR A CB  1 
ATOM   95   O  OG1 . THR A 1 17 ? -21.827 3.808   -4.269  1.00 46.31 ? 413 THR A OG1 1 
ATOM   96   C  CG2 . THR A 1 17 ? -21.415 4.688   -6.479  1.00 46.49 ? 413 THR A CG2 1 
ATOM   97   N  N   . LEU A 1 18 ? -18.986 4.706   -2.300  1.00 39.23 ? 414 LEU A N   1 
ATOM   98   C  CA  . LEU A 1 18 ? -18.831 5.194   -0.925  1.00 36.18 ? 414 LEU A CA  1 
ATOM   99   C  C   . LEU A 1 18 ? -18.372 6.653   -0.866  1.00 34.38 ? 414 LEU A C   1 
ATOM   100  O  O   . LEU A 1 18 ? -17.362 7.021   -1.474  1.00 34.34 ? 414 LEU A O   1 
ATOM   101  C  CB  . LEU A 1 18 ? -17.836 4.311   -0.170  1.00 35.65 ? 414 LEU A CB  1 
ATOM   102  C  CG  . LEU A 1 18 ? -17.760 4.482   1.350   1.00 35.98 ? 414 LEU A CG  1 
ATOM   103  C  CD1 . LEU A 1 18 ? -19.063 4.035   1.988   1.00 36.17 ? 414 LEU A CD1 1 
ATOM   104  C  CD2 . LEU A 1 18 ? -16.617 3.648   1.897   1.00 36.23 ? 414 LEU A CD2 1 
ATOM   105  N  N   . SER A 1 19 ? -19.110 7.484   -0.130  1.00 32.38 ? 415 SER A N   1 
ATOM   106  C  CA  . SER A 1 19 ? -18.774 8.907   -0.016  1.00 31.53 ? 415 SER A CA  1 
ATOM   107  C  C   . SER A 1 19 ? -17.552 9.159   0.864   1.00 29.81 ? 415 SER A C   1 
ATOM   108  O  O   . SER A 1 19 ? -17.177 8.315   1.675   1.00 30.44 ? 415 SER A O   1 
ATOM   109  C  CB  . SER A 1 19 ? -19.960 9.695   0.549   1.00 30.86 ? 415 SER A CB  1 
ATOM   110  O  OG  . SER A 1 19 ? -20.175 9.378   1.919   1.00 32.64 ? 415 SER A OG  1 
ATOM   111  N  N   . ARG A 1 20 ? -16.945 10.329  0.688   1.00 29.17 ? 416 ARG A N   1 
ATOM   112  C  CA  . ARG A 1 20 ? -15.771 10.742  1.447   1.00 29.00 ? 416 ARG A CA  1 
ATOM   113  C  C   . ARG A 1 20 ? -16.071 10.651  2.949   1.00 29.99 ? 416 ARG A C   1 
ATOM   114  O  O   . ARG A 1 20 ? -15.324 10.032  3.712   1.00 29.69 ? 416 ARG A O   1 
ATOM   115  C  CB  . ARG A 1 20 ? -15.413 12.181  1.075   1.00 27.95 ? 416 ARG A CB  1 
ATOM   116  C  CG  . ARG A 1 20 ? -14.061 12.666  1.578   1.00 28.62 ? 416 ARG A CG  1 
ATOM   117  C  CD  . ARG A 1 20 ? -13.890 14.165  1.306   1.00 28.64 ? 416 ARG A CD  1 
ATOM   118  N  NE  . ARG A 1 20 ? -12.659 14.702  1.885   1.00 28.57 ? 416 ARG A NE  1 
ATOM   119  C  CZ  . ARG A 1 20 ? -11.468 14.661  1.295   1.00 28.76 ? 416 ARG A CZ  1 
ATOM   120  N  NH1 . ARG A 1 20 ? -11.343 14.109  0.099   1.00 27.27 ? 416 ARG A NH1 1 
ATOM   121  N  NH2 . ARG A 1 20 ? -10.401 15.169  1.904   1.00 29.46 ? 416 ARG A NH2 1 
ATOM   122  N  N   . VAL A 1 21 ? -17.177 11.265  3.359   1.00 29.63 ? 417 VAL A N   1 
ATOM   123  C  CA  . VAL A 1 21 ? -17.585 11.259  4.758   1.00 29.49 ? 417 VAL A CA  1 
ATOM   124  C  C   . VAL A 1 21 ? -17.789 9.848   5.312   1.00 29.30 ? 417 VAL A C   1 
ATOM   125  O  O   . VAL A 1 21 ? -17.274 9.511   6.383   1.00 28.69 ? 417 VAL A O   1 
ATOM   126  C  CB  . VAL A 1 21 ? -18.874 12.092  4.942   1.00 29.40 ? 417 VAL A CB  1 
ATOM   127  C  CG1 . VAL A 1 21 ? -19.607 11.669  6.204   1.00 29.51 ? 417 VAL A CG1 1 
ATOM   128  C  CG2 . VAL A 1 21 ? -18.508 13.587  4.998   1.00 28.88 ? 417 VAL A CG2 1 
ATOM   129  N  N   . LYS A 1 22 ? -18.527 9.019   4.586   1.00 28.83 ? 418 LYS A N   1 
ATOM   130  C  CA  . LYS A 1 22 ? -18.786 7.661   5.044   1.00 30.06 ? 418 LYS A CA  1 
ATOM   131  C  C   . LYS A 1 22 ? -17.517 6.800   5.047   1.00 28.84 ? 418 LYS A C   1 
ATOM   132  O  O   . LYS A 1 22 ? -17.382 5.876   5.855   1.00 28.34 ? 418 LYS A O   1 
ATOM   133  C  CB  . LYS A 1 22 ? -19.875 7.031   4.174   1.00 33.47 ? 418 LYS A CB  1 
ATOM   134  C  CG  . LYS A 1 22 ? -20.373 5.684   4.671   1.00 39.86 ? 418 LYS A CG  1 
ATOM   135  C  CD  . LYS A 1 22 ? -21.490 5.126   3.773   1.00 44.38 ? 418 LYS A CD  1 
ATOM   136  C  CE  . LYS A 1 22 ? -21.924 3.724   4.216   1.00 45.70 ? 418 LYS A CE  1 
ATOM   137  N  NZ  . LYS A 1 22 ? -22.842 3.082   3.229   1.00 46.38 ? 418 LYS A NZ  1 
ATOM   138  N  N   . ALA A 1 23 ? -16.579 7.105   4.154   1.00 26.59 ? 419 ALA A N   1 
ATOM   139  C  CA  . ALA A 1 23 ? -15.337 6.348   4.101   1.00 25.84 ? 419 ALA A CA  1 
ATOM   140  C  C   . ALA A 1 23 ? -14.494 6.681   5.338   1.00 26.36 ? 419 ALA A C   1 
ATOM   141  O  O   . ALA A 1 23 ? -13.866 5.801   5.932   1.00 25.26 ? 419 ALA A O   1 
ATOM   142  C  CB  . ALA A 1 23 ? -14.565 6.684   2.832   1.00 24.21 ? 419 ALA A CB  1 
ATOM   143  N  N   . ALA A 1 24 ? -14.478 7.952   5.720   1.00 25.69 ? 420 ALA A N   1 
ATOM   144  C  CA  . ALA A 1 24 ? -13.715 8.369   6.887   1.00 28.11 ? 420 ALA A CA  1 
ATOM   145  C  C   . ALA A 1 24 ? -14.287 7.696   8.130   1.00 29.32 ? 420 ALA A C   1 
ATOM   146  O  O   . ALA A 1 24 ? -13.555 7.170   8.963   1.00 29.97 ? 420 ALA A O   1 
ATOM   147  C  CB  . ALA A 1 24 ? -13.776 9.882   7.035   1.00 28.30 ? 420 ALA A CB  1 
ATOM   148  N  N   . GLN A 1 25 ? -15.606 7.711   8.244   1.00 30.18 ? 421 GLN A N   1 
ATOM   149  C  CA  . GLN A 1 25 ? -16.285 7.102   9.372   1.00 32.44 ? 421 GLN A CA  1 
ATOM   150  C  C   . GLN A 1 25 ? -15.909 5.623   9.465   1.00 31.82 ? 421 GLN A C   1 
ATOM   151  O  O   . GLN A 1 25 ? -15.603 5.106   10.546  1.00 30.99 ? 421 GLN A O   1 
ATOM   152  C  CB  . GLN A 1 25 ? -17.799 7.250   9.179   1.00 33.46 ? 421 GLN A CB  1 
ATOM   153  C  CG  . GLN A 1 25 ? -18.645 6.428   10.138  1.00 37.98 ? 421 GLN A CG  1 
ATOM   154  C  CD  . GLN A 1 25 ? -20.137 6.513   9.831   1.00 41.63 ? 421 GLN A CD  1 
ATOM   155  O  OE1 . GLN A 1 25 ? -20.910 5.651   10.256  1.00 44.31 ? 421 GLN A OE1 1 
ATOM   156  N  NE2 . GLN A 1 25 ? -20.549 7.551   9.099   1.00 40.49 ? 421 GLN A NE2 1 
ATOM   157  N  N   . LEU A 1 26 ? -15.937 4.956   8.316   1.00 30.90 ? 422 LEU A N   1 
ATOM   158  C  CA  . LEU A 1 26 ? -15.617 3.539   8.226   1.00 30.03 ? 422 LEU A CA  1 
ATOM   159  C  C   . LEU A 1 26 ? -14.207 3.215   8.719   1.00 29.05 ? 422 LEU A C   1 
ATOM   160  O  O   . LEU A 1 26 ? -14.035 2.346   9.569   1.00 27.24 ? 422 LEU A O   1 
ATOM   161  C  CB  . LEU A 1 26 ? -15.793 3.069   6.775   1.00 31.49 ? 422 LEU A CB  1 
ATOM   162  C  CG  . LEU A 1 26 ? -15.703 1.565   6.494   1.00 33.29 ? 422 LEU A CG  1 
ATOM   163  C  CD1 . LEU A 1 26 ? -16.454 1.241   5.205   1.00 33.28 ? 422 LEU A CD1 1 
ATOM   164  C  CD2 . LEU A 1 26 ? -14.241 1.131   6.399   1.00 33.34 ? 422 LEU A CD2 1 
ATOM   165  N  N   . VAL A 1 27 ? -13.200 3.918   8.209   1.00 28.43 ? 423 VAL A N   1 
ATOM   166  C  CA  . VAL A 1 27 ? -11.828 3.632   8.625   1.00 30.00 ? 423 VAL A CA  1 
ATOM   167  C  C   . VAL A 1 27 ? -11.494 4.135   10.027  1.00 30.76 ? 423 VAL A C   1 
ATOM   168  O  O   . VAL A 1 27 ? -10.520 3.688   10.631  1.00 30.00 ? 423 VAL A O   1 
ATOM   169  C  CB  . VAL A 1 27 ? -10.778 4.200   7.613   1.00 29.05 ? 423 VAL A CB  1 
ATOM   170  C  CG1 . VAL A 1 27 ? -11.112 3.731   6.216   1.00 27.99 ? 423 VAL A CG1 1 
ATOM   171  C  CG2 . VAL A 1 27 ? -10.732 5.723   7.673   1.00 29.87 ? 423 VAL A CG2 1 
ATOM   172  N  N   . LEU A 1 28 ? -12.299 5.056   10.545  1.00 31.90 ? 424 LEU A N   1 
ATOM   173  C  CA  . LEU A 1 28 ? -12.059 5.596   11.881  1.00 35.10 ? 424 LEU A CA  1 
ATOM   174  C  C   . LEU A 1 28 ? -12.728 4.795   12.996  1.00 35.92 ? 424 LEU A C   1 
ATOM   175  O  O   . LEU A 1 28 ? -12.433 5.002   14.172  1.00 37.13 ? 424 LEU A O   1 
ATOM   176  C  CB  . LEU A 1 28 ? -12.515 7.060   11.962  1.00 34.59 ? 424 LEU A CB  1 
ATOM   177  C  CG  . LEU A 1 28 ? -11.726 8.058   11.107  1.00 35.16 ? 424 LEU A CG  1 
ATOM   178  C  CD1 . LEU A 1 28 ? -12.257 9.460   11.364  1.00 35.37 ? 424 LEU A CD1 1 
ATOM   179  C  CD2 . LEU A 1 28 ? -10.237 7.977   11.441  1.00 33.70 ? 424 LEU A CD2 1 
ATOM   180  N  N   . ALA A 1 29 ? -13.632 3.888   12.641  1.00 37.38 ? 425 ALA A N   1 
ATOM   181  C  CA  . ALA A 1 29 ? -14.293 3.078   13.657  1.00 38.89 ? 425 ALA A CA  1 
ATOM   182  C  C   . ALA A 1 29 ? -13.206 2.224   14.310  1.00 39.64 ? 425 ALA A C   1 
ATOM   183  O  O   . ALA A 1 29 ? -12.513 1.456   13.634  1.00 41.17 ? 425 ALA A O   1 
ATOM   184  C  CB  . ALA A 1 29 ? -15.368 2.210   13.024  1.00 38.78 ? 425 ALA A CB  1 
ATOM   185  N  N   . GLY A 1 30 ? -13.045 2.378   15.619  1.00 39.60 ? 426 GLY A N   1 
ATOM   186  C  CA  . GLY A 1 30 ? -12.013 1.641   16.329  1.00 39.96 ? 426 GLY A CA  1 
ATOM   187  C  C   . GLY A 1 30 ? -10.891 2.592   16.723  1.00 41.15 ? 426 GLY A C   1 
ATOM   188  O  O   . GLY A 1 30 ? -9.966  2.226   17.456  1.00 42.07 ? 426 GLY A O   1 
ATOM   189  N  N   . GLY A 1 31 ? -10.974 3.823   16.224  1.00 40.22 ? 427 GLY A N   1 
ATOM   190  C  CA  . GLY A 1 31 ? -9.967  4.818   16.537  1.00 39.87 ? 427 GLY A CA  1 
ATOM   191  C  C   . GLY A 1 31 ? -8.561  4.392   16.168  1.00 39.73 ? 427 GLY A C   1 
ATOM   192  O  O   . GLY A 1 31 ? -8.362  3.668   15.186  1.00 39.45 ? 427 GLY A O   1 
ATOM   193  N  N   . PRO A 1 32 ? -7.558  4.826   16.944  1.00 39.21 ? 428 PRO A N   1 
ATOM   194  C  CA  . PRO A 1 32 ? -6.147  4.496   16.709  1.00 38.84 ? 428 PRO A CA  1 
ATOM   195  C  C   . PRO A 1 32 ? -5.896  3.007   16.471  1.00 38.02 ? 428 PRO A C   1 
ATOM   196  O  O   . PRO A 1 32 ? -4.957  2.633   15.765  1.00 38.27 ? 428 PRO A O   1 
ATOM   197  C  CB  . PRO A 1 32 ? -5.466  4.978   17.987  1.00 39.38 ? 428 PRO A CB  1 
ATOM   198  C  CG  . PRO A 1 32 ? -6.312  6.153   18.386  1.00 39.85 ? 428 PRO A CG  1 
ATOM   199  C  CD  . PRO A 1 32 ? -7.714  5.639   18.163  1.00 39.21 ? 428 PRO A CD  1 
ATOM   200  N  N   . ARG A 1 33 ? -6.731  2.160   17.065  1.00 37.21 ? 429 ARG A N   1 
ATOM   201  C  CA  . ARG A 1 33 ? -6.570  0.715   16.928  1.00 37.89 ? 429 ARG A CA  1 
ATOM   202  C  C   . ARG A 1 33 ? -6.808  0.218   15.505  1.00 36.64 ? 429 ARG A C   1 
ATOM   203  O  O   . ARG A 1 33 ? -6.374  -0.875  15.140  1.00 35.84 ? 429 ARG A O   1 
ATOM   204  C  CB  . ARG A 1 33 ? -7.529  -0.036  17.857  1.00 41.32 ? 429 ARG A CB  1 
ATOM   205  C  CG  . ARG A 1 33 ? -7.363  0.260   19.333  1.00 46.23 ? 429 ARG A CG  1 
ATOM   206  C  CD  . ARG A 1 33 ? -8.141  -0.742  20.175  1.00 50.43 ? 429 ARG A CD  1 
ATOM   207  N  NE  . ARG A 1 33 ? -8.000  -0.487  21.606  1.00 54.53 ? 429 ARG A NE  1 
ATOM   208  C  CZ  . ARG A 1 33 ? -8.392  -1.331  22.557  1.00 57.32 ? 429 ARG A CZ  1 
ATOM   209  N  NH1 . ARG A 1 33 ? -8.949  -2.494  22.225  1.00 58.64 ? 429 ARG A NH1 1 
ATOM   210  N  NH2 . ARG A 1 33 ? -8.230  -1.013  23.839  1.00 57.99 ? 429 ARG A NH2 1 
ATOM   211  N  N   . SER A 1 34 ? -7.521  1.005   14.707  1.00 34.59 ? 430 SER A N   1 
ATOM   212  C  CA  . SER A 1 34 ? -7.797  0.622   13.326  1.00 32.57 ? 430 SER A CA  1 
ATOM   213  C  C   . SER A 1 34 ? -6.738  1.159   12.383  1.00 31.11 ? 430 SER A C   1 
ATOM   214  O  O   . SER A 1 34 ? -6.943  1.209   11.168  1.00 31.14 ? 430 SER A O   1 
ATOM   215  C  CB  . SER A 1 34 ? -9.164  1.140   12.874  1.00 32.06 ? 430 SER A CB  1 
ATOM   216  O  OG  . SER A 1 34 ? -10.206 0.336   13.378  1.00 32.45 ? 430 SER A OG  1 
ATOM   217  N  N   . HIS A 1 35 ? -5.612  1.573   12.949  1.00 29.61 ? 431 HIS A N   1 
ATOM   218  C  CA  . HIS A 1 35 ? -4.506  2.098   12.165  1.00 28.38 ? 431 HIS A CA  1 
ATOM   219  C  C   . HIS A 1 35 ? -4.225  1.168   10.986  1.00 26.50 ? 431 HIS A C   1 
ATOM   220  O  O   . HIS A 1 35 ? -4.071  -0.035  11.165  1.00 27.31 ? 431 HIS A O   1 
ATOM   221  C  CB  . HIS A 1 35 ? -3.267  2.212   13.058  1.00 28.87 ? 431 HIS A CB  1 
ATOM   222  C  CG  . HIS A 1 35 ? -2.023  2.578   12.314  1.00 29.83 ? 431 HIS A CG  1 
ATOM   223  N  ND1 . HIS A 1 35 ? -1.851  3.804   11.707  1.00 29.67 ? 431 HIS A ND1 1 
ATOM   224  C  CD2 . HIS A 1 35 ? -0.893  1.874   12.073  1.00 28.86 ? 431 HIS A CD2 1 
ATOM   225  C  CE1 . HIS A 1 35 ? -0.666  3.839   11.122  1.00 29.02 ? 431 HIS A CE1 1 
ATOM   226  N  NE2 . HIS A 1 35 ? -0.065  2.681   11.331  1.00 30.07 ? 431 HIS A NE2 1 
ATOM   227  N  N   . GLY A 1 36 ? -4.172  1.712   9.778   1.00 25.26 ? 432 GLY A N   1 
ATOM   228  C  CA  . GLY A 1 36 ? -3.891  0.864   8.631   1.00 23.77 ? 432 GLY A CA  1 
ATOM   229  C  C   . GLY A 1 36 ? -5.117  0.439   7.838   1.00 23.40 ? 432 GLY A C   1 
ATOM   230  O  O   . GLY A 1 36 ? -4.992  0.081   6.668   1.00 22.77 ? 432 GLY A O   1 
ATOM   231  N  N   . LEU A 1 37 ? -6.294  0.459   8.464   1.00 21.68 ? 433 LEU A N   1 
ATOM   232  C  CA  . LEU A 1 37 ? -7.515  0.077   7.761   1.00 22.34 ? 433 LEU A CA  1 
ATOM   233  C  C   . LEU A 1 37 ? -7.725  1.056   6.614   1.00 22.56 ? 433 LEU A C   1 
ATOM   234  O  O   . LEU A 1 37 ? -7.504  2.259   6.759   1.00 22.49 ? 433 LEU A O   1 
ATOM   235  C  CB  . LEU A 1 37 ? -8.736  0.099   8.689   1.00 23.39 ? 433 LEU A CB  1 
ATOM   236  C  CG  . LEU A 1 37 ? -10.069 -0.238  8.002   1.00 24.65 ? 433 LEU A CG  1 
ATOM   237  C  CD1 . LEU A 1 37 ? -10.001 -1.612  7.350   1.00 23.20 ? 433 LEU A CD1 1 
ATOM   238  C  CD2 . LEU A 1 37 ? -11.199 -0.208  9.016   1.00 24.63 ? 433 LEU A CD2 1 
ATOM   239  N  N   . PHE A 1 38 ? -8.147  0.544   5.467   1.00 21.28 ? 434 PHE A N   1 
ATOM   240  C  CA  . PHE A 1 38 ? -8.337  1.409   4.322   1.00 21.45 ? 434 PHE A CA  1 
ATOM   241  C  C   . PHE A 1 38 ? -9.457  0.943   3.419   1.00 21.89 ? 434 PHE A C   1 
ATOM   242  O  O   . PHE A 1 38 ? -9.992  -0.150  3.577   1.00 21.31 ? 434 PHE A O   1 
ATOM   243  C  CB  . PHE A 1 38 ? -7.039  1.485   3.506   1.00 20.83 ? 434 PHE A CB  1 
ATOM   244  C  CG  . PHE A 1 38 ? -6.737  0.235   2.709   1.00 20.13 ? 434 PHE A CG  1 
ATOM   245  C  CD1 . PHE A 1 38 ? -7.034  0.174   1.351   1.00 20.22 ? 434 PHE A CD1 1 
ATOM   246  C  CD2 . PHE A 1 38 ? -6.135  -0.867  3.310   1.00 19.20 ? 434 PHE A CD2 1 
ATOM   247  C  CE1 . PHE A 1 38 ? -6.726  -0.969  0.599   1.00 22.13 ? 434 PHE A CE1 1 
ATOM   248  C  CE2 . PHE A 1 38 ? -5.821  -2.013  2.575   1.00 20.42 ? 434 PHE A CE2 1 
ATOM   249  C  CZ  . PHE A 1 38 ? -6.114  -2.069  1.216   1.00 20.74 ? 434 PHE A CZ  1 
ATOM   250  N  N   . VAL A 1 39 ? -9.784  1.790   2.455   1.00 21.30 ? 435 VAL A N   1 
ATOM   251  C  CA  . VAL A 1 39 ? -10.824 1.503   1.492   1.00 24.34 ? 435 VAL A CA  1 
ATOM   252  C  C   . VAL A 1 39 ? -10.498 2.271   0.214   1.00 23.72 ? 435 VAL A C   1 
ATOM   253  O  O   . VAL A 1 39 ? -9.927  3.362   0.262   1.00 23.81 ? 435 VAL A O   1 
ATOM   254  C  CB  . VAL A 1 39 ? -12.193 1.988   2.023   1.00 26.10 ? 435 VAL A CB  1 
ATOM   255  C  CG1 . VAL A 1 39 ? -13.186 2.053   0.896   1.00 30.73 ? 435 VAL A CG1 1 
ATOM   256  C  CG2 . VAL A 1 39 ? -12.699 1.055   3.111   1.00 27.06 ? 435 VAL A CG2 1 
ATOM   257  N  N   . ILE A 1 40 ? -10.818 1.684   -0.930  1.00 23.63 ? 436 ILE A N   1 
ATOM   258  C  CA  . ILE A 1 40 ? -10.611 2.366   -2.200  1.00 22.57 ? 436 ILE A CA  1 
ATOM   259  C  C   . ILE A 1 40 ? -12.040 2.644   -2.642  1.00 22.55 ? 436 ILE A C   1 
ATOM   260  O  O   . ILE A 1 40 ? -12.903 1.760   -2.579  1.00 20.51 ? 436 ILE A O   1 
ATOM   261  C  CB  . ILE A 1 40 ? -9.921  1.484   -3.242  1.00 23.86 ? 436 ILE A CB  1 
ATOM   262  C  CG1 . ILE A 1 40 ? -8.581  0.981   -2.700  1.00 23.48 ? 436 ILE A CG1 1 
ATOM   263  C  CG2 . ILE A 1 40 ? -9.695  2.290   -4.525  1.00 22.28 ? 436 ILE A CG2 1 
ATOM   264  C  CD1 . ILE A 1 40 ? -7.597  2.064   -2.443  1.00 24.51 ? 436 ILE A CD1 1 
ATOM   265  N  N   . ARG A 1 41 ? -12.288 3.875   -3.062  1.00 23.36 ? 437 ARG A N   1 
ATOM   266  C  CA  . ARG A 1 41 ? -13.620 4.299   -3.480  1.00 23.31 ? 437 ARG A CA  1 
ATOM   267  C  C   . ARG A 1 41 ? -13.507 5.221   -4.684  1.00 24.28 ? 437 ARG A C   1 
ATOM   268  O  O   . ARG A 1 41 ? -12.436 5.735   -4.985  1.00 24.38 ? 437 ARG A O   1 
ATOM   269  C  CB  . ARG A 1 41 ? -14.293 5.072   -2.332  1.00 18.66 ? 437 ARG A CB  1 
ATOM   270  C  CG  . ARG A 1 41 ? -13.525 6.352   -1.953  1.00 19.43 ? 437 ARG A CG  1 
ATOM   271  C  CD  . ARG A 1 41 ? -13.953 6.976   -0.608  1.00 18.49 ? 437 ARG A CD  1 
ATOM   272  N  NE  . ARG A 1 41 ? -13.142 8.153   -0.278  1.00 19.81 ? 437 ARG A NE  1 
ATOM   273  C  CZ  . ARG A 1 41 ? -13.326 9.375   -0.782  1.00 18.73 ? 437 ARG A CZ  1 
ATOM   274  N  NH1 . ARG A 1 41 ? -14.312 9.608   -1.640  1.00 19.50 ? 437 ARG A NH1 1 
ATOM   275  N  NH2 . ARG A 1 41 ? -12.494 10.363  -0.461  1.00 15.15 ? 437 ARG A NH2 1 
ATOM   276  N  N   . GLN A 1 42 ? -14.624 5.429   -5.366  1.00 26.41 ? 438 GLN A N   1 
ATOM   277  C  CA  . GLN A 1 42 ? -14.654 6.319   -6.509  1.00 29.58 ? 438 GLN A CA  1 
ATOM   278  C  C   . GLN A 1 42 ? -14.754 7.729   -5.933  1.00 29.23 ? 438 GLN A C   1 
ATOM   279  O  O   . GLN A 1 42 ? -15.463 7.956   -4.954  1.00 28.88 ? 438 GLN A O   1 
ATOM   280  C  CB  . GLN A 1 42 ? -15.875 6.008   -7.377  1.00 32.80 ? 438 GLN A CB  1 
ATOM   281  C  CG  . GLN A 1 42 ? -15.868 4.581   -7.939  1.00 39.94 ? 438 GLN A CG  1 
ATOM   282  C  CD  . GLN A 1 42 ? -17.157 4.220   -8.664  1.00 43.50 ? 438 GLN A CD  1 
ATOM   283  O  OE1 . GLN A 1 42 ? -17.551 4.889   -9.622  1.00 45.98 ? 438 GLN A OE1 1 
ATOM   284  N  NE2 . GLN A 1 42 ? -17.820 3.156   -8.209  1.00 44.89 ? 438 GLN A NE2 1 
ATOM   285  N  N   . SER A 1 43 ? -14.022 8.666   -6.518  1.00 28.61 ? 439 SER A N   1 
ATOM   286  C  CA  . SER A 1 43 ? -14.044 10.046  -6.062  1.00 28.82 ? 439 SER A CA  1 
ATOM   287  C  C   . SER A 1 43 ? -15.374 10.702  -6.395  1.00 29.80 ? 439 SER A C   1 
ATOM   288  O  O   . SER A 1 43 ? -15.972 10.426  -7.429  1.00 29.98 ? 439 SER A O   1 
ATOM   289  C  CB  . SER A 1 43 ? -12.918 10.835  -6.734  1.00 28.35 ? 439 SER A CB  1 
ATOM   290  O  OG  . SER A 1 43 ? -13.009 12.219  -6.430  1.00 27.63 ? 439 SER A OG  1 
ATOM   291  N  N   . GLU A 1 44 ? -15.840 11.592  -5.532  1.00 31.26 ? 440 GLU A N   1 
ATOM   292  C  CA  . GLU A 1 44 ? -17.092 12.246  -5.840  1.00 32.19 ? 440 GLU A CA  1 
ATOM   293  C  C   . GLU A 1 44 ? -16.900 13.644  -6.404  1.00 30.90 ? 440 GLU A C   1 
ATOM   294  O  O   . GLU A 1 44 ? -17.840 14.225  -6.926  1.00 32.17 ? 440 GLU A O   1 
ATOM   295  C  CB  . GLU A 1 44 ? -18.025 12.242  -4.621  1.00 35.71 ? 440 GLU A CB  1 
ATOM   296  C  CG  . GLU A 1 44 ? -17.533 12.897  -3.360  1.00 38.71 ? 440 GLU A CG  1 
ATOM   297  C  CD  . GLU A 1 44 ? -18.371 12.469  -2.155  1.00 42.00 ? 440 GLU A CD  1 
ATOM   298  O  OE1 . GLU A 1 44 ? -19.568 12.156  -2.342  1.00 43.42 ? 440 GLU A OE1 1 
ATOM   299  O  OE2 . GLU A 1 44 ? -17.843 12.449  -1.022  1.00 43.41 ? 440 GLU A OE2 1 
ATOM   300  N  N   . THR A 1 45 ? -15.678 14.169  -6.338  1.00 29.07 ? 441 THR A N   1 
ATOM   301  C  CA  . THR A 1 45 ? -15.394 15.499  -6.876  1.00 27.98 ? 441 THR A CA  1 
ATOM   302  C  C   . THR A 1 45 ? -14.657 15.430  -8.210  1.00 28.59 ? 441 THR A C   1 
ATOM   303  O  O   . THR A 1 45 ? -14.613 16.417  -8.944  1.00 26.50 ? 441 THR A O   1 
ATOM   304  C  CB  . THR A 1 45 ? -14.543 16.356  -5.907  1.00 27.33 ? 441 THR A CB  1 
ATOM   305  O  OG1 . THR A 1 45 ? -13.285 15.708  -5.665  1.00 27.87 ? 441 THR A OG1 1 
ATOM   306  C  CG2 . THR A 1 45 ? -15.287 16.575  -4.586  1.00 26.61 ? 441 THR A CG2 1 
ATOM   307  N  N   . ARG A 1 46 ? -14.062 14.274  -8.504  1.00 28.77 ? 442 ARG A N   1 
ATOM   308  C  CA  . ARG A 1 46 ? -13.337 14.051  -9.760  1.00 31.18 ? 442 ARG A CA  1 
ATOM   309  C  C   . ARG A 1 46 ? -13.827 12.715  -10.329 1.00 31.68 ? 442 ARG A C   1 
ATOM   310  O  O   . ARG A 1 46 ? -13.185 11.679  -10.154 1.00 30.94 ? 442 ARG A O   1 
ATOM   311  C  CB  . ARG A 1 46 ? -11.834 13.983  -9.495  1.00 33.57 ? 442 ARG A CB  1 
ATOM   312  C  CG  . ARG A 1 46 ? -11.272 15.173  -8.737  1.00 36.62 ? 442 ARG A CG  1 
ATOM   313  C  CD  . ARG A 1 46 ? -9.916  14.798  -8.163  1.00 41.54 ? 442 ARG A CD  1 
ATOM   314  N  NE  . ARG A 1 46 ? -9.187  15.921  -7.578  1.00 46.72 ? 442 ARG A NE  1 
ATOM   315  C  CZ  . ARG A 1 46 ? -9.550  16.575  -6.478  1.00 47.79 ? 442 ARG A CZ  1 
ATOM   316  N  NH1 . ARG A 1 46 ? -10.650 16.223  -5.827  1.00 50.10 ? 442 ARG A NH1 1 
ATOM   317  N  NH2 . ARG A 1 46 ? -8.801  17.571  -6.019  1.00 48.80 ? 442 ARG A NH2 1 
ATOM   318  N  N   . PRO A 1 47 ? -14.973 12.735  -11.030 1.00 32.46 ? 443 PRO A N   1 
ATOM   319  C  CA  . PRO A 1 47 ? -15.639 11.582  -11.651 1.00 34.72 ? 443 PRO A CA  1 
ATOM   320  C  C   . PRO A 1 47 ? -14.771 10.440  -12.177 1.00 36.47 ? 443 PRO A C   1 
ATOM   321  O  O   . PRO A 1 47 ? -15.079 9.267   -11.962 1.00 37.98 ? 443 PRO A O   1 
ATOM   322  C  CB  . PRO A 1 47 ? -16.484 12.229  -12.745 1.00 34.91 ? 443 PRO A CB  1 
ATOM   323  C  CG  . PRO A 1 47 ? -16.908 13.503  -12.081 1.00 34.11 ? 443 PRO A CG  1 
ATOM   324  C  CD  . PRO A 1 47 ? -15.604 13.991  -11.475 1.00 31.58 ? 443 PRO A CD  1 
ATOM   325  N  N   . GLY A 1 48 ? -13.680 10.766  -12.852 1.00 37.58 ? 444 GLY A N   1 
ATOM   326  C  CA  . GLY A 1 48 ? -12.848 9.704   -13.386 1.00 38.54 ? 444 GLY A CA  1 
ATOM   327  C  C   . GLY A 1 48 ? -11.936 8.956   -12.431 1.00 38.57 ? 444 GLY A C   1 
ATOM   328  O  O   . GLY A 1 48 ? -11.541 7.824   -12.723 1.00 38.27 ? 444 GLY A O   1 
ATOM   329  N  N   . GLU A 1 49 ? -11.601 9.548   -11.291 1.00 38.31 ? 445 GLU A N   1 
ATOM   330  C  CA  . GLU A 1 49 ? -10.675 8.875   -10.399 1.00 37.68 ? 445 GLU A CA  1 
ATOM   331  C  C   . GLU A 1 49 ? -11.202 8.202   -9.143  1.00 36.29 ? 445 GLU A C   1 
ATOM   332  O  O   . GLU A 1 49 ? -12.396 8.233   -8.838  1.00 35.91 ? 445 GLU A O   1 
ATOM   333  C  CB  . GLU A 1 49 ? -9.521  9.811   -10.056 1.00 40.15 ? 445 GLU A CB  1 
ATOM   334  C  CG  . GLU A 1 49 ? -9.913  11.191  -9.628  1.00 43.83 ? 445 GLU A CG  1 
ATOM   335  C  CD  . GLU A 1 49 ? -8.819  12.195  -9.928  1.00 46.45 ? 445 GLU A CD  1 
ATOM   336  O  OE1 . GLU A 1 49 ? -8.629  12.512  -11.122 1.00 47.99 ? 445 GLU A OE1 1 
ATOM   337  O  OE2 . GLU A 1 49 ? -8.146  12.658  -8.979  1.00 48.08 ? 445 GLU A OE2 1 
ATOM   338  N  N   . CYS A 1 50 ? -10.285 7.536   -8.454  1.00 34.76 ? 446 CYS A N   1 
ATOM   339  C  CA  . CYS A 1 50 ? -10.589 6.824   -7.228  1.00 33.14 ? 446 CYS A CA  1 
ATOM   340  C  C   . CYS A 1 50 ? -9.792  7.475   -6.110  1.00 31.10 ? 446 CYS A C   1 
ATOM   341  O  O   . CYS A 1 50 ? -8.842  8.224   -6.359  1.00 30.92 ? 446 CYS A O   1 
ATOM   342  C  CB  . CYS A 1 50 ? -10.184 5.352   -7.345  1.00 33.63 ? 446 CYS A CB  1 
ATOM   343  S  SG  . CYS A 1 50 ? -11.265 4.302   -8.360  1.00 39.04 ? 446 CYS A SG  1 
ATOM   344  N  N   . VAL A 1 51 ? -10.184 7.188   -4.880  1.00 27.61 ? 447 VAL A N   1 
ATOM   345  C  CA  . VAL A 1 51 ? -9.494  7.734   -3.731  1.00 25.24 ? 447 VAL A CA  1 
ATOM   346  C  C   . VAL A 1 51 ? -9.157  6.613   -2.774  1.00 24.91 ? 447 VAL A C   1 
ATOM   347  O  O   . VAL A 1 51 ? -9.927  5.658   -2.618  1.00 25.02 ? 447 VAL A O   1 
ATOM   348  C  CB  . VAL A 1 51 ? -10.361 8.758   -2.965  1.00 26.12 ? 447 VAL A CB  1 
ATOM   349  C  CG1 . VAL A 1 51 ? -9.613  9.245   -1.711  1.00 25.23 ? 447 VAL A CG1 1 
ATOM   350  C  CG2 . VAL A 1 51 ? -10.695 9.933   -3.874  1.00 24.82 ? 447 VAL A CG2 1 
ATOM   351  N  N   . LEU A 1 52 ? -7.989  6.718   -2.157  1.00 23.11 ? 448 LEU A N   1 
ATOM   352  C  CA  . LEU A 1 52 ? -7.567  5.745   -1.168  1.00 22.54 ? 448 LEU A CA  1 
ATOM   353  C  C   . LEU A 1 52 ? -7.800  6.436   0.172   1.00 21.60 ? 448 LEU A C   1 
ATOM   354  O  O   . LEU A 1 52 ? -7.178  7.456   0.460   1.00 22.47 ? 448 LEU A O   1 
ATOM   355  C  CB  . LEU A 1 52 ? -6.085  5.408   -1.331  1.00 22.54 ? 448 LEU A CB  1 
ATOM   356  C  CG  . LEU A 1 52 ? -5.429  4.818   -0.077  1.00 24.33 ? 448 LEU A CG  1 
ATOM   357  C  CD1 . LEU A 1 52 ? -6.085  3.503   0.275   1.00 24.10 ? 448 LEU A CD1 1 
ATOM   358  C  CD2 . LEU A 1 52 ? -3.932  4.634   -0.316  1.00 25.08 ? 448 LEU A CD2 1 
ATOM   359  N  N   . THR A 1 53 ? -8.711  5.904   0.974   1.00 21.11 ? 449 THR A N   1 
ATOM   360  C  CA  . THR A 1 53 ? -9.001  6.490   2.276   1.00 20.68 ? 449 THR A CA  1 
ATOM   361  C  C   . THR A 1 53 ? -8.514  5.545   3.360   1.00 21.17 ? 449 THR A C   1 
ATOM   362  O  O   . THR A 1 53 ? -8.916  4.387   3.416   1.00 22.05 ? 449 THR A O   1 
ATOM   363  C  CB  . THR A 1 53 ? -10.509 6.723   2.458   1.00 20.95 ? 449 THR A CB  1 
ATOM   364  O  OG1 . THR A 1 53 ? -10.953 7.720   1.525   1.00 21.63 ? 449 THR A OG1 1 
ATOM   365  C  CG2 . THR A 1 53 ? -10.814 7.174   3.882   1.00 19.39 ? 449 THR A CG2 1 
ATOM   366  N  N   . PHE A 1 54 ? -7.642  6.027   4.230   1.00 21.43 ? 450 PHE A N   1 
ATOM   367  C  CA  . PHE A 1 54 ? -7.150  5.154   5.273   1.00 22.06 ? 450 PHE A CA  1 
ATOM   368  C  C   . PHE A 1 54 ? -7.023  5.817   6.634   1.00 22.48 ? 450 PHE A C   1 
ATOM   369  O  O   . PHE A 1 54 ? -7.062  7.043   6.770   1.00 21.98 ? 450 PHE A O   1 
ATOM   370  C  CB  . PHE A 1 54 ? -5.808  4.538   4.852   1.00 21.72 ? 450 PHE A CB  1 
ATOM   371  C  CG  . PHE A 1 54 ? -4.683  5.533   4.754   1.00 22.02 ? 450 PHE A CG  1 
ATOM   372  C  CD1 . PHE A 1 54 ? -3.769  5.671   5.795   1.00 21.97 ? 450 PHE A CD1 1 
ATOM   373  C  CD2 . PHE A 1 54 ? -4.540  6.332   3.626   1.00 20.06 ? 450 PHE A CD2 1 
ATOM   374  C  CE1 . PHE A 1 54 ? -2.727  6.592   5.702   1.00 21.69 ? 450 PHE A CE1 1 
ATOM   375  C  CE2 . PHE A 1 54 ? -3.504  7.252   3.528   1.00 19.82 ? 450 PHE A CE2 1 
ATOM   376  C  CZ  . PHE A 1 54 ? -2.598  7.384   4.562   1.00 19.21 ? 450 PHE A CZ  1 
ATOM   377  N  N   . ASN A 1 55 ? -6.870  4.964   7.637   1.00 23.92 ? 451 ASN A N   1 
ATOM   378  C  CA  . ASN A 1 55 ? -6.731  5.382   9.016   1.00 23.77 ? 451 ASN A CA  1 
ATOM   379  C  C   . ASN A 1 55 ? -5.257  5.453   9.388   1.00 24.55 ? 451 ASN A C   1 
ATOM   380  O  O   . ASN A 1 55 ? -4.552  4.457   9.314   1.00 25.14 ? 451 ASN A O   1 
ATOM   381  C  CB  . ASN A 1 55 ? -7.434  4.366   9.920   1.00 23.70 ? 451 ASN A CB  1 
ATOM   382  C  CG  . ASN A 1 55 ? -7.276  4.680   11.396  1.00 24.49 ? 451 ASN A CG  1 
ATOM   383  O  OD1 . ASN A 1 55 ? -6.242  5.179   11.829  1.00 23.58 ? 451 ASN A OD1 1 
ATOM   384  N  ND2 . ASN A 1 55 ? -8.299  4.365   12.180  1.00 24.75 ? 451 ASN A ND2 1 
ATOM   385  N  N   . PHE A 1 56 ? -4.781  6.634   9.760   1.00 26.08 ? 452 PHE A N   1 
ATOM   386  C  CA  . PHE A 1 56 ? -3.398  6.749   10.204  1.00 28.25 ? 452 PHE A CA  1 
ATOM   387  C  C   . PHE A 1 56 ? -3.419  7.261   11.635  1.00 28.51 ? 452 PHE A C   1 
ATOM   388  O  O   . PHE A 1 56 ? -3.726  8.431   11.880  1.00 28.05 ? 452 PHE A O   1 
ATOM   389  C  CB  . PHE A 1 56 ? -2.575  7.709   9.353   1.00 28.57 ? 452 PHE A CB  1 
ATOM   390  C  CG  . PHE A 1 56 ? -1.103  7.653   9.664   1.00 30.59 ? 452 PHE A CG  1 
ATOM   391  C  CD1 . PHE A 1 56 ? -0.309  6.640   9.140   1.00 29.91 ? 452 PHE A CD1 1 
ATOM   392  C  CD2 . PHE A 1 56 ? -0.519  8.581   10.531  1.00 31.85 ? 452 PHE A CD2 1 
ATOM   393  C  CE1 . PHE A 1 56 ? 1.050   6.541   9.470   1.00 30.91 ? 452 PHE A CE1 1 
ATOM   394  C  CE2 . PHE A 1 56 ? 0.841   8.496   10.872  1.00 31.97 ? 452 PHE A CE2 1 
ATOM   395  C  CZ  . PHE A 1 56 ? 1.626   7.470   10.340  1.00 31.22 ? 452 PHE A CZ  1 
ATOM   396  N  N   . GLN A 1 57 ? -3.113  6.369   12.574  1.00 29.62 ? 453 GLN A N   1 
ATOM   397  C  CA  . GLN A 1 57 ? -3.092  6.718   13.991  1.00 31.59 ? 453 GLN A CA  1 
ATOM   398  C  C   . GLN A 1 57 ? -4.353  7.431   14.469  1.00 31.63 ? 453 GLN A C   1 
ATOM   399  O  O   . GLN A 1 57 ? -4.267  8.399   15.221  1.00 31.80 ? 453 GLN A O   1 
ATOM   400  C  CB  . GLN A 1 57 ? -1.881  7.596   14.300  1.00 32.57 ? 453 GLN A CB  1 
ATOM   401  C  CG  . GLN A 1 57 ? -0.542  6.907   14.111  1.00 36.91 ? 453 GLN A CG  1 
ATOM   402  C  CD  . GLN A 1 57 ? 0.631   7.813   14.470  1.00 40.65 ? 453 GLN A CD  1 
ATOM   403  O  OE1 . GLN A 1 57 ? 1.794   7.418   14.355  1.00 42.50 ? 453 GLN A OE1 1 
ATOM   404  N  NE2 . GLN A 1 57 ? 0.326   9.036   14.909  1.00 40.96 ? 453 GLN A NE2 1 
ATOM   405  N  N   . GLY A 1 58 ? -5.519  6.971   14.029  1.00 30.71 ? 454 GLY A N   1 
ATOM   406  C  CA  . GLY A 1 58 ? -6.755  7.587   14.484  1.00 30.35 ? 454 GLY A CA  1 
ATOM   407  C  C   . GLY A 1 58 ? -7.305  8.742   13.668  1.00 32.18 ? 454 GLY A C   1 
ATOM   408  O  O   . GLY A 1 58 ? -8.330  9.326   14.034  1.00 32.65 ? 454 GLY A O   1 
ATOM   409  N  N   . LYS A 1 59 ? -6.635  9.089   12.574  1.00 32.02 ? 455 LYS A N   1 
ATOM   410  C  CA  . LYS A 1 59 ? -7.108  10.165  11.715  1.00 32.08 ? 455 LYS A CA  1 
ATOM   411  C  C   . LYS A 1 59 ? -7.311  9.650   10.288  1.00 31.36 ? 455 LYS A C   1 
ATOM   412  O  O   . LYS A 1 59 ? -6.553  8.806   9.807   1.00 29.91 ? 455 LYS A O   1 
ATOM   413  C  CB  . LYS A 1 59 ? -6.119  11.333  11.718  1.00 35.82 ? 455 LYS A CB  1 
ATOM   414  C  CG  . LYS A 1 59 ? -6.223  12.220  12.951  1.00 41.25 ? 455 LYS A CG  1 
ATOM   415  C  CD  . LYS A 1 59 ? -5.707  13.637  12.663  1.00 44.80 ? 455 LYS A CD  1 
ATOM   416  C  CE  . LYS A 1 59 ? -6.339  14.661  13.612  1.00 47.24 ? 455 LYS A CE  1 
ATOM   417  N  NZ  . LYS A 1 59 ? -6.254  16.056  13.073  1.00 48.88 ? 455 LYS A NZ  1 
ATOM   418  N  N   . ALA A 1 60 ? -8.339  10.157  9.618   1.00 30.35 ? 456 ALA A N   1 
ATOM   419  C  CA  . ALA A 1 60 ? -8.645  9.737   8.254   1.00 30.00 ? 456 ALA A CA  1 
ATOM   420  C  C   . ALA A 1 60 ? -7.845  10.512  7.216   1.00 29.22 ? 456 ALA A C   1 
ATOM   421  O  O   . ALA A 1 60 ? -7.792  11.740  7.247   1.00 29.62 ? 456 ALA A O   1 
ATOM   422  C  CB  . ALA A 1 60 ? -10.133 9.899   7.984   1.00 29.57 ? 456 ALA A CB  1 
ATOM   423  N  N   . LYS A 1 61 ? -7.216  9.783   6.303   1.00 27.69 ? 457 LYS A N   1 
ATOM   424  C  CA  . LYS A 1 61 ? -6.436  10.400  5.238   1.00 27.92 ? 457 LYS A CA  1 
ATOM   425  C  C   . LYS A 1 61 ? -7.055  10.000  3.901   1.00 28.11 ? 457 LYS A C   1 
ATOM   426  O  O   . LYS A 1 61 ? -7.610  8.907   3.762   1.00 28.30 ? 457 LYS A O   1 
ATOM   427  C  CB  . LYS A 1 61 ? -4.981  9.932   5.311   1.00 28.20 ? 457 LYS A CB  1 
ATOM   428  C  CG  . LYS A 1 61 ? -4.319  10.184  6.671   1.00 29.88 ? 457 LYS A CG  1 
ATOM   429  C  CD  . LYS A 1 61 ? -4.210  11.681  6.985   1.00 30.83 ? 457 LYS A CD  1 
ATOM   430  C  CE  . LYS A 1 61 ? -3.636  11.910  8.385   1.00 33.91 ? 457 LYS A CE  1 
ATOM   431  N  NZ  . LYS A 1 61 ? -3.511  13.366  8.723   1.00 35.41 ? 457 LYS A NZ  1 
ATOM   432  N  N   . HIS A 1 62 ? -6.959  10.891  2.924   1.00 28.51 ? 458 HIS A N   1 
ATOM   433  C  CA  . HIS A 1 62 ? -7.519  10.657  1.604   1.00 28.50 ? 458 HIS A CA  1 
ATOM   434  C  C   . HIS A 1 62 ? -6.437  10.895  0.567   1.00 29.42 ? 458 HIS A C   1 
ATOM   435  O  O   . HIS A 1 62 ? -5.932  12.007  0.437   1.00 30.11 ? 458 HIS A O   1 
ATOM   436  C  CB  . HIS A 1 62 ? -8.678  11.617  1.374   1.00 26.22 ? 458 HIS A CB  1 
ATOM   437  C  CG  . HIS A 1 62 ? -9.779  11.481  2.378   1.00 28.34 ? 458 HIS A CG  1 
ATOM   438  N  ND1 . HIS A 1 62 ? -10.741 10.496  2.302   1.00 26.18 ? 458 HIS A ND1 1 
ATOM   439  C  CD2 . HIS A 1 62 ? -10.078 12.217  3.477   1.00 27.66 ? 458 HIS A CD2 1 
ATOM   440  C  CE1 . HIS A 1 62 ? -11.590 10.635  3.305   1.00 25.95 ? 458 HIS A CE1 1 
ATOM   441  N  NE2 . HIS A 1 62 ? -11.211 11.670  4.033   1.00 28.69 ? 458 HIS A NE2 1 
ATOM   442  N  N   . LEU A 1 63 ? -6.083  9.850   -0.168  1.00 29.85 ? 459 LEU A N   1 
ATOM   443  C  CA  . LEU A 1 63 ? -5.047  9.947   -1.189  1.00 29.96 ? 459 LEU A CA  1 
ATOM   444  C  C   . LEU A 1 63 ? -5.652  9.767   -2.579  1.00 29.58 ? 459 LEU A C   1 
ATOM   445  O  O   . LEU A 1 63 ? -6.248  8.728   -2.868  1.00 28.19 ? 459 LEU A O   1 
ATOM   446  C  CB  . LEU A 1 63 ? -3.990  8.867   -0.952  1.00 30.60 ? 459 LEU A CB  1 
ATOM   447  C  CG  . LEU A 1 63 ? -2.714  8.957   -1.794  1.00 33.85 ? 459 LEU A CG  1 
ATOM   448  C  CD1 . LEU A 1 63 ? -1.808  10.068  -1.222  1.00 33.55 ? 459 LEU A CD1 1 
ATOM   449  C  CD2 . LEU A 1 63 ? -1.985  7.619   -1.769  1.00 33.54 ? 459 LEU A CD2 1 
ATOM   450  N  N   . ARG A 1 64 ? -5.504  10.783  -3.429  1.00 29.51 ? 460 ARG A N   1 
ATOM   451  C  CA  . ARG A 1 64 ? -6.030  10.729  -4.797  1.00 31.11 ? 460 ARG A CA  1 
ATOM   452  C  C   . ARG A 1 64 ? -5.219  9.721   -5.599  1.00 31.49 ? 460 ARG A C   1 
ATOM   453  O  O   . ARG A 1 64 ? -3.996  9.777   -5.600  1.00 31.83 ? 460 ARG A O   1 
ATOM   454  C  CB  . ARG A 1 64 ? -5.920  12.106  -5.459  1.00 29.49 ? 460 ARG A CB  1 
ATOM   455  N  N   . LEU A 1 65 ? -5.878  8.797   -6.281  1.00 31.70 ? 461 LEU A N   1 
ATOM   456  C  CA  . LEU A 1 65 ? -5.136  7.809   -7.056  1.00 32.91 ? 461 LEU A CA  1 
ATOM   457  C  C   . LEU A 1 65 ? -4.953  8.229   -8.515  1.00 33.31 ? 461 LEU A C   1 
ATOM   458  O  O   . LEU A 1 65 ? -5.849  8.824   -9.117  1.00 34.05 ? 461 LEU A O   1 
ATOM   459  C  CB  . LEU A 1 65 ? -5.838  6.454   -6.966  1.00 32.70 ? 461 LEU A CB  1 
ATOM   460  C  CG  . LEU A 1 65 ? -5.870  5.923   -5.526  1.00 34.67 ? 461 LEU A CG  1 
ATOM   461  C  CD1 . LEU A 1 65 ? -6.697  4.648   -5.434  1.00 35.35 ? 461 LEU A CD1 1 
ATOM   462  C  CD2 . LEU A 1 65 ? -4.441  5.663   -5.065  1.00 33.83 ? 461 LEU A CD2 1 
ATOM   463  N  N   . HIS A 1 70 ? 0.539   4.292   -18.555 1.00 56.21 ? 466 HIS A N   1 
ATOM   464  C  CA  . HIS A 1 70 ? 0.087   3.617   -17.341 1.00 54.81 ? 466 HIS A CA  1 
ATOM   465  C  C   . HIS A 1 70 ? -0.123  2.126   -17.598 1.00 54.06 ? 466 HIS A C   1 
ATOM   466  O  O   . HIS A 1 70 ? 0.835   1.382   -17.816 1.00 53.73 ? 466 HIS A O   1 
ATOM   467  C  CB  . HIS A 1 70 ? -1.219  4.246   -16.843 1.00 55.24 ? 466 HIS A CB  1 
ATOM   468  N  N   . GLY A 1 71 ? -1.385  1.700   -17.572 1.00 53.18 ? 467 GLY A N   1 
ATOM   469  C  CA  . GLY A 1 71 ? -1.710  0.303   -17.795 1.00 51.08 ? 467 GLY A CA  1 
ATOM   470  C  C   . GLY A 1 71 ? -1.297  -0.600  -16.645 1.00 50.33 ? 467 GLY A C   1 
ATOM   471  O  O   . GLY A 1 71 ? -1.315  -1.822  -16.788 1.00 50.56 ? 467 GLY A O   1 
ATOM   472  N  N   . GLN A 1 72 ? -0.932  -0.011  -15.504 1.00 48.88 ? 468 GLN A N   1 
ATOM   473  C  CA  . GLN A 1 72 ? -0.512  -0.802  -14.352 1.00 47.68 ? 468 GLN A CA  1 
ATOM   474  C  C   . GLN A 1 72 ? -1.623  -0.984  -13.320 1.00 46.34 ? 468 GLN A C   1 
ATOM   475  O  O   . GLN A 1 72 ? -1.348  -1.245  -12.145 1.00 44.96 ? 468 GLN A O   1 
ATOM   476  C  CB  . GLN A 1 72 ? 0.675   -0.130  -13.667 1.00 48.55 ? 468 GLN A CB  1 
ATOM   477  C  CG  . GLN A 1 72 ? 1.877   0.107   -14.552 1.00 49.84 ? 468 GLN A CG  1 
ATOM   478  C  CD  . GLN A 1 72 ? 3.077   0.557   -13.748 1.00 50.34 ? 468 GLN A CD  1 
ATOM   479  O  OE1 . GLN A 1 72 ? 3.002   1.531   -12.995 1.00 49.83 ? 468 GLN A OE1 1 
ATOM   480  N  NE2 . GLN A 1 72 ? 4.192   -0.152  -13.898 1.00 50.29 ? 468 GLN A NE2 1 
ATOM   481  N  N   . CYS A 1 73 ? -2.874  -0.845  -13.748 1.00 44.42 ? 469 CYS A N   1 
ATOM   482  C  CA  . CYS A 1 73 ? -3.989  -0.981  -12.827 1.00 43.92 ? 469 CYS A CA  1 
ATOM   483  C  C   . CYS A 1 73 ? -4.049  -2.350  -12.173 1.00 41.51 ? 469 CYS A C   1 
ATOM   484  O  O   . CYS A 1 73 ? -4.371  -2.453  -10.991 1.00 40.55 ? 469 CYS A O   1 
ATOM   485  C  CB  . CYS A 1 73 ? -5.317  -0.677  -13.532 1.00 45.89 ? 469 CYS A CB  1 
ATOM   486  S  SG  . CYS A 1 73 ? -5.644  1.100   -13.745 1.00 53.15 ? 469 CYS A SG  1 
ATOM   487  N  N   . HIS A 1 74 ? -3.741  -3.400  -12.928 1.00 38.63 ? 470 HIS A N   1 
ATOM   488  C  CA  . HIS A 1 74 ? -3.775  -4.745  -12.367 1.00 37.46 ? 470 HIS A CA  1 
ATOM   489  C  C   . HIS A 1 74 ? -2.734  -4.889  -11.263 1.00 35.20 ? 470 HIS A C   1 
ATOM   490  O  O   . HIS A 1 74 ? -3.043  -5.374  -10.182 1.00 34.39 ? 470 HIS A O   1 
ATOM   491  C  CB  . HIS A 1 74 ? -3.534  -5.797  -13.450 1.00 37.23 ? 470 HIS A CB  1 
ATOM   492  C  CG  . HIS A 1 74 ? -3.512  -7.198  -12.926 1.00 37.04 ? 470 HIS A CG  1 
ATOM   493  N  ND1 . HIS A 1 74 ? -4.616  -7.798  -12.360 1.00 37.24 ? 470 HIS A ND1 1 
ATOM   494  C  CD2 . HIS A 1 74 ? -2.515  -8.114  -12.868 1.00 37.10 ? 470 HIS A CD2 1 
ATOM   495  C  CE1 . HIS A 1 74 ? -4.303  -9.023  -11.978 1.00 36.60 ? 470 HIS A CE1 1 
ATOM   496  N  NE2 . HIS A 1 74 ? -3.034  -9.241  -12.275 1.00 36.78 ? 470 HIS A NE2 1 
ATOM   497  N  N   . VAL A 1 75 ? -1.507  -4.459  -11.542 1.00 34.13 ? 471 VAL A N   1 
ATOM   498  C  CA  . VAL A 1 75 ? -0.436  -4.530  -10.560 1.00 33.34 ? 471 VAL A CA  1 
ATOM   499  C  C   . VAL A 1 75 ? -0.849  -3.731  -9.329  1.00 32.53 ? 471 VAL A C   1 
ATOM   500  O  O   . VAL A 1 75 ? -0.583  -4.128  -8.199  1.00 31.29 ? 471 VAL A O   1 
ATOM   501  C  CB  . VAL A 1 75 ? 0.873   -3.959  -11.140 1.00 32.66 ? 471 VAL A CB  1 
ATOM   502  C  CG1 . VAL A 1 75 ? 1.932   -3.838  -10.043 1.00 31.65 ? 471 VAL A CG1 1 
ATOM   503  C  CG2 . VAL A 1 75 ? 1.365   -4.870  -12.257 1.00 32.70 ? 471 VAL A CG2 1 
ATOM   504  N  N   . GLN A 1 76 ? -1.510  -2.603  -9.565  1.00 32.42 ? 472 GLN A N   1 
ATOM   505  C  CA  . GLN A 1 76 ? -1.980  -1.744  -8.485  1.00 32.84 ? 472 GLN A CA  1 
ATOM   506  C  C   . GLN A 1 76 ? -2.926  -2.542  -7.592  1.00 31.41 ? 472 GLN A C   1 
ATOM   507  O  O   . GLN A 1 76 ? -2.864  -2.451  -6.364  1.00 31.64 ? 472 GLN A O   1 
ATOM   508  C  CB  . GLN A 1 76 ? -2.726  -0.542  -9.068  1.00 35.11 ? 472 GLN A CB  1 
ATOM   509  C  CG  . GLN A 1 76 ? -3.086  0.539   -8.063  1.00 40.44 ? 472 GLN A CG  1 
ATOM   510  C  CD  . GLN A 1 76 ? -1.982  1.576   -7.888  1.00 43.65 ? 472 GLN A CD  1 
ATOM   511  O  OE1 . GLN A 1 76 ? -2.128  2.544   -7.129  1.00 44.80 ? 472 GLN A OE1 1 
ATOM   512  N  NE2 . GLN A 1 76 ? -0.873  1.384   -8.598  1.00 44.27 ? 472 GLN A NE2 1 
ATOM   513  N  N   . HIS A 1 77 ? -3.800  -3.325  -8.218  1.00 29.36 ? 473 HIS A N   1 
ATOM   514  C  CA  . HIS A 1 77 ? -4.757  -4.144  -7.480  1.00 29.09 ? 473 HIS A CA  1 
ATOM   515  C  C   . HIS A 1 77 ? -4.032  -5.193  -6.648  1.00 28.18 ? 473 HIS A C   1 
ATOM   516  O  O   . HIS A 1 77 ? -4.413  -5.456  -5.506  1.00 28.24 ? 473 HIS A O   1 
ATOM   517  C  CB  . HIS A 1 77 ? -5.732  -4.847  -8.436  1.00 29.39 ? 473 HIS A CB  1 
ATOM   518  C  CG  . HIS A 1 77 ? -6.584  -3.910  -9.238  1.00 30.01 ? 473 HIS A CG  1 
ATOM   519  N  ND1 . HIS A 1 77 ? -7.413  -4.344  -10.251 1.00 30.78 ? 473 HIS A ND1 1 
ATOM   520  C  CD2 . HIS A 1 77 ? -6.735  -2.565  -9.180  1.00 30.81 ? 473 HIS A CD2 1 
ATOM   521  C  CE1 . HIS A 1 77 ? -8.037  -3.307  -10.783 1.00 30.42 ? 473 HIS A CE1 1 
ATOM   522  N  NE2 . HIS A 1 77 ? -7.642  -2.215  -10.152 1.00 28.98 ? 473 HIS A NE2 1 
ATOM   523  N  N   . LEU A 1 78 ? -2.994  -5.796  -7.214  1.00 26.13 ? 474 LEU A N   1 
ATOM   524  C  CA  . LEU A 1 78 ? -2.252  -6.811  -6.482  1.00 25.30 ? 474 LEU A CA  1 
ATOM   525  C  C   . LEU A 1 78 ? -1.627  -6.169  -5.240  1.00 24.09 ? 474 LEU A C   1 
ATOM   526  O  O   . LEU A 1 78 ? -1.591  -6.775  -4.173  1.00 23.25 ? 474 LEU A O   1 
ATOM   527  C  CB  . LEU A 1 78 ? -1.169  -7.438  -7.370  1.00 25.16 ? 474 LEU A CB  1 
ATOM   528  C  CG  . LEU A 1 78 ? -1.579  -8.082  -8.699  1.00 26.28 ? 474 LEU A CG  1 
ATOM   529  C  CD1 . LEU A 1 78 ? -0.379  -8.837  -9.249  1.00 25.75 ? 474 LEU A CD1 1 
ATOM   530  C  CD2 . LEU A 1 78 ? -2.743  -9.050  -8.507  1.00 25.64 ? 474 LEU A CD2 1 
ATOM   531  N  N   . TRP A 1 79 ? -1.148  -4.938  -5.384  1.00 20.71 ? 475 TRP A N   1 
ATOM   532  C  CA  . TRP A 1 79 ? -0.553  -4.236  -4.263  1.00 22.15 ? 475 TRP A CA  1 
ATOM   533  C  C   . TRP A 1 79 ? -1.588  -4.058  -3.143  1.00 22.65 ? 475 TRP A C   1 
ATOM   534  O  O   . TRP A 1 79 ? -1.347  -4.444  -2.001  1.00 20.39 ? 475 TRP A O   1 
ATOM   535  C  CB  . TRP A 1 79 ? -0.047  -2.868  -4.726  1.00 22.10 ? 475 TRP A CB  1 
ATOM   536  C  CG  . TRP A 1 79 ? 0.325   -1.937  -3.610  1.00 23.94 ? 475 TRP A CG  1 
ATOM   537  C  CD1 . TRP A 1 79 ? -0.159  -0.677  -3.398  1.00 24.26 ? 475 TRP A CD1 1 
ATOM   538  C  CD2 . TRP A 1 79 ? 1.319   -2.156  -2.608  1.00 23.10 ? 475 TRP A CD2 1 
ATOM   539  N  NE1 . TRP A 1 79 ? 0.478   -0.095  -2.331  1.00 23.83 ? 475 TRP A NE1 1 
ATOM   540  C  CE2 . TRP A 1 79 ? 1.391   -0.983  -1.827  1.00 23.98 ? 475 TRP A CE2 1 
ATOM   541  C  CE3 . TRP A 1 79 ? 2.158   -3.228  -2.296  1.00 23.62 ? 475 TRP A CE3 1 
ATOM   542  C  CZ2 . TRP A 1 79 ? 2.272   -0.848  -0.757  1.00 24.11 ? 475 TRP A CZ2 1 
ATOM   543  C  CZ3 . TRP A 1 79 ? 3.035   -3.098  -1.234  1.00 24.13 ? 475 TRP A CZ3 1 
ATOM   544  C  CH2 . TRP A 1 79 ? 3.086   -1.916  -0.476  1.00 25.44 ? 475 TRP A CH2 1 
ATOM   545  N  N   . PHE A 1 80 ? -2.739  -3.481  -3.476  1.00 22.23 ? 476 PHE A N   1 
ATOM   546  C  CA  . PHE A 1 80 ? -3.761  -3.262  -2.466  1.00 24.61 ? 476 PHE A CA  1 
ATOM   547  C  C   . PHE A 1 80 ? -4.248  -4.562  -1.861  1.00 23.85 ? 476 PHE A C   1 
ATOM   548  O  O   . PHE A 1 80 ? -4.548  -4.614  -0.680  1.00 24.27 ? 476 PHE A O   1 
ATOM   549  C  CB  . PHE A 1 80 ? -4.930  -2.461  -3.048  1.00 26.00 ? 476 PHE A CB  1 
ATOM   550  C  CG  . PHE A 1 80 ? -4.577  -1.038  -3.357  1.00 29.67 ? 476 PHE A CG  1 
ATOM   551  C  CD1 . PHE A 1 80 ? -3.982  -0.234  -2.387  1.00 29.19 ? 476 PHE A CD1 1 
ATOM   552  C  CD2 . PHE A 1 80 ? -4.833  -0.497  -4.606  1.00 31.36 ? 476 PHE A CD2 1 
ATOM   553  C  CE1 . PHE A 1 80 ? -3.650  1.072   -2.658  1.00 30.58 ? 476 PHE A CE1 1 
ATOM   554  C  CE2 . PHE A 1 80 ? -4.500  0.822   -4.884  1.00 31.44 ? 476 PHE A CE2 1 
ATOM   555  C  CZ  . PHE A 1 80 ? -3.909  1.603   -3.911  1.00 30.39 ? 476 PHE A CZ  1 
ATOM   556  N  N   . GLN A 1 81 ? -4.312  -5.619  -2.660  1.00 22.89 ? 477 GLN A N   1 
ATOM   557  C  CA  . GLN A 1 81 ? -4.757  -6.887  -2.123  1.00 22.49 ? 477 GLN A CA  1 
ATOM   558  C  C   . GLN A 1 81 ? -3.730  -7.409  -1.128  1.00 23.47 ? 477 GLN A C   1 
ATOM   559  O  O   . GLN A 1 81 ? -4.096  -8.014  -0.112  1.00 21.83 ? 477 GLN A O   1 
ATOM   560  C  CB  . GLN A 1 81 ? -4.960  -7.910  -3.228  1.00 22.87 ? 477 GLN A CB  1 
ATOM   561  C  CG  . GLN A 1 81 ? -5.470  -9.239  -2.725  1.00 23.98 ? 477 GLN A CG  1 
ATOM   562  C  CD  . GLN A 1 81 ? -6.739  -9.107  -1.891  1.00 27.60 ? 477 GLN A CD  1 
ATOM   563  O  OE1 . GLN A 1 81 ? -7.667  -8.369  -2.252  1.00 25.04 ? 477 GLN A OE1 1 
ATOM   564  N  NE2 . GLN A 1 81 ? -6.791  -9.840  -0.773  1.00 26.97 ? 477 GLN A NE2 1 
ATOM   565  N  N   . SER A 1 82 ? -2.446  -7.173  -1.404  1.00 22.11 ? 478 SER A N   1 
ATOM   566  C  CA  . SER A 1 82 ? -1.415  -7.656  -0.492  1.00 23.64 ? 478 SER A CA  1 
ATOM   567  C  C   . SER A 1 82 ? -1.463  -6.866  0.818   1.00 22.83 ? 478 SER A C   1 
ATOM   568  O  O   . SER A 1 82 ? -1.246  -7.424  1.891   1.00 22.22 ? 478 SER A O   1 
ATOM   569  C  CB  . SER A 1 82 ? -0.025  -7.599  -1.149  1.00 22.77 ? 478 SER A CB  1 
ATOM   570  O  OG  . SER A 1 82 ? 0.396   -6.270  -1.359  1.00 25.66 ? 478 SER A OG  1 
ATOM   571  N  N   . VAL A 1 83 ? -1.773  -5.576  0.741   1.00 22.50 ? 479 VAL A N   1 
ATOM   572  C  CA  . VAL A 1 83 ? -1.876  -4.803  1.965   1.00 23.31 ? 479 VAL A CA  1 
ATOM   573  C  C   . VAL A 1 83 ? -3.099  -5.301  2.726   1.00 23.18 ? 479 VAL A C   1 
ATOM   574  O  O   . VAL A 1 83 ? -3.044  -5.474  3.944   1.00 22.66 ? 479 VAL A O   1 
ATOM   575  C  CB  . VAL A 1 83 ? -1.994  -3.286  1.683   1.00 22.65 ? 479 VAL A CB  1 
ATOM   576  C  CG1 . VAL A 1 83 ? -2.064  -2.506  3.010   1.00 19.93 ? 479 VAL A CG1 1 
ATOM   577  C  CG2 . VAL A 1 83 ? -0.795  -2.821  0.865   1.00 22.35 ? 479 VAL A CG2 1 
ATOM   578  N  N   . PHE A 1 84 ? -4.185  -5.577  2.010   1.00 22.85 ? 480 PHE A N   1 
ATOM   579  C  CA  . PHE A 1 84 ? -5.378  -6.060  2.688   1.00 24.58 ? 480 PHE A CA  1 
ATOM   580  C  C   . PHE A 1 84 ? -5.123  -7.400  3.376   1.00 25.38 ? 480 PHE A C   1 
ATOM   581  O  O   . PHE A 1 84 ? -5.649  -7.654  4.464   1.00 25.50 ? 480 PHE A O   1 
ATOM   582  C  CB  . PHE A 1 84 ? -6.531  -6.207  1.717   1.00 22.04 ? 480 PHE A CB  1 
ATOM   583  C  CG  . PHE A 1 84 ? -7.856  -6.274  2.387   1.00 23.83 ? 480 PHE A CG  1 
ATOM   584  C  CD1 . PHE A 1 84 ? -8.435  -5.120  2.911   1.00 24.75 ? 480 PHE A CD1 1 
ATOM   585  C  CD2 . PHE A 1 84 ? -8.561  -7.472  2.448   1.00 23.92 ? 480 PHE A CD2 1 
ATOM   586  C  CE1 . PHE A 1 84 ? -9.711  -5.157  3.478   1.00 24.73 ? 480 PHE A CE1 1 
ATOM   587  C  CE2 . PHE A 1 84 ? -9.830  -7.519  3.011   1.00 23.16 ? 480 PHE A CE2 1 
ATOM   588  C  CZ  . PHE A 1 84 ? -10.405 -6.359  3.524   1.00 24.02 ? 480 PHE A CZ  1 
ATOM   589  N  N   . ASP A 1 85 ? -4.327  -8.258  2.747   1.00 25.49 ? 481 ASP A N   1 
ATOM   590  C  CA  . ASP A 1 85 ? -4.029  -9.557  3.338   1.00 28.21 ? 481 ASP A CA  1 
ATOM   591  C  C   . ASP A 1 85 ? -3.314  -9.449  4.689   1.00 28.78 ? 481 ASP A C   1 
ATOM   592  O  O   . ASP A 1 85 ? -3.460  -10.330 5.524   1.00 29.55 ? 481 ASP A O   1 
ATOM   593  C  CB  . ASP A 1 85 ? -3.149  -10.405 2.401   1.00 27.60 ? 481 ASP A CB  1 
ATOM   594  C  CG  . ASP A 1 85 ? -3.865  -10.801 1.137   1.00 28.85 ? 481 ASP A CG  1 
ATOM   595  O  OD1 . ASP A 1 85 ? -5.104  -10.940 1.192   1.00 29.30 ? 481 ASP A OD1 1 
ATOM   596  O  OD2 . ASP A 1 85 ? -3.190  -10.975 0.092   1.00 28.45 ? 481 ASP A OD2 1 
HETATM 597  N  N   . MSE A 1 86 ? -2.528  -8.393  4.898   1.00 29.78 ? 482 MSE A N   1 
HETATM 598  C  CA  . MSE A 1 86 ? -1.770  -8.232  6.149   1.00 31.95 ? 482 MSE A CA  1 
HETATM 599  C  C   . MSE A 1 86 ? -2.531  -7.561  7.288   1.00 32.22 ? 482 MSE A C   1 
HETATM 600  O  O   . MSE A 1 86 ? -2.098  -7.627  8.441   1.00 31.48 ? 482 MSE A O   1 
HETATM 601  C  CB  . MSE A 1 86 ? -0.458  -7.461  5.890   1.00 33.62 ? 482 MSE A CB  1 
HETATM 602  C  CG  . MSE A 1 86 ? 0.525   -8.145  4.923   1.00 37.50 ? 482 MSE A CG  1 
HETATM 603  SE SE  . MSE A 1 86 ? 2.325   -7.350  4.823   1.00 44.03 ? 482 MSE A SE  1 
HETATM 604  C  CE  . MSE A 1 86 ? 1.905   -5.771  3.795   1.00 39.35 ? 482 MSE A CE  1 
ATOM   605  N  N   . LEU A 1 87 ? -3.665  -6.937  6.976   1.00 32.48 ? 483 LEU A N   1 
ATOM   606  C  CA  . LEU A 1 87 ? -4.465  -6.263  7.998   1.00 32.68 ? 483 LEU A CA  1 
ATOM   607  C  C   . LEU A 1 87 ? -4.944  -7.199  9.098   1.00 33.84 ? 483 LEU A C   1 
ATOM   608  O  O   . LEU A 1 87 ? -4.946  -6.838  10.277  1.00 32.82 ? 483 LEU A O   1 
ATOM   609  C  CB  . LEU A 1 87 ? -5.674  -5.555  7.359   1.00 30.85 ? 483 LEU A CB  1 
ATOM   610  C  CG  . LEU A 1 87 ? -5.454  -4.169  6.740   1.00 29.46 ? 483 LEU A CG  1 
ATOM   611  C  CD1 . LEU A 1 87 ? -6.723  -3.702  6.047   1.00 27.46 ? 483 LEU A CD1 1 
ATOM   612  C  CD2 . LEU A 1 87 ? -5.050  -3.181  7.829   1.00 30.14 ? 483 LEU A CD2 1 
ATOM   613  N  N   . ARG A 1 88 ? -5.367  -8.395  8.710   1.00 36.70 ? 484 ARG A N   1 
ATOM   614  C  CA  . ARG A 1 88 ? -5.862  -9.392  9.660   1.00 40.45 ? 484 ARG A CA  1 
ATOM   615  C  C   . ARG A 1 88 ? -4.912  -9.563  10.854  1.00 41.42 ? 484 ARG A C   1 
ATOM   616  O  O   . ARG A 1 88 ? -5.230  -9.175  11.985  1.00 41.55 ? 484 ARG A O   1 
ATOM   617  C  CB  . ARG A 1 88 ? -6.039  -10.718 8.925   1.00 43.85 ? 484 ARG A CB  1 
ATOM   618  C  CG  . ARG A 1 88 ? -6.314  -11.916 9.805   1.00 49.33 ? 484 ARG A CG  1 
ATOM   619  C  CD  . ARG A 1 88 ? -7.771  -12.047 10.168  1.00 52.33 ? 484 ARG A CD  1 
ATOM   620  N  NE  . ARG A 1 88 ? -8.011  -13.332 10.815  1.00 55.82 ? 484 ARG A NE  1 
ATOM   621  C  CZ  . ARG A 1 88 ? -9.159  -13.679 11.389  1.00 58.38 ? 484 ARG A CZ  1 
ATOM   622  N  NH1 . ARG A 1 88 ? -10.184 -12.828 11.400  1.00 59.84 ? 484 ARG A NH1 1 
ATOM   623  N  NH2 . ARG A 1 88 ? -9.285  -14.872 11.963  1.00 58.44 ? 484 ARG A NH2 1 
ATOM   624  N  N   . HIS A 1 89 ? -3.742  -10.135 10.593  1.00 41.63 ? 485 HIS A N   1 
ATOM   625  C  CA  . HIS A 1 89 ? -2.749  -10.352 11.640  1.00 42.43 ? 485 HIS A CA  1 
ATOM   626  C  C   . HIS A 1 89 ? -2.489  -9.043  12.378  1.00 42.93 ? 485 HIS A C   1 
ATOM   627  O  O   . HIS A 1 89 ? -2.478  -9.001  13.614  1.00 43.66 ? 485 HIS A O   1 
ATOM   628  C  CB  . HIS A 1 89 ? -1.441  -10.863 11.019  1.00 43.56 ? 485 HIS A CB  1 
ATOM   629  C  CG  . HIS A 1 89 ? -0.355  -11.137 12.017  1.00 44.98 ? 485 HIS A CG  1 
ATOM   630  N  ND1 . HIS A 1 89 ? -0.492  -12.050 13.040  1.00 45.51 ? 485 HIS A ND1 1 
ATOM   631  C  CD2 . HIS A 1 89 ? 0.893   -10.623 12.137  1.00 44.98 ? 485 HIS A CD2 1 
ATOM   632  C  CE1 . HIS A 1 89 ? 0.623   -12.087 13.747  1.00 46.18 ? 485 HIS A CE1 1 
ATOM   633  N  NE2 . HIS A 1 89 ? 1.480   -11.231 13.221  1.00 44.99 ? 485 HIS A NE2 1 
ATOM   634  N  N   . PHE A 1 90 ? -2.301  -7.976  11.608  1.00 42.04 ? 486 PHE A N   1 
ATOM   635  C  CA  . PHE A 1 90 ? -2.026  -6.666  12.166  1.00 42.49 ? 486 PHE A CA  1 
ATOM   636  C  C   . PHE A 1 90 ? -3.097  -6.176  13.139  1.00 43.78 ? 486 PHE A C   1 
ATOM   637  O  O   . PHE A 1 90 ? -2.778  -5.503  14.114  1.00 42.79 ? 486 PHE A O   1 
ATOM   638  C  CB  . PHE A 1 90 ? -1.862  -5.653  11.043  1.00 40.59 ? 486 PHE A CB  1 
ATOM   639  C  CG  . PHE A 1 90 ? -1.339  -4.331  11.498  1.00 39.13 ? 486 PHE A CG  1 
ATOM   640  C  CD1 . PHE A 1 90 ? -0.061  -4.226  12.041  1.00 38.83 ? 486 PHE A CD1 1 
ATOM   641  C  CD2 . PHE A 1 90 ? -2.109  -3.181  11.351  1.00 38.84 ? 486 PHE A CD2 1 
ATOM   642  C  CE1 . PHE A 1 90 ? 0.446   -2.991  12.424  1.00 38.60 ? 486 PHE A CE1 1 
ATOM   643  C  CE2 . PHE A 1 90 ? -1.613  -1.939  11.732  1.00 37.83 ? 486 PHE A CE2 1 
ATOM   644  C  CZ  . PHE A 1 90 ? -0.333  -1.841  12.269  1.00 38.77 ? 486 PHE A CZ  1 
ATOM   645  N  N   . HIS A 1 91 ? -4.359  -6.503  12.874  1.00 45.04 ? 487 HIS A N   1 
ATOM   646  C  CA  . HIS A 1 91 ? -5.440  -6.070  13.746  1.00 47.69 ? 487 HIS A CA  1 
ATOM   647  C  C   . HIS A 1 91 ? -5.833  -7.200  14.685  1.00 50.71 ? 487 HIS A C   1 
ATOM   648  O  O   . HIS A 1 91 ? -6.902  -7.191  15.295  1.00 52.05 ? 487 HIS A O   1 
ATOM   649  C  CB  . HIS A 1 91 ? -6.638  -5.608  12.910  1.00 45.86 ? 487 HIS A CB  1 
ATOM   650  C  CG  . HIS A 1 91 ? -6.457  -4.248  12.308  1.00 44.40 ? 487 HIS A CG  1 
ATOM   651  N  ND1 . HIS A 1 91 ? -7.381  -3.672  11.464  1.00 43.50 ? 487 HIS A ND1 1 
ATOM   652  C  CD2 . HIS A 1 91 ? -5.475  -3.333  12.467  1.00 44.02 ? 487 HIS A CD2 1 
ATOM   653  C  CE1 . HIS A 1 91 ? -6.975  -2.459  11.131  1.00 42.98 ? 487 HIS A CE1 1 
ATOM   654  N  NE2 . HIS A 1 91 ? -5.821  -2.229  11.728  1.00 43.70 ? 487 HIS A NE2 1 
ATOM   655  N  N   . THR A 1 92 ? -4.937  -8.169  14.812  1.00 52.82 ? 488 THR A N   1 
ATOM   656  C  CA  . THR A 1 92 ? -5.172  -9.316  15.667  1.00 54.50 ? 488 THR A CA  1 
ATOM   657  C  C   . THR A 1 92 ? -3.987  -9.521  16.599  1.00 55.10 ? 488 THR A C   1 
ATOM   658  O  O   . THR A 1 92 ? -4.082  -8.983  17.725  1.00 55.78 ? 488 THR A O   1 
ATOM   659  C  CB  . THR A 1 92 ? -5.405  -10.576 14.802  1.00 55.02 ? 488 THR A CB  1 
ATOM   660  O  OG1 . THR A 1 92 ? -6.810  -10.737 14.560  1.00 54.62 ? 488 THR A OG1 1 
ATOM   661  C  CG2 . THR A 1 92 ? -4.838  -11.813 15.473  1.00 56.46 ? 488 THR A CG2 1 
ATOM   662  N  N   . LEU B 1 8  ? 11.718  11.611  2.672   1.00 52.55 ? 404 LEU B N   1 
ATOM   663  C  CA  . LEU B 1 8  ? 11.631  10.371  1.839   1.00 53.34 ? 404 LEU B CA  1 
ATOM   664  C  C   . LEU B 1 8  ? 12.771  9.413   2.184   1.00 52.84 ? 404 LEU B C   1 
ATOM   665  O  O   . LEU B 1 8  ? 12.552  8.221   2.392   1.00 53.08 ? 404 LEU B O   1 
ATOM   666  C  CB  . LEU B 1 8  ? 11.681  10.732  0.349   1.00 53.01 ? 404 LEU B CB  1 
ATOM   667  C  CG  . LEU B 1 8  ? 11.476  9.604   -0.670  1.00 53.99 ? 404 LEU B CG  1 
ATOM   668  C  CD1 . LEU B 1 8  ? 10.162  8.871   -0.397  1.00 54.12 ? 404 LEU B CD1 1 
ATOM   669  C  CD2 . LEU B 1 8  ? 11.470  10.194  -2.080  1.00 53.43 ? 404 LEU B CD2 1 
ATOM   670  N  N   . SER B 1 9  ? 13.983  9.954   2.252   1.00 52.19 ? 405 SER B N   1 
ATOM   671  C  CA  . SER B 1 9  ? 15.182  9.189   2.577   1.00 52.11 ? 405 SER B CA  1 
ATOM   672  C  C   . SER B 1 9  ? 15.242  8.760   4.042   1.00 51.19 ? 405 SER B C   1 
ATOM   673  O  O   . SER B 1 9  ? 16.065  7.921   4.412   1.00 52.09 ? 405 SER B O   1 
ATOM   674  C  CB  . SER B 1 9  ? 16.431  10.014  2.253   1.00 53.27 ? 405 SER B CB  1 
ATOM   675  O  OG  . SER B 1 9  ? 16.545  11.123  3.131   1.00 54.38 ? 405 SER B OG  1 
ATOM   676  N  N   . ASP B 1 10 ? 14.374  9.326   4.872   1.00 49.92 ? 406 ASP B N   1 
ATOM   677  C  CA  . ASP B 1 10 ? 14.367  8.991   6.292   1.00 48.42 ? 406 ASP B CA  1 
ATOM   678  C  C   . ASP B 1 10 ? 13.587  7.704   6.617   1.00 46.61 ? 406 ASP B C   1 
ATOM   679  O  O   . ASP B 1 10 ? 13.649  7.199   7.742   1.00 46.86 ? 406 ASP B O   1 
ATOM   680  C  CB  . ASP B 1 10 ? 13.799  10.177  7.088   1.00 50.50 ? 406 ASP B CB  1 
ATOM   681  C  CG  . ASP B 1 10 ? 14.486  11.511  6.739   1.00 52.43 ? 406 ASP B CG  1 
ATOM   682  O  OD1 . ASP B 1 10 ? 15.741  11.561  6.715   1.00 53.25 ? 406 ASP B OD1 1 
ATOM   683  O  OD2 . ASP B 1 10 ? 13.771  12.512  6.496   1.00 51.38 ? 406 ASP B OD2 1 
ATOM   684  N  N   . TYR B 1 11 ? 12.873  7.169   5.628   1.00 43.41 ? 407 TYR B N   1 
ATOM   685  C  CA  . TYR B 1 11 ? 12.068  5.962   5.822   1.00 40.45 ? 407 TYR B CA  1 
ATOM   686  C  C   . TYR B 1 11 ? 12.806  4.662   5.501   1.00 37.02 ? 407 TYR B C   1 
ATOM   687  O  O   . TYR B 1 11 ? 13.506  4.566   4.501   1.00 36.74 ? 407 TYR B O   1 
ATOM   688  C  CB  . TYR B 1 11 ? 10.806  6.062   4.971   1.00 42.01 ? 407 TYR B CB  1 
ATOM   689  C  CG  . TYR B 1 11 ? 9.877   7.183   5.379   1.00 43.37 ? 407 TYR B CG  1 
ATOM   690  C  CD1 . TYR B 1 11 ? 9.072   7.071   6.516   1.00 43.94 ? 407 TYR B CD1 1 
ATOM   691  C  CD2 . TYR B 1 11 ? 9.775   8.344   4.610   1.00 43.69 ? 407 TYR B CD2 1 
ATOM   692  C  CE1 . TYR B 1 11 ? 8.181   8.089   6.874   1.00 44.34 ? 407 TYR B CE1 1 
ATOM   693  C  CE2 . TYR B 1 11 ? 8.890   9.368   4.957   1.00 43.99 ? 407 TYR B CE2 1 
ATOM   694  C  CZ  . TYR B 1 11 ? 8.095   9.233   6.090   1.00 44.43 ? 407 TYR B CZ  1 
ATOM   695  O  OH  . TYR B 1 11 ? 7.213   10.234  6.427   1.00 43.23 ? 407 TYR B OH  1 
ATOM   696  N  N   . PRO B 1 12 ? 12.635  3.636   6.346   1.00 34.81 ? 408 PRO B N   1 
ATOM   697  C  CA  . PRO B 1 12 ? 13.281  2.327   6.170   1.00 32.98 ? 408 PRO B CA  1 
ATOM   698  C  C   . PRO B 1 12 ? 12.863  1.600   4.890   1.00 31.94 ? 408 PRO B C   1 
ATOM   699  O  O   . PRO B 1 12 ? 13.597  0.751   4.377   1.00 31.90 ? 408 PRO B O   1 
ATOM   700  C  CB  . PRO B 1 12 ? 12.845  1.549   7.418   1.00 34.28 ? 408 PRO B CB  1 
ATOM   701  C  CG  . PRO B 1 12 ? 12.429  2.631   8.406   1.00 34.27 ? 408 PRO B CG  1 
ATOM   702  C  CD  . PRO B 1 12 ? 11.757  3.638   7.528   1.00 33.88 ? 408 PRO B CD  1 
ATOM   703  N  N   . TRP B 1 13 ? 11.673  1.928   4.387   1.00 30.39 ? 409 TRP B N   1 
ATOM   704  C  CA  . TRP B 1 13 ? 11.151  1.301   3.181   1.00 31.13 ? 409 TRP B CA  1 
ATOM   705  C  C   . TRP B 1 13 ? 11.637  1.964   1.891   1.00 31.98 ? 409 TRP B C   1 
ATOM   706  O  O   . TRP B 1 13 ? 11.314  1.507   0.791   1.00 31.51 ? 409 TRP B O   1 
ATOM   707  C  CB  . TRP B 1 13 ? 9.615   1.297   3.210   1.00 30.70 ? 409 TRP B CB  1 
ATOM   708  C  CG  . TRP B 1 13 ? 8.997   2.560   3.760   1.00 30.97 ? 409 TRP B CG  1 
ATOM   709  C  CD1 . TRP B 1 13 ? 8.618   2.795   5.057   1.00 30.74 ? 409 TRP B CD1 1 
ATOM   710  C  CD2 . TRP B 1 13 ? 8.689   3.756   3.034   1.00 30.29 ? 409 TRP B CD2 1 
ATOM   711  N  NE1 . TRP B 1 13 ? 8.092   4.060   5.179   1.00 32.02 ? 409 TRP B NE1 1 
ATOM   712  C  CE2 . TRP B 1 13 ? 8.123   4.671   3.951   1.00 31.41 ? 409 TRP B CE2 1 
ATOM   713  C  CE3 . TRP B 1 13 ? 8.840   4.144   1.696   1.00 30.16 ? 409 TRP B CE3 1 
ATOM   714  C  CZ2 . TRP B 1 13 ? 7.707   5.949   3.575   1.00 31.90 ? 409 TRP B CZ2 1 
ATOM   715  C  CZ3 . TRP B 1 13 ? 8.429   5.417   1.319   1.00 31.37 ? 409 TRP B CZ3 1 
ATOM   716  C  CH2 . TRP B 1 13 ? 7.868   6.306   2.258   1.00 32.75 ? 409 TRP B CH2 1 
ATOM   717  N  N   . PHE B 1 14 ? 12.391  3.053   2.017   1.00 32.63 ? 410 PHE B N   1 
ATOM   718  C  CA  . PHE B 1 14 ? 12.922  3.736   0.837   1.00 34.12 ? 410 PHE B CA  1 
ATOM   719  C  C   . PHE B 1 14 ? 14.345  3.244   0.612   1.00 34.59 ? 410 PHE B C   1 
ATOM   720  O  O   . PHE B 1 14 ? 15.153  3.252   1.535   1.00 35.44 ? 410 PHE B O   1 
ATOM   721  C  CB  . PHE B 1 14 ? 12.941  5.255   1.036   1.00 35.38 ? 410 PHE B CB  1 
ATOM   722  C  CG  . PHE B 1 14 ? 13.359  6.017   -0.192  1.00 36.19 ? 410 PHE B CG  1 
ATOM   723  C  CD1 . PHE B 1 14 ? 12.578  5.980   -1.348  1.00 37.17 ? 410 PHE B CD1 1 
ATOM   724  C  CD2 . PHE B 1 14 ? 14.549  6.741   -0.209  1.00 36.77 ? 410 PHE B CD2 1 
ATOM   725  C  CE1 . PHE B 1 14 ? 12.974  6.647   -2.510  1.00 37.93 ? 410 PHE B CE1 1 
ATOM   726  C  CE2 . PHE B 1 14 ? 14.961  7.415   -1.364  1.00 38.38 ? 410 PHE B CE2 1 
ATOM   727  C  CZ  . PHE B 1 14 ? 14.169  7.367   -2.520  1.00 39.62 ? 410 PHE B CZ  1 
ATOM   728  N  N   . HIS B 1 15 ? 14.657  2.806   -0.604  1.00 35.09 ? 411 HIS B N   1 
ATOM   729  C  CA  . HIS B 1 15 ? 15.998  2.304   -0.884  1.00 35.85 ? 411 HIS B CA  1 
ATOM   730  C  C   . HIS B 1 15 ? 16.712  3.030   -2.021  1.00 37.28 ? 411 HIS B C   1 
ATOM   731  O  O   . HIS B 1 15 ? 17.415  2.414   -2.820  1.00 37.67 ? 411 HIS B O   1 
ATOM   732  C  CB  . HIS B 1 15 ? 15.954  0.797   -1.164  1.00 34.93 ? 411 HIS B CB  1 
ATOM   733  C  CG  . HIS B 1 15 ? 15.355  -0.009  -0.050  1.00 35.99 ? 411 HIS B CG  1 
ATOM   734  N  ND1 . HIS B 1 15 ? 15.910  -1.188  0.398   1.00 36.16 ? 411 HIS B ND1 1 
ATOM   735  C  CD2 . HIS B 1 15 ? 14.233  0.182   0.686   1.00 35.43 ? 411 HIS B CD2 1 
ATOM   736  C  CE1 . HIS B 1 15 ? 15.159  -1.689  1.362   1.00 35.63 ? 411 HIS B CE1 1 
ATOM   737  N  NE2 . HIS B 1 15 ? 14.135  -0.878  1.557   1.00 35.30 ? 411 HIS B NE2 1 
ATOM   738  N  N   . GLY B 1 16 ? 16.520  4.345   -2.082  1.00 38.55 ? 412 GLY B N   1 
ATOM   739  C  CA  . GLY B 1 16 ? 17.163  5.169   -3.093  1.00 39.23 ? 412 GLY B CA  1 
ATOM   740  C  C   . GLY B 1 16 ? 17.444  4.588   -4.467  1.00 40.04 ? 412 GLY B C   1 
ATOM   741  O  O   . GLY B 1 16 ? 16.517  4.245   -5.205  1.00 40.43 ? 412 GLY B O   1 
ATOM   742  N  N   . THR B 1 17 ? 18.725  4.465   -4.811  1.00 40.29 ? 413 THR B N   1 
ATOM   743  C  CA  . THR B 1 17 ? 19.099  3.975   -6.136  1.00 41.00 ? 413 THR B CA  1 
ATOM   744  C  C   . THR B 1 17 ? 19.030  2.473   -6.429  1.00 40.46 ? 413 THR B C   1 
ATOM   745  O  O   . THR B 1 17 ? 19.443  2.038   -7.504  1.00 42.21 ? 413 THR B O   1 
ATOM   746  C  CB  . THR B 1 17 ? 20.492  4.510   -6.554  1.00 41.74 ? 413 THR B CB  1 
ATOM   747  O  OG1 . THR B 1 17 ? 21.487  4.058   -5.628  1.00 43.69 ? 413 THR B OG1 1 
ATOM   748  C  CG2 . THR B 1 17 ? 20.477  6.038   -6.572  1.00 42.25 ? 413 THR B CG2 1 
ATOM   749  N  N   . LEU B 1 18 ? 18.491  1.686   -5.504  1.00 38.71 ? 414 LEU B N   1 
ATOM   750  C  CA  . LEU B 1 18 ? 18.357  0.238   -5.703  1.00 36.28 ? 414 LEU B CA  1 
ATOM   751  C  C   . LEU B 1 18 ? 17.829  -0.085  -7.111  1.00 35.31 ? 414 LEU B C   1 
ATOM   752  O  O   . LEU B 1 18 ? 16.797  0.449   -7.532  1.00 35.36 ? 414 LEU B O   1 
ATOM   753  C  CB  . LEU B 1 18 ? 17.395  -0.325  -4.659  1.00 35.80 ? 414 LEU B CB  1 
ATOM   754  C  CG  . LEU B 1 18 ? 17.245  -1.839  -4.509  1.00 35.51 ? 414 LEU B CG  1 
ATOM   755  C  CD1 . LEU B 1 18 ? 18.505  -2.416  -3.859  1.00 36.24 ? 414 LEU B CD1 1 
ATOM   756  C  CD2 . LEU B 1 18 ? 16.017  -2.144  -3.647  1.00 33.78 ? 414 LEU B CD2 1 
ATOM   757  N  N   . SER B 1 19 ? 18.526  -0.964  -7.830  1.00 33.07 ? 415 SER B N   1 
ATOM   758  C  CA  . SER B 1 19 ? 18.121  -1.337  -9.189  1.00 32.23 ? 415 SER B CA  1 
ATOM   759  C  C   . SER B 1 19 ? 16.892  -2.245  -9.230  1.00 30.88 ? 415 SER B C   1 
ATOM   760  O  O   . SER B 1 19 ? 16.539  -2.892  -8.240  1.00 31.27 ? 415 SER B O   1 
ATOM   761  C  CB  . SER B 1 19 ? 19.275  -2.036  -9.931  1.00 33.61 ? 415 SER B CB  1 
ATOM   762  O  OG  . SER B 1 19 ? 19.501  -3.355  -9.441  1.00 33.72 ? 415 SER B OG  1 
ATOM   763  N  N   . ARG B 1 20 ? 16.248  -2.284  -10.389 1.00 29.77 ? 416 ARG B N   1 
ATOM   764  C  CA  . ARG B 1 20 ? 15.061  -3.101  -10.605 1.00 29.05 ? 416 ARG B CA  1 
ATOM   765  C  C   . ARG B 1 20 ? 15.365  -4.548  -10.252 1.00 30.23 ? 416 ARG B C   1 
ATOM   766  O  O   . ARG B 1 20 ? 14.639  -5.182  -9.478  1.00 29.33 ? 416 ARG B O   1 
ATOM   767  C  CB  . ARG B 1 20 ? 14.632  -3.013  -12.072 1.00 27.85 ? 416 ARG B CB  1 
ATOM   768  C  CG  . ARG B 1 20 ? 13.372  -3.784  -12.437 1.00 27.90 ? 416 ARG B CG  1 
ATOM   769  C  CD  . ARG B 1 20 ? 13.017  -3.537  -13.900 1.00 27.60 ? 416 ARG B CD  1 
ATOM   770  N  NE  . ARG B 1 20 ? 11.781  -4.197  -14.319 1.00 28.38 ? 416 ARG B NE  1 
ATOM   771  C  CZ  . ARG B 1 20 ? 10.582  -3.616  -14.344 1.00 29.37 ? 416 ARG B CZ  1 
ATOM   772  N  NH1 . ARG B 1 20 ? 10.441  -2.345  -13.971 1.00 27.79 ? 416 ARG B NH1 1 
ATOM   773  N  NH2 . ARG B 1 20 ? 9.521   -4.301  -14.753 1.00 27.33 ? 416 ARG B NH2 1 
ATOM   774  N  N   . VAL B 1 21 ? 16.445  -5.068  -10.829 1.00 29.83 ? 417 VAL B N   1 
ATOM   775  C  CA  . VAL B 1 21 ? 16.867  -6.446  -10.594 1.00 29.11 ? 417 VAL B CA  1 
ATOM   776  C  C   . VAL B 1 21 ? 17.109  -6.744  -9.114  1.00 29.48 ? 417 VAL B C   1 
ATOM   777  O  O   . VAL B 1 21 ? 16.620  -7.746  -8.587  1.00 28.95 ? 417 VAL B O   1 
ATOM   778  C  CB  . VAL B 1 21 ? 18.179  -6.778  -11.374 1.00 29.44 ? 417 VAL B CB  1 
ATOM   779  C  CG1 . VAL B 1 21 ? 18.612  -8.207  -11.092 1.00 27.34 ? 417 VAL B CG1 1 
ATOM   780  C  CG2 . VAL B 1 21 ? 17.965  -6.582  -12.868 1.00 28.85 ? 417 VAL B CG2 1 
ATOM   781  N  N   . LYS B 1 22 ? 17.873  -5.889  -8.445  1.00 30.57 ? 418 LYS B N   1 
ATOM   782  C  CA  . LYS B 1 22 ? 18.155  -6.111  -7.032  1.00 31.76 ? 418 LYS B CA  1 
ATOM   783  C  C   . LYS B 1 22 ? 16.926  -5.934  -6.144  1.00 31.18 ? 418 LYS B C   1 
ATOM   784  O  O   . LYS B 1 22 ? 16.823  -6.555  -5.085  1.00 30.88 ? 418 LYS B O   1 
ATOM   785  C  CB  . LYS B 1 22 ? 19.278  -5.194  -6.555  1.00 34.23 ? 418 LYS B CB  1 
ATOM   786  C  CG  . LYS B 1 22 ? 20.659  -5.658  -6.988  1.00 38.26 ? 418 LYS B CG  1 
ATOM   787  C  CD  . LYS B 1 22 ? 21.741  -4.821  -6.334  1.00 41.92 ? 418 LYS B CD  1 
ATOM   788  C  CE  . LYS B 1 22 ? 23.130  -5.383  -6.615  1.00 44.63 ? 418 LYS B CE  1 
ATOM   789  N  NZ  . LYS B 1 22 ? 24.190  -4.541  -5.971  1.00 46.06 ? 418 LYS B NZ  1 
ATOM   790  N  N   . ALA B 1 23 ? 15.991  -5.093  -6.574  1.00 29.41 ? 419 ALA B N   1 
ATOM   791  C  CA  . ALA B 1 23 ? 14.774  -4.869  -5.807  1.00 28.33 ? 419 ALA B CA  1 
ATOM   792  C  C   . ALA B 1 23 ? 13.916  -6.133  -5.868  1.00 28.45 ? 419 ALA B C   1 
ATOM   793  O  O   . ALA B 1 23 ? 13.312  -6.546  -4.870  1.00 27.64 ? 419 ALA B O   1 
ATOM   794  C  CB  . ALA B 1 23 ? 14.008  -3.688  -6.380  1.00 26.91 ? 419 ALA B CB  1 
ATOM   795  N  N   . ALA B 1 24 ? 13.863  -6.746  -7.043  1.00 27.37 ? 420 ALA B N   1 
ATOM   796  C  CA  . ALA B 1 24 ? 13.079  -7.953  -7.213  1.00 30.11 ? 420 ALA B CA  1 
ATOM   797  C  C   . ALA B 1 24 ? 13.661  -9.070  -6.352  1.00 32.07 ? 420 ALA B C   1 
ATOM   798  O  O   . ALA B 1 24 ? 12.928  -9.787  -5.665  1.00 32.56 ? 420 ALA B O   1 
ATOM   799  C  CB  . ALA B 1 24 ? 13.058  -8.369  -8.681  1.00 28.99 ? 420 ALA B CB  1 
ATOM   800  N  N   . GLN B 1 25 ? 14.980  -9.214  -6.380  1.00 33.50 ? 421 GLN B N   1 
ATOM   801  C  CA  . GLN B 1 25 ? 15.621  -10.258 -5.592  1.00 34.58 ? 421 GLN B CA  1 
ATOM   802  C  C   . GLN B 1 25 ? 15.337  -10.038 -4.112  1.00 33.92 ? 421 GLN B C   1 
ATOM   803  O  O   . GLN B 1 25 ? 15.055  -10.986 -3.375  1.00 32.66 ? 421 GLN B O   1 
ATOM   804  C  CB  . GLN B 1 25 ? 17.134  -10.273 -5.822  1.00 36.74 ? 421 GLN B CB  1 
ATOM   805  C  CG  . GLN B 1 25 ? 17.528  -10.501 -7.272  1.00 40.59 ? 421 GLN B CG  1 
ATOM   806  C  CD  . GLN B 1 25 ? 19.029  -10.648 -7.461  1.00 42.73 ? 421 GLN B CD  1 
ATOM   807  O  OE1 . GLN B 1 25 ? 19.818  -9.906  -6.867  1.00 41.47 ? 421 GLN B OE1 1 
ATOM   808  N  NE2 . GLN B 1 25 ? 19.429  -11.601 -8.302  1.00 43.03 ? 421 GLN B NE2 1 
ATOM   809  N  N   . LEU B 1 26 ? 15.396  -8.780  -3.687  1.00 32.77 ? 422 LEU B N   1 
ATOM   810  C  CA  . LEU B 1 26 ? 15.156  -8.445  -2.289  1.00 31.80 ? 422 LEU B CA  1 
ATOM   811  C  C   . LEU B 1 26 ? 13.748  -8.839  -1.827  1.00 31.60 ? 422 LEU B C   1 
ATOM   812  O  O   . LEU B 1 26 ? 13.594  -9.497  -0.798  1.00 30.97 ? 422 LEU B O   1 
ATOM   813  C  CB  . LEU B 1 26 ? 15.390  -6.952  -2.067  1.00 31.82 ? 422 LEU B CB  1 
ATOM   814  C  CG  . LEU B 1 26 ? 15.244  -6.378  -0.657  1.00 33.69 ? 422 LEU B CG  1 
ATOM   815  C  CD1 . LEU B 1 26 ? 15.821  -4.975  -0.645  1.00 35.91 ? 422 LEU B CD1 1 
ATOM   816  C  CD2 . LEU B 1 26 ? 13.782  -6.339  -0.230  1.00 34.91 ? 422 LEU B CD2 1 
ATOM   817  N  N   . VAL B 1 27 ? 12.722  -8.458  -2.581  1.00 30.19 ? 423 VAL B N   1 
ATOM   818  C  CA  . VAL B 1 27 ? 11.361  -8.795  -2.175  1.00 29.28 ? 423 VAL B CA  1 
ATOM   819  C  C   . VAL B 1 27 ? 10.994  -10.249 -2.406  1.00 30.73 ? 423 VAL B C   1 
ATOM   820  O  O   . VAL B 1 27 ? 10.017  -10.733 -1.833  1.00 31.06 ? 423 VAL B O   1 
ATOM   821  C  CB  . VAL B 1 27 ? 10.303  -7.911  -2.876  1.00 27.89 ? 423 VAL B CB  1 
ATOM   822  C  CG1 . VAL B 1 27 ? 10.622  -6.454  -2.645  1.00 24.17 ? 423 VAL B CG1 1 
ATOM   823  C  CG2 . VAL B 1 27 ? 10.218  -8.245  -4.358  1.00 26.11 ? 423 VAL B CG2 1 
ATOM   824  N  N   . LEU B 1 28 ? 11.763  -10.950 -3.239  1.00 31.99 ? 424 LEU B N   1 
ATOM   825  C  CA  . LEU B 1 28 ? 11.480  -12.359 -3.500  1.00 33.41 ? 424 LEU B CA  1 
ATOM   826  C  C   . LEU B 1 28 ? 12.182  -13.313 -2.531  1.00 35.16 ? 424 LEU B C   1 
ATOM   827  O  O   . LEU B 1 28 ? 11.897  -14.511 -2.516  1.00 35.22 ? 424 LEU B O   1 
ATOM   828  C  CB  . LEU B 1 28 ? 11.842  -12.740 -4.937  1.00 32.91 ? 424 LEU B CB  1 
ATOM   829  C  CG  . LEU B 1 28 ? 10.904  -12.228 -6.035  1.00 34.25 ? 424 LEU B CG  1 
ATOM   830  C  CD1 . LEU B 1 28 ? 11.203  -12.969 -7.327  1.00 31.32 ? 424 LEU B CD1 1 
ATOM   831  C  CD2 . LEU B 1 28 ? 9.449   -12.446 -5.638  1.00 33.75 ? 424 LEU B CD2 1 
ATOM   832  N  N   . ALA B 1 29 ? 13.103  -12.790 -1.729  1.00 36.00 ? 425 ALA B N   1 
ATOM   833  C  CA  . ALA B 1 29 ? 13.800  -13.624 -0.762  1.00 37.44 ? 425 ALA B CA  1 
ATOM   834  C  C   . ALA B 1 29 ? 12.734  -14.137 0.192   1.00 38.18 ? 425 ALA B C   1 
ATOM   835  O  O   . ALA B 1 29 ? 12.053  -13.346 0.841   1.00 38.69 ? 425 ALA B O   1 
ATOM   836  C  CB  . ALA B 1 29 ? 14.828  -12.798 0.008   1.00 36.47 ? 425 ALA B CB  1 
ATOM   837  N  N   . GLY B 1 30 ? 12.587  -15.452 0.279   1.00 38.37 ? 426 GLY B N   1 
ATOM   838  C  CA  . GLY B 1 30 ? 11.579  -16.015 1.161   1.00 38.76 ? 426 GLY B CA  1 
ATOM   839  C  C   . GLY B 1 30 ? 10.426  -16.567 0.344   1.00 39.20 ? 426 GLY B C   1 
ATOM   840  O  O   . GLY B 1 30 ? 9.520   -17.214 0.874   1.00 39.08 ? 426 GLY B O   1 
ATOM   841  N  N   . GLY B 1 31 ? 10.464  -16.310 -0.961  1.00 37.92 ? 427 GLY B N   1 
ATOM   842  C  CA  . GLY B 1 31 ? 9.421   -16.794 -1.842  1.00 36.09 ? 427 GLY B CA  1 
ATOM   843  C  C   . GLY B 1 31 ? 8.034   -16.329 -1.443  1.00 36.01 ? 427 GLY B C   1 
ATOM   844  O  O   . GLY B 1 31 ? 7.875   -15.232 -0.892  1.00 36.21 ? 427 GLY B O   1 
ATOM   845  N  N   . PRO B 1 32 ? 7.002   -17.147 -1.709  1.00 34.55 ? 428 PRO B N   1 
ATOM   846  C  CA  . PRO B 1 32 ? 5.616   -16.803 -1.372  1.00 34.27 ? 428 PRO B CA  1 
ATOM   847  C  C   . PRO B 1 32 ? 5.405   -16.354 0.077   1.00 33.74 ? 428 PRO B C   1 
ATOM   848  O  O   . PRO B 1 32 ? 4.475   -15.592 0.361   1.00 33.77 ? 428 PRO B O   1 
ATOM   849  C  CB  . PRO B 1 32 ? 4.852   -18.081 -1.715  1.00 32.97 ? 428 PRO B CB  1 
ATOM   850  C  CG  . PRO B 1 32 ? 5.631   -18.612 -2.891  1.00 33.32 ? 428 PRO B CG  1 
ATOM   851  C  CD  . PRO B 1 32 ? 7.061   -18.434 -2.424  1.00 33.04 ? 428 PRO B CD  1 
ATOM   852  N  N   . ARG B 1 33 ? 6.260   -16.805 0.989   1.00 31.58 ? 429 ARG B N   1 
ATOM   853  C  CA  . ARG B 1 33 ? 6.106   -16.405 2.376   1.00 31.41 ? 429 ARG B CA  1 
ATOM   854  C  C   . ARG B 1 33 ? 6.435   -14.925 2.625   1.00 30.81 ? 429 ARG B C   1 
ATOM   855  O  O   . ARG B 1 33 ? 6.077   -14.373 3.669   1.00 31.18 ? 429 ARG B O   1 
ATOM   856  C  CB  . ARG B 1 33 ? 6.917   -17.341 3.277   1.00 31.35 ? 429 ARG B CB  1 
ATOM   857  C  CG  . ARG B 1 33 ? 6.388   -18.786 3.234   1.00 32.34 ? 429 ARG B CG  1 
ATOM   858  C  CD  . ARG B 1 33 ? 7.171   -19.717 4.147   1.00 33.14 ? 429 ARG B CD  1 
ATOM   859  N  NE  . ARG B 1 33 ? 7.011   -19.370 5.560   1.00 34.08 ? 429 ARG B NE  1 
ATOM   860  C  CZ  . ARG B 1 33 ? 6.048   -19.845 6.347   1.00 34.14 ? 429 ARG B CZ  1 
ATOM   861  N  NH1 . ARG B 1 33 ? 5.149   -20.697 5.869   1.00 34.59 ? 429 ARG B NH1 1 
ATOM   862  N  NH2 . ARG B 1 33 ? 5.980   -19.463 7.615   1.00 33.27 ? 429 ARG B NH2 1 
ATOM   863  N  N   . SER B 1 34 ? 7.092   -14.276 1.666   1.00 28.68 ? 430 SER B N   1 
ATOM   864  C  CA  . SER B 1 34 ? 7.408   -12.856 1.817   1.00 28.89 ? 430 SER B CA  1 
ATOM   865  C  C   . SER B 1 34 ? 6.349   -11.982 1.148   1.00 27.55 ? 430 SER B C   1 
ATOM   866  O  O   . SER B 1 34 ? 6.566   -10.804 0.884   1.00 27.74 ? 430 SER B O   1 
ATOM   867  C  CB  . SER B 1 34 ? 8.789   -12.548 1.246   1.00 28.67 ? 430 SER B CB  1 
ATOM   868  O  OG  . SER B 1 34 ? 9.784   -12.975 2.158   1.00 30.40 ? 430 SER B OG  1 
ATOM   869  N  N   . HIS B 1 35 ? 5.203   -12.589 0.869   1.00 26.80 ? 431 HIS B N   1 
ATOM   870  C  CA  . HIS B 1 35 ? 4.061   -11.910 0.259   1.00 25.34 ? 431 HIS B CA  1 
ATOM   871  C  C   . HIS B 1 35 ? 3.838   -10.578 0.977   1.00 24.60 ? 431 HIS B C   1 
ATOM   872  O  O   . HIS B 1 35 ? 3.725   -10.538 2.200   1.00 24.79 ? 431 HIS B O   1 
ATOM   873  C  CB  . HIS B 1 35 ? 2.818   -12.788 0.430   1.00 24.50 ? 431 HIS B CB  1 
ATOM   874  C  CG  . HIS B 1 35 ? 1.562   -12.215 -0.151  1.00 25.47 ? 431 HIS B CG  1 
ATOM   875  N  ND1 . HIS B 1 35 ? 1.272   -12.267 -1.499  1.00 25.76 ? 431 HIS B ND1 1 
ATOM   876  C  CD2 . HIS B 1 35 ? 0.486   -11.643 0.443   1.00 24.81 ? 431 HIS B CD2 1 
ATOM   877  C  CE1 . HIS B 1 35 ? 0.069   -11.758 -1.708  1.00 25.54 ? 431 HIS B CE1 1 
ATOM   878  N  NE2 . HIS B 1 35 ? -0.429  -11.374 -0.547  1.00 25.20 ? 431 HIS B NE2 1 
ATOM   879  N  N   . GLY B 1 36 ? 3.784   -9.485  0.228   1.00 24.11 ? 432 GLY B N   1 
ATOM   880  C  CA  . GLY B 1 36 ? 3.544   -8.198  0.852   1.00 22.47 ? 432 GLY B CA  1 
ATOM   881  C  C   . GLY B 1 36 ? 4.786   -7.367  1.090   1.00 22.22 ? 432 GLY B C   1 
ATOM   882  O  O   . GLY B 1 36 ? 4.697   -6.158  1.271   1.00 22.24 ? 432 GLY B O   1 
ATOM   883  N  N   . LEU B 1 37 ? 5.944   -8.011  1.105   1.00 21.55 ? 433 LEU B N   1 
ATOM   884  C  CA  . LEU B 1 37 ? 7.206   -7.315  1.306   1.00 22.42 ? 433 LEU B CA  1 
ATOM   885  C  C   . LEU B 1 37 ? 7.385   -6.325  0.150   1.00 22.90 ? 433 LEU B C   1 
ATOM   886  O  O   . LEU B 1 37 ? 7.107   -6.662  -1.001  1.00 23.66 ? 433 LEU B O   1 
ATOM   887  C  CB  . LEU B 1 37 ? 8.335   -8.348  1.308   1.00 22.31 ? 433 LEU B CB  1 
ATOM   888  C  CG  . LEU B 1 37 ? 9.779   -7.859  1.359   1.00 23.66 ? 433 LEU B CG  1 
ATOM   889  C  CD1 . LEU B 1 37 ? 9.974   -7.001  2.583   1.00 21.32 ? 433 LEU B CD1 1 
ATOM   890  C  CD2 . LEU B 1 37 ? 10.725  -9.069  1.382   1.00 23.66 ? 433 LEU B CD2 1 
ATOM   891  N  N   . PHE B 1 38 ? 7.842   -5.114  0.436   1.00 21.98 ? 434 PHE B N   1 
ATOM   892  C  CA  . PHE B 1 38 ? 8.006   -4.149  -0.641  1.00 23.82 ? 434 PHE B CA  1 
ATOM   893  C  C   . PHE B 1 38 ? 9.135   -3.170  -0.375  1.00 24.22 ? 434 PHE B C   1 
ATOM   894  O  O   . PHE B 1 38 ? 9.689   -3.125  0.721   1.00 25.67 ? 434 PHE B O   1 
ATOM   895  C  CB  . PHE B 1 38 ? 6.713   -3.349  -0.820  1.00 24.09 ? 434 PHE B CB  1 
ATOM   896  C  CG  . PHE B 1 38 ? 6.481   -2.329  0.266   1.00 23.88 ? 434 PHE B CG  1 
ATOM   897  C  CD1 . PHE B 1 38 ? 6.858   -0.997  0.082   1.00 24.36 ? 434 PHE B CD1 1 
ATOM   898  C  CD2 . PHE B 1 38 ? 5.918   -2.707  1.485   1.00 23.53 ? 434 PHE B CD2 1 
ATOM   899  C  CE1 . PHE B 1 38 ? 6.675   -0.049  1.097   1.00 23.82 ? 434 PHE B CE1 1 
ATOM   900  C  CE2 . PHE B 1 38 ? 5.730   -1.773  2.516   1.00 22.75 ? 434 PHE B CE2 1 
ATOM   901  C  CZ  . PHE B 1 38 ? 6.108   -0.442  2.323   1.00 24.81 ? 434 PHE B CZ  1 
ATOM   902  N  N   . VAL B 1 39 ? 9.463   -2.390  -1.398  1.00 24.28 ? 435 VAL B N   1 
ATOM   903  C  CA  . VAL B 1 39 ? 10.475  -1.348  -1.293  1.00 23.65 ? 435 VAL B CA  1 
ATOM   904  C  C   . VAL B 1 39 ? 10.111  -0.266  -2.295  1.00 24.26 ? 435 VAL B C   1 
ATOM   905  O  O   . VAL B 1 39 ? 9.490   -0.534  -3.329  1.00 23.68 ? 435 VAL B O   1 
ATOM   906  C  CB  . VAL B 1 39 ? 11.916  -1.838  -1.618  1.00 24.07 ? 435 VAL B CB  1 
ATOM   907  C  CG1 . VAL B 1 39 ? 12.375  -2.852  -0.586  1.00 23.73 ? 435 VAL B CG1 1 
ATOM   908  C  CG2 . VAL B 1 39 ? 11.975  -2.415  -3.019  1.00 23.39 ? 435 VAL B CG2 1 
ATOM   909  N  N   . ILE B 1 40 ? 10.469  0.962   -1.951  1.00 24.89 ? 436 ILE B N   1 
ATOM   910  C  CA  . ILE B 1 40 ? 10.241  2.108   -2.806  1.00 25.53 ? 436 ILE B CA  1 
ATOM   911  C  C   . ILE B 1 40 ? 11.655  2.483   -3.228  1.00 26.67 ? 436 ILE B C   1 
ATOM   912  O  O   . ILE B 1 40 ? 12.556  2.572   -2.385  1.00 25.77 ? 436 ILE B O   1 
ATOM   913  C  CB  . ILE B 1 40 ? 9.618   3.275   -2.025  1.00 25.11 ? 436 ILE B CB  1 
ATOM   914  C  CG1 . ILE B 1 40 ? 8.336   2.813   -1.325  1.00 25.50 ? 436 ILE B CG1 1 
ATOM   915  C  CG2 . ILE B 1 40 ? 9.294   4.415   -2.972  1.00 26.73 ? 436 ILE B CG2 1 
ATOM   916  C  CD1 . ILE B 1 40 ? 7.221   2.366   -2.259  1.00 22.97 ? 436 ILE B CD1 1 
ATOM   917  N  N   . ARG B 1 41 ? 11.855  2.675   -4.526  1.00 27.34 ? 437 ARG B N   1 
ATOM   918  C  CA  . ARG B 1 41 ? 13.172  3.019   -5.041  1.00 27.82 ? 437 ARG B CA  1 
ATOM   919  C  C   . ARG B 1 41 ? 13.026  4.015   -6.176  1.00 28.50 ? 437 ARG B C   1 
ATOM   920  O  O   . ARG B 1 41 ? 11.927  4.221   -6.699  1.00 28.04 ? 437 ARG B O   1 
ATOM   921  C  CB  . ARG B 1 41 ? 13.870  1.761   -5.547  1.00 27.59 ? 437 ARG B CB  1 
ATOM   922  C  CG  . ARG B 1 41 ? 13.170  1.147   -6.744  1.00 27.45 ? 437 ARG B CG  1 
ATOM   923  C  CD  . ARG B 1 41 ? 13.487  -0.328  -6.895  1.00 27.00 ? 437 ARG B CD  1 
ATOM   924  N  NE  . ARG B 1 41 ? 12.716  -0.905  -7.991  1.00 27.05 ? 437 ARG B NE  1 
ATOM   925  C  CZ  . ARG B 1 41 ? 12.936  -0.641  -9.276  1.00 27.55 ? 437 ARG B CZ  1 
ATOM   926  N  NH1 . ARG B 1 41 ? 13.915  0.188   -9.624  1.00 27.15 ? 437 ARG B NH1 1 
ATOM   927  N  NH2 . ARG B 1 41 ? 12.164  -1.187  -10.211 1.00 26.23 ? 437 ARG B NH2 1 
ATOM   928  N  N   . GLN B 1 42 ? 14.134  4.643   -6.546  1.00 29.42 ? 438 GLN B N   1 
ATOM   929  C  CA  . GLN B 1 42 ? 14.127  5.597   -7.645  1.00 31.30 ? 438 GLN B CA  1 
ATOM   930  C  C   . GLN B 1 42 ? 14.185  4.777   -8.930  1.00 29.92 ? 438 GLN B C   1 
ATOM   931  O  O   . GLN B 1 42 ? 14.904  3.788   -9.002  1.00 30.25 ? 438 GLN B O   1 
ATOM   932  C  CB  . GLN B 1 42 ? 15.350  6.525   -7.555  1.00 34.54 ? 438 GLN B CB  1 
ATOM   933  C  CG  . GLN B 1 42 ? 15.357  7.666   -8.580  1.00 38.40 ? 438 GLN B CG  1 
ATOM   934  C  CD  . GLN B 1 42 ? 16.619  8.524   -8.505  1.00 42.32 ? 438 GLN B CD  1 
ATOM   935  O  OE1 . GLN B 1 42 ? 16.800  9.462   -9.295  1.00 43.03 ? 438 GLN B OE1 1 
ATOM   936  N  NE2 . GLN B 1 42 ? 17.500  8.206   -7.553  1.00 42.61 ? 438 GLN B NE2 1 
ATOM   937  N  N   . SER B 1 43 ? 13.414  5.176   -9.932  1.00 29.88 ? 439 SER B N   1 
ATOM   938  C  CA  . SER B 1 43 ? 13.399  4.468   -11.206 1.00 29.53 ? 439 SER B CA  1 
ATOM   939  C  C   . SER B 1 43 ? 14.736  4.649   -11.917 1.00 30.59 ? 439 SER B C   1 
ATOM   940  O  O   . SER B 1 43 ? 15.301  5.738   -11.915 1.00 28.63 ? 439 SER B O   1 
ATOM   941  C  CB  . SER B 1 43 ? 12.274  5.006   -12.091 1.00 28.58 ? 439 SER B CB  1 
ATOM   942  O  OG  . SER B 1 43 ? 12.341  4.442   -13.388 1.00 25.35 ? 439 SER B OG  1 
ATOM   943  N  N   . GLU B 1 44 ? 15.255  3.572   -12.497 1.00 33.09 ? 440 GLU B N   1 
ATOM   944  C  CA  . GLU B 1 44 ? 16.522  3.636   -13.225 1.00 35.06 ? 440 GLU B CA  1 
ATOM   945  C  C   . GLU B 1 44 ? 16.267  4.172   -14.626 1.00 35.21 ? 440 GLU B C   1 
ATOM   946  O  O   . GLU B 1 44 ? 17.046  4.953   -15.157 1.00 36.02 ? 440 GLU B O   1 
ATOM   947  C  CB  . GLU B 1 44 ? 17.148  2.251   -13.360 1.00 36.65 ? 440 GLU B CB  1 
ATOM   948  C  CG  . GLU B 1 44 ? 17.738  1.659   -12.098 1.00 38.87 ? 440 GLU B CG  1 
ATOM   949  C  CD  . GLU B 1 44 ? 18.382  0.301   -12.365 1.00 40.13 ? 440 GLU B CD  1 
ATOM   950  O  OE1 . GLU B 1 44 ? 17.655  -0.629  -12.795 1.00 39.26 ? 440 GLU B OE1 1 
ATOM   951  O  OE2 . GLU B 1 44 ? 19.612  0.170   -12.154 1.00 40.70 ? 440 GLU B OE2 1 
ATOM   952  N  N   . THR B 1 45 ? 15.169  3.737   -15.228 1.00 35.20 ? 441 THR B N   1 
ATOM   953  C  CA  . THR B 1 45 ? 14.838  4.164   -16.576 1.00 36.02 ? 441 THR B CA  1 
ATOM   954  C  C   . THR B 1 45 ? 14.151  5.522   -16.639 1.00 36.92 ? 441 THR B C   1 
ATOM   955  O  O   . THR B 1 45 ? 14.314  6.251   -17.613 1.00 37.34 ? 441 THR B O   1 
ATOM   956  C  CB  . THR B 1 45 ? 13.961  3.118   -17.267 1.00 36.49 ? 441 THR B CB  1 
ATOM   957  O  OG1 . THR B 1 45 ? 12.832  2.817   -16.437 1.00 35.82 ? 441 THR B OG1 1 
ATOM   958  C  CG2 . THR B 1 45 ? 14.771  1.839   -17.516 1.00 36.59 ? 441 THR B CG2 1 
ATOM   959  N  N   . ARG B 1 46 ? 13.382  5.859   -15.610 1.00 37.94 ? 442 ARG B N   1 
ATOM   960  C  CA  . ARG B 1 46 ? 12.690  7.142   -15.559 1.00 38.50 ? 442 ARG B CA  1 
ATOM   961  C  C   . ARG B 1 46 ? 13.119  7.863   -14.284 1.00 39.70 ? 442 ARG B C   1 
ATOM   962  O  O   . ARG B 1 46 ? 12.404  7.863   -13.283 1.00 39.56 ? 442 ARG B O   1 
ATOM   963  C  CB  . ARG B 1 46 ? 11.179  6.930   -15.563 1.00 38.95 ? 442 ARG B CB  1 
ATOM   964  C  CG  . ARG B 1 46 ? 10.676  6.144   -16.765 1.00 40.18 ? 442 ARG B CG  1 
ATOM   965  C  CD  . ARG B 1 46 ? 9.158   6.228   -16.890 1.00 40.80 ? 442 ARG B CD  1 
ATOM   966  N  NE  . ARG B 1 46 ? 8.673   5.625   -18.131 1.00 41.42 ? 442 ARG B NE  1 
ATOM   967  C  CZ  . ARG B 1 46 ? 8.702   4.323   -18.394 1.00 41.51 ? 442 ARG B CZ  1 
ATOM   968  N  NH1 . ARG B 1 46 ? 9.195   3.474   -17.500 1.00 42.65 ? 442 ARG B NH1 1 
ATOM   969  N  NH2 . ARG B 1 46 ? 8.236   3.868   -19.549 1.00 41.95 ? 442 ARG B NH2 1 
ATOM   970  N  N   . PRO B 1 47 ? 14.303  8.497   -14.314 1.00 41.08 ? 443 PRO B N   1 
ATOM   971  C  CA  . PRO B 1 47 ? 14.903  9.238   -13.197 1.00 40.39 ? 443 PRO B CA  1 
ATOM   972  C  C   . PRO B 1 47 ? 13.964  10.137  -12.398 1.00 40.42 ? 443 PRO B C   1 
ATOM   973  O  O   . PRO B 1 47 ? 14.111  10.254  -11.176 1.00 40.54 ? 443 PRO B O   1 
ATOM   974  C  CB  . PRO B 1 47 ? 16.008  10.041  -13.874 1.00 41.20 ? 443 PRO B CB  1 
ATOM   975  C  CG  . PRO B 1 47 ? 16.423  9.156   -14.988 1.00 41.86 ? 443 PRO B CG  1 
ATOM   976  C  CD  . PRO B 1 47 ? 15.103  8.674   -15.540 1.00 40.95 ? 443 PRO B CD  1 
ATOM   977  N  N   . GLY B 1 48 ? 13.015  10.778  -13.075 1.00 38.79 ? 444 GLY B N   1 
ATOM   978  C  CA  . GLY B 1 48 ? 12.097  11.668  -12.380 1.00 38.51 ? 444 GLY B CA  1 
ATOM   979  C  C   . GLY B 1 48 ? 11.046  10.976  -11.525 1.00 38.74 ? 444 GLY B C   1 
ATOM   980  O  O   . GLY B 1 48 ? 10.272  11.629  -10.825 1.00 38.76 ? 444 GLY B O   1 
ATOM   981  N  N   . GLU B 1 49 ? 11.022  9.647   -11.568 1.00 37.94 ? 445 GLU B N   1 
ATOM   982  C  CA  . GLU B 1 49 ? 10.038  8.886   -10.810 1.00 37.18 ? 445 GLU B CA  1 
ATOM   983  C  C   . GLU B 1 49 ? 10.619  7.852   -9.855  1.00 36.42 ? 445 GLU B C   1 
ATOM   984  O  O   . GLU B 1 49 ? 11.816  7.557   -9.863  1.00 36.38 ? 445 GLU B O   1 
ATOM   985  C  CB  . GLU B 1 49 ? 9.106   8.133   -11.764 1.00 38.24 ? 445 GLU B CB  1 
ATOM   986  C  CG  . GLU B 1 49 ? 8.599   8.905   -12.984 1.00 39.92 ? 445 GLU B CG  1 
ATOM   987  C  CD  . GLU B 1 49 ? 7.775   8.028   -13.927 1.00 40.35 ? 445 GLU B CD  1 
ATOM   988  O  OE1 . GLU B 1 49 ? 7.644   6.817   -13.664 1.00 40.01 ? 445 GLU B OE1 1 
ATOM   989  O  OE2 . GLU B 1 49 ? 7.256   8.540   -14.940 1.00 41.86 ? 445 GLU B OE2 1 
ATOM   990  N  N   . CYS B 1 50 ? 9.724   7.292   -9.049  1.00 34.82 ? 446 CYS B N   1 
ATOM   991  C  CA  . CYS B 1 50 ? 10.046  6.244   -8.095  1.00 33.25 ? 446 CYS B CA  1 
ATOM   992  C  C   . CYS B 1 50 ? 9.247   5.023   -8.530  1.00 31.41 ? 446 CYS B C   1 
ATOM   993  O  O   . CYS B 1 50 ? 8.276   5.132   -9.290  1.00 31.04 ? 446 CYS B O   1 
ATOM   994  C  CB  . CYS B 1 50 ? 9.611   6.631   -6.671  1.00 34.29 ? 446 CYS B CB  1 
ATOM   995  S  SG  . CYS B 1 50 ? 10.642  7.877   -5.862  1.00 40.30 ? 446 CYS B SG  1 
ATOM   996  N  N   . VAL B 1 51 ? 9.649   3.859   -8.040  1.00 28.82 ? 447 VAL B N   1 
ATOM   997  C  CA  . VAL B 1 51 ? 8.948   2.627   -8.356  1.00 25.85 ? 447 VAL B CA  1 
ATOM   998  C  C   . VAL B 1 51 ? 8.630   1.904   -7.062  1.00 25.21 ? 447 VAL B C   1 
ATOM   999  O  O   . VAL B 1 51 ? 9.421   1.931   -6.117  1.00 26.03 ? 447 VAL B O   1 
ATOM   1000 C  CB  . VAL B 1 51 ? 9.816   1.671   -9.208  1.00 24.92 ? 447 VAL B CB  1 
ATOM   1001 C  CG1 . VAL B 1 51 ? 9.077   0.374   -9.419  1.00 22.11 ? 447 VAL B CG1 1 
ATOM   1002 C  CG2 . VAL B 1 51 ? 10.176  2.311   -10.543 1.00 25.63 ? 447 VAL B CG2 1 
ATOM   1003 N  N   . LEU B 1 52 ? 7.463   1.272   -7.021  1.00 24.04 ? 448 LEU B N   1 
ATOM   1004 C  CA  . LEU B 1 52 ? 7.054   0.486   -5.871  1.00 23.12 ? 448 LEU B CA  1 
ATOM   1005 C  C   . LEU B 1 52 ? 7.270   -0.954  -6.311  1.00 22.87 ? 448 LEU B C   1 
ATOM   1006 O  O   . LEU B 1 52 ? 6.607   -1.422  -7.234  1.00 23.28 ? 448 LEU B O   1 
ATOM   1007 C  CB  . LEU B 1 52 ? 5.570   0.694   -5.570  1.00 23.12 ? 448 LEU B CB  1 
ATOM   1008 C  CG  . LEU B 1 52 ? 4.900   -0.359  -4.672  1.00 25.11 ? 448 LEU B CG  1 
ATOM   1009 C  CD1 . LEU B 1 52 ? 5.626   -0.464  -3.347  1.00 22.73 ? 448 LEU B CD1 1 
ATOM   1010 C  CD2 . LEU B 1 52 ? 3.437   0.025   -4.447  1.00 25.52 ? 448 LEU B CD2 1 
ATOM   1011 N  N   . THR B 1 53 ? 8.204   -1.647  -5.675  1.00 22.12 ? 449 THR B N   1 
ATOM   1012 C  CA  . THR B 1 53 ? 8.471   -3.039  -6.020  1.00 21.08 ? 449 THR B CA  1 
ATOM   1013 C  C   . THR B 1 53 ? 8.004   -3.933  -4.873  1.00 21.16 ? 449 THR B C   1 
ATOM   1014 O  O   . THR B 1 53 ? 8.432   -3.772  -3.725  1.00 21.44 ? 449 THR B O   1 
ATOM   1015 C  CB  . THR B 1 53 ? 9.967   -3.274  -6.252  1.00 20.53 ? 449 THR B CB  1 
ATOM   1016 O  OG1 . THR B 1 53 ? 10.402  -2.485  -7.367  1.00 21.81 ? 449 THR B OG1 1 
ATOM   1017 C  CG2 . THR B 1 53 ? 10.235  -4.749  -6.522  1.00 18.26 ? 449 THR B CG2 1 
ATOM   1018 N  N   . PHE B 1 54 ? 7.142   -4.889  -5.179  1.00 20.71 ? 450 PHE B N   1 
ATOM   1019 C  CA  . PHE B 1 54 ? 6.640   -5.735  -4.124  1.00 21.48 ? 450 PHE B CA  1 
ATOM   1020 C  C   . PHE B 1 54 ? 6.482   -7.193  -4.499  1.00 21.78 ? 450 PHE B C   1 
ATOM   1021 O  O   . PHE B 1 54 ? 6.477   -7.566  -5.675  1.00 22.56 ? 450 PHE B O   1 
ATOM   1022 C  CB  . PHE B 1 54 ? 5.308   -5.162  -3.630  1.00 20.68 ? 450 PHE B CB  1 
ATOM   1023 C  CG  . PHE B 1 54 ? 4.195   -5.225  -4.650  1.00 20.18 ? 450 PHE B CG  1 
ATOM   1024 C  CD1 . PHE B 1 54 ? 3.242   -6.245  -4.599  1.00 17.71 ? 450 PHE B CD1 1 
ATOM   1025 C  CD2 . PHE B 1 54 ? 4.067   -4.241  -5.626  1.00 19.67 ? 450 PHE B CD2 1 
ATOM   1026 C  CE1 . PHE B 1 54 ? 2.174   -6.281  -5.500  1.00 17.15 ? 450 PHE B CE1 1 
ATOM   1027 C  CE2 . PHE B 1 54 ? 2.993   -4.269  -6.537  1.00 18.29 ? 450 PHE B CE2 1 
ATOM   1028 C  CZ  . PHE B 1 54 ? 2.048   -5.286  -6.471  1.00 17.33 ? 450 PHE B CZ  1 
ATOM   1029 N  N   . ASN B 1 55 ? 6.363   -8.012  -3.462  1.00 23.03 ? 451 ASN B N   1 
ATOM   1030 C  CA  . ASN B 1 55 ? 6.192   -9.452  -3.588  1.00 21.95 ? 451 ASN B CA  1 
ATOM   1031 C  C   . ASN B 1 55 ? 4.709   -9.801  -3.571  1.00 23.50 ? 451 ASN B C   1 
ATOM   1032 O  O   . ASN B 1 55 ? 4.026   -9.518  -2.582  1.00 24.50 ? 451 ASN B O   1 
ATOM   1033 C  CB  . ASN B 1 55 ? 6.859   -10.148 -2.392  1.00 20.35 ? 451 ASN B CB  1 
ATOM   1034 C  CG  . ASN B 1 55 ? 6.704   -11.670 -2.421  1.00 20.53 ? 451 ASN B CG  1 
ATOM   1035 O  OD1 . ASN B 1 55 ? 5.651   -12.205 -2.798  1.00 19.72 ? 451 ASN B OD1 1 
ATOM   1036 N  ND2 . ASN B 1 55 ? 7.751   -12.374 -2.003  1.00 19.08 ? 451 ASN B ND2 1 
ATOM   1037 N  N   . PHE B 1 56 ? 4.200   -10.387 -4.651  1.00 23.41 ? 452 PHE B N   1 
ATOM   1038 C  CA  . PHE B 1 56 ? 2.812   -10.826 -4.649  1.00 24.86 ? 452 PHE B CA  1 
ATOM   1039 C  C   . PHE B 1 56 ? 2.810   -12.326 -4.874  1.00 26.34 ? 452 PHE B C   1 
ATOM   1040 O  O   . PHE B 1 56 ? 3.077   -12.788 -5.984  1.00 27.93 ? 452 PHE B O   1 
ATOM   1041 C  CB  . PHE B 1 56 ? 1.960   -10.189 -5.745  1.00 24.13 ? 452 PHE B CB  1 
ATOM   1042 C  CG  . PHE B 1 56 ? 0.485   -10.506 -5.597  1.00 24.75 ? 452 PHE B CG  1 
ATOM   1043 C  CD1 . PHE B 1 56 ? -0.337  -9.707  -4.797  1.00 24.04 ? 452 PHE B CD1 1 
ATOM   1044 C  CD2 . PHE B 1 56 ? -0.051  -11.667 -6.155  1.00 25.03 ? 452 PHE B CD2 1 
ATOM   1045 C  CE1 . PHE B 1 56 ? -1.662  -10.058 -4.544  1.00 24.63 ? 452 PHE B CE1 1 
ATOM   1046 C  CE2 . PHE B 1 56 ? -1.379  -12.033 -5.910  1.00 26.80 ? 452 PHE B CE2 1 
ATOM   1047 C  CZ  . PHE B 1 56 ? -2.188  -11.225 -5.098  1.00 26.54 ? 452 PHE B CZ  1 
ATOM   1048 N  N   . GLN B 1 57 ? 2.509   -13.083 -3.823  1.00 27.85 ? 453 GLN B N   1 
ATOM   1049 C  CA  . GLN B 1 57 ? 2.476   -14.543 -3.892  1.00 29.30 ? 453 GLN B CA  1 
ATOM   1050 C  C   . GLN B 1 57 ? 3.716   -15.154 -4.548  1.00 29.91 ? 453 GLN B C   1 
ATOM   1051 O  O   . GLN B 1 57 ? 3.601   -16.073 -5.352  1.00 30.91 ? 453 GLN B O   1 
ATOM   1052 C  CB  . GLN B 1 57 ? 1.227   -15.012 -4.646  1.00 31.13 ? 453 GLN B CB  1 
ATOM   1053 C  CG  . GLN B 1 57 ? -0.095  -14.776 -3.924  1.00 33.20 ? 453 GLN B CG  1 
ATOM   1054 C  CD  . GLN B 1 57 ? -1.303  -15.238 -4.740  1.00 36.44 ? 453 GLN B CD  1 
ATOM   1055 O  OE1 . GLN B 1 57 ? -2.435  -15.253 -4.244  1.00 36.73 ? 453 GLN B OE1 1 
ATOM   1056 N  NE2 . GLN B 1 57 ? -1.067  -15.611 -6.001  1.00 38.04 ? 453 GLN B NE2 1 
ATOM   1057 N  N   . GLY B 1 58 ? 4.898   -14.638 -4.228  1.00 29.82 ? 454 GLY B N   1 
ATOM   1058 C  CA  . GLY B 1 58 ? 6.110   -15.205 -4.796  1.00 30.94 ? 454 GLY B CA  1 
ATOM   1059 C  C   . GLY B 1 58 ? 6.619   -14.618 -6.100  1.00 31.26 ? 454 GLY B C   1 
ATOM   1060 O  O   . GLY B 1 58 ? 7.619   -15.093 -6.641  1.00 31.27 ? 454 GLY B O   1 
ATOM   1061 N  N   . LYS B 1 59 ? 5.938   -13.602 -6.618  1.00 30.47 ? 455 LYS B N   1 
ATOM   1062 C  CA  . LYS B 1 59 ? 6.366   -12.958 -7.859  1.00 30.49 ? 455 LYS B CA  1 
ATOM   1063 C  C   . LYS B 1 59 ? 6.592   -11.466 -7.622  1.00 29.89 ? 455 LYS B C   1 
ATOM   1064 O  O   . LYS B 1 59 ? 5.844   -10.828 -6.879  1.00 28.69 ? 455 LYS B O   1 
ATOM   1065 C  CB  . LYS B 1 59 ? 5.311   -13.147 -8.951  1.00 32.77 ? 455 LYS B CB  1 
ATOM   1066 C  CG  . LYS B 1 59 ? 5.070   -14.596 -9.340  1.00 37.26 ? 455 LYS B CG  1 
ATOM   1067 C  CD  . LYS B 1 59 ? 4.172   -14.696 -10.566 1.00 40.62 ? 455 LYS B CD  1 
ATOM   1068 C  CE  . LYS B 1 59 ? 4.087   -16.130 -11.071 1.00 43.37 ? 455 LYS B CE  1 
ATOM   1069 N  NZ  . LYS B 1 59 ? 3.273   -16.233 -12.320 1.00 45.86 ? 455 LYS B NZ  1 
ATOM   1070 N  N   . ALA B 1 60 ? 7.615   -10.910 -8.259  1.00 28.67 ? 456 ALA B N   1 
ATOM   1071 C  CA  . ALA B 1 60 ? 7.938   -9.497  -8.092  1.00 28.55 ? 456 ALA B CA  1 
ATOM   1072 C  C   . ALA B 1 60 ? 7.126   -8.615  -9.023  1.00 28.20 ? 456 ALA B C   1 
ATOM   1073 O  O   . ALA B 1 60 ? 7.024   -8.888  -10.216 1.00 29.46 ? 456 ALA B O   1 
ATOM   1074 C  CB  . ALA B 1 60 ? 9.426   -9.269  -8.335  1.00 27.72 ? 456 ALA B CB  1 
ATOM   1075 N  N   . LYS B 1 61 ? 6.545   -7.561  -8.465  1.00 27.50 ? 457 LYS B N   1 
ATOM   1076 C  CA  . LYS B 1 61 ? 5.751   -6.620  -9.243  1.00 27.57 ? 457 LYS B CA  1 
ATOM   1077 C  C   . LYS B 1 61 ? 6.383   -5.246  -9.107  1.00 28.04 ? 457 LYS B C   1 
ATOM   1078 O  O   . LYS B 1 61 ? 6.986   -4.926  -8.080  1.00 26.94 ? 457 LYS B O   1 
ATOM   1079 C  CB  . LYS B 1 61 ? 4.317   -6.574  -8.729  1.00 27.93 ? 457 LYS B CB  1 
ATOM   1080 C  CG  . LYS B 1 61 ? 3.647   -7.934  -8.659  1.00 29.67 ? 457 LYS B CG  1 
ATOM   1081 C  CD  . LYS B 1 61 ? 3.512   -8.573  -10.032 1.00 29.13 ? 457 LYS B CD  1 
ATOM   1082 C  CE  . LYS B 1 61 ? 2.843   -9.933  -9.924  1.00 30.31 ? 457 LYS B CE  1 
ATOM   1083 N  NZ  . LYS B 1 61 ? 2.607   -10.543 -11.260 1.00 31.96 ? 457 LYS B NZ  1 
ATOM   1084 N  N   . HIS B 1 62 ? 6.250   -4.438  -10.151 1.00 28.66 ? 458 HIS B N   1 
ATOM   1085 C  CA  . HIS B 1 62 ? 6.820   -3.100  -10.156 1.00 29.14 ? 458 HIS B CA  1 
ATOM   1086 C  C   . HIS B 1 62 ? 5.732   -2.115  -10.552 1.00 30.57 ? 458 HIS B C   1 
ATOM   1087 O  O   . HIS B 1 62 ? 5.170   -2.197  -11.646 1.00 29.67 ? 458 HIS B O   1 
ATOM   1088 C  CB  . HIS B 1 62 ? 7.990   -3.045  -11.143 1.00 28.20 ? 458 HIS B CB  1 
ATOM   1089 C  CG  . HIS B 1 62 ? 9.093   -4.008  -10.822 1.00 27.85 ? 458 HIS B CG  1 
ATOM   1090 N  ND1 . HIS B 1 62 ? 10.088  -3.725  -9.912  1.00 27.78 ? 458 HIS B ND1 1 
ATOM   1091 C  CD2 . HIS B 1 62 ? 9.346   -5.259  -11.276 1.00 28.54 ? 458 HIS B CD2 1 
ATOM   1092 C  CE1 . HIS B 1 62 ? 10.909  -4.758  -9.819  1.00 26.31 ? 458 HIS B CE1 1 
ATOM   1093 N  NE2 . HIS B 1 62 ? 10.481  -5.703  -10.637 1.00 27.85 ? 458 HIS B NE2 1 
ATOM   1094 N  N   . LEU B 1 63 ? 5.440   -1.184  -9.651  1.00 31.08 ? 459 LEU B N   1 
ATOM   1095 C  CA  . LEU B 1 63 ? 4.399   -0.197  -9.884  1.00 31.75 ? 459 LEU B CA  1 
ATOM   1096 C  C   . LEU B 1 63 ? 5.017   1.196   -9.989  1.00 32.44 ? 459 LEU B C   1 
ATOM   1097 O  O   . LEU B 1 63 ? 5.683   1.660   -9.056  1.00 31.64 ? 459 LEU B O   1 
ATOM   1098 C  CB  . LEU B 1 63 ? 3.411   -0.260  -8.725  1.00 33.87 ? 459 LEU B CB  1 
ATOM   1099 C  CG  . LEU B 1 63 ? 2.062   0.451   -8.777  1.00 36.16 ? 459 LEU B CG  1 
ATOM   1100 C  CD1 . LEU B 1 63 ? 1.291   0.067   -7.528  1.00 37.50 ? 459 LEU B CD1 1 
ATOM   1101 C  CD2 . LEU B 1 63 ? 2.242   1.957   -8.852  1.00 37.50 ? 459 LEU B CD2 1 
ATOM   1102 N  N   . ARG B 1 64 ? 4.810   1.858   -11.126 1.00 32.30 ? 460 ARG B N   1 
ATOM   1103 C  CA  . ARG B 1 64 ? 5.352   3.200   -11.332 1.00 33.50 ? 460 ARG B CA  1 
ATOM   1104 C  C   . ARG B 1 64 ? 4.627   4.208   -10.457 1.00 34.45 ? 460 ARG B C   1 
ATOM   1105 O  O   . ARG B 1 64 ? 3.398   4.213   -10.402 1.00 35.00 ? 460 ARG B O   1 
ATOM   1106 C  CB  . ARG B 1 64 ? 5.216   3.631   -12.800 1.00 32.86 ? 460 ARG B CB  1 
ATOM   1107 C  CG  . ARG B 1 64 ? 6.149   2.908   -13.748 1.00 34.58 ? 460 ARG B CG  1 
ATOM   1108 C  CD  . ARG B 1 64 ? 5.847   3.240   -15.205 1.00 36.25 ? 460 ARG B CD  1 
ATOM   1109 N  NE  . ARG B 1 64 ? 6.057   4.651   -15.527 1.00 38.01 ? 460 ARG B NE  1 
ATOM   1110 C  CZ  . ARG B 1 64 ? 5.737   5.196   -16.699 1.00 37.21 ? 460 ARG B CZ  1 
ATOM   1111 N  NH1 . ARG B 1 64 ? 5.197   4.441   -17.646 1.00 37.43 ? 460 ARG B NH1 1 
ATOM   1112 N  NH2 . ARG B 1 64 ? 5.959   6.486   -16.926 1.00 36.90 ? 460 ARG B NH2 1 
ATOM   1113 N  N   . LEU B 1 65 ? 5.397   5.060   -9.785  1.00 36.21 ? 461 LEU B N   1 
ATOM   1114 C  CA  . LEU B 1 65 ? 4.845   6.102   -8.916  1.00 39.04 ? 461 LEU B CA  1 
ATOM   1115 C  C   . LEU B 1 65 ? 5.250   7.458   -9.488  1.00 41.48 ? 461 LEU B C   1 
ATOM   1116 O  O   . LEU B 1 65 ? 6.352   7.958   -9.229  1.00 41.42 ? 461 LEU B O   1 
ATOM   1117 C  CB  . LEU B 1 65 ? 5.400   5.973   -7.494  1.00 37.80 ? 461 LEU B CB  1 
ATOM   1118 C  CG  . LEU B 1 65 ? 5.240   4.628   -6.787  1.00 37.39 ? 461 LEU B CG  1 
ATOM   1119 C  CD1 . LEU B 1 65 ? 5.960   4.666   -5.449  1.00 35.62 ? 461 LEU B CD1 1 
ATOM   1120 C  CD2 . LEU B 1 65 ? 3.760   4.322   -6.605  1.00 37.14 ? 461 LEU B CD2 1 
ATOM   1121 N  N   . SER B 1 66 ? 4.357   8.047   -10.271 1.00 44.10 ? 462 SER B N   1 
ATOM   1122 C  CA  . SER B 1 66 ? 4.616   9.332   -10.901 1.00 46.92 ? 462 SER B CA  1 
ATOM   1123 C  C   . SER B 1 66 ? 3.679   10.413  -10.380 1.00 47.48 ? 462 SER B C   1 
ATOM   1124 O  O   . SER B 1 66 ? 3.882   10.947  -9.289  1.00 49.47 ? 462 SER B O   1 
ATOM   1125 C  CB  . SER B 1 66 ? 4.460   9.190   -12.415 1.00 48.80 ? 462 SER B CB  1 
ATOM   1126 O  OG  . SER B 1 66 ? 3.239   8.535   -12.728 1.00 51.99 ? 462 SER B OG  1 
ATOM   1127 N  N   . GLY B 1 71 ? 0.388   17.012  -5.003  1.00 51.94 ? 467 GLY B N   1 
ATOM   1128 C  CA  . GLY B 1 71 ? 0.884   17.681  -3.815  1.00 51.87 ? 467 GLY B CA  1 
ATOM   1129 C  C   . GLY B 1 71 ? 0.475   16.932  -2.564  1.00 51.70 ? 467 GLY B C   1 
ATOM   1130 O  O   . GLY B 1 71 ? 0.001   17.522  -1.588  1.00 52.65 ? 467 GLY B O   1 
ATOM   1131 N  N   . GLN B 1 72 ? 0.667   15.620  -2.601  1.00 50.24 ? 468 GLN B N   1 
ATOM   1132 C  CA  . GLN B 1 72 ? 0.318   14.741  -1.491  1.00 48.29 ? 468 GLN B CA  1 
ATOM   1133 C  C   . GLN B 1 72 ? 1.424   13.736  -1.197  1.00 47.17 ? 468 GLN B C   1 
ATOM   1134 O  O   . GLN B 1 72 ? 1.143   12.618  -0.762  1.00 46.99 ? 468 GLN B O   1 
ATOM   1135 C  CB  . GLN B 1 72 ? -0.958  13.959  -1.798  1.00 48.38 ? 468 GLN B CB  1 
ATOM   1136 C  CG  . GLN B 1 72 ? -2.233  14.771  -1.916  1.00 47.24 ? 468 GLN B CG  1 
ATOM   1137 C  CD  . GLN B 1 72 ? -3.463  13.871  -1.948  1.00 47.63 ? 468 GLN B CD  1 
ATOM   1138 O  OE1 . GLN B 1 72 ? -3.545  12.943  -2.762  1.00 45.97 ? 468 GLN B OE1 1 
ATOM   1139 N  NE2 . GLN B 1 72 ? -4.418  14.133  -1.057  1.00 45.40 ? 468 GLN B NE2 1 
ATOM   1140 N  N   . CYS B 1 73 ? 2.670   14.122  -1.443  1.00 45.58 ? 469 CYS B N   1 
ATOM   1141 C  CA  . CYS B 1 73 ? 3.792   13.231  -1.191  1.00 44.54 ? 469 CYS B CA  1 
ATOM   1142 C  C   . CYS B 1 73 ? 3.879   12.828  0.271   1.00 41.98 ? 469 CYS B C   1 
ATOM   1143 O  O   . CYS B 1 73 ? 4.194   11.685  0.585   1.00 41.02 ? 469 CYS B O   1 
ATOM   1144 C  CB  . CYS B 1 73 ? 5.104   13.890  -1.615  1.00 46.50 ? 469 CYS B CB  1 
ATOM   1145 S  SG  . CYS B 1 73 ? 5.461   13.711  -3.372  1.00 54.41 ? 469 CYS B SG  1 
ATOM   1146 N  N   . HIS B 1 74 ? 3.602   13.767  1.168   1.00 40.10 ? 470 HIS B N   1 
ATOM   1147 C  CA  . HIS B 1 74 ? 3.673   13.466  2.594   1.00 39.35 ? 470 HIS B CA  1 
ATOM   1148 C  C   . HIS B 1 74 ? 2.662   12.396  2.966   1.00 37.70 ? 470 HIS B C   1 
ATOM   1149 O  O   . HIS B 1 74 ? 2.992   11.411  3.625   1.00 37.33 ? 470 HIS B O   1 
ATOM   1150 C  CB  . HIS B 1 74 ? 3.385   14.704  3.441   1.00 40.52 ? 470 HIS B CB  1 
ATOM   1151 C  CG  . HIS B 1 74 ? 3.142   14.387  4.886   1.00 42.18 ? 470 HIS B CG  1 
ATOM   1152 N  ND1 . HIS B 1 74 ? 4.079   13.752  5.675   1.00 41.25 ? 470 HIS B ND1 1 
ATOM   1153 C  CD2 . HIS B 1 74 ? 2.055   14.577  5.672   1.00 42.62 ? 470 HIS B CD2 1 
ATOM   1154 C  CE1 . HIS B 1 74 ? 3.579   13.565  6.884   1.00 42.22 ? 470 HIS B CE1 1 
ATOM   1155 N  NE2 . HIS B 1 74 ? 2.352   14.056  6.908   1.00 42.84 ? 470 HIS B NE2 1 
ATOM   1156 N  N   . VAL B 1 75 ? 1.419   12.611  2.558   1.00 36.04 ? 471 VAL B N   1 
ATOM   1157 C  CA  . VAL B 1 75 ? 0.360   11.660  2.846   1.00 34.99 ? 471 VAL B CA  1 
ATOM   1158 C  C   . VAL B 1 75 ? 0.721   10.311  2.249   1.00 34.85 ? 471 VAL B C   1 
ATOM   1159 O  O   . VAL B 1 75 ? 0.437   9.272   2.841   1.00 33.99 ? 471 VAL B O   1 
ATOM   1160 C  CB  . VAL B 1 75 ? -1.004  12.135  2.278   1.00 34.93 ? 471 VAL B CB  1 
ATOM   1161 C  CG1 . VAL B 1 75 ? -2.033  11.029  2.379   1.00 35.18 ? 471 VAL B CG1 1 
ATOM   1162 C  CG2 . VAL B 1 75 ? -1.491  13.346  3.056   1.00 35.22 ? 471 VAL B CG2 1 
ATOM   1163 N  N   . GLN B 1 76 ? 1.361   10.329  1.084   1.00 34.79 ? 472 GLN B N   1 
ATOM   1164 C  CA  . GLN B 1 76 ? 1.756   9.089   0.445   1.00 33.88 ? 472 GLN B CA  1 
ATOM   1165 C  C   . GLN B 1 76 ? 2.757   8.366   1.335   1.00 32.99 ? 472 GLN B C   1 
ATOM   1166 O  O   . GLN B 1 76 ? 2.704   7.144   1.475   1.00 31.68 ? 472 GLN B O   1 
ATOM   1167 C  CB  . GLN B 1 76 ? 2.352   9.362   -0.931  1.00 36.64 ? 472 GLN B CB  1 
ATOM   1168 C  CG  . GLN B 1 76 ? 2.616   8.098   -1.717  1.00 41.95 ? 472 GLN B CG  1 
ATOM   1169 C  CD  . GLN B 1 76 ? 2.627   8.326   -3.220  1.00 45.83 ? 472 GLN B CD  1 
ATOM   1170 O  OE1 . GLN B 1 76 ? 2.908   7.408   -3.995  1.00 48.73 ? 472 GLN B OE1 1 
ATOM   1171 N  NE2 . GLN B 1 76 ? 2.312   9.549   -3.640  1.00 47.89 ? 472 GLN B NE2 1 
ATOM   1172 N  N   . HIS B 1 77 ? 3.656   9.125   1.957   1.00 31.92 ? 473 HIS B N   1 
ATOM   1173 C  CA  . HIS B 1 77 ? 4.655   8.537   2.848   1.00 32.27 ? 473 HIS B CA  1 
ATOM   1174 C  C   . HIS B 1 77 ? 3.964   7.909   4.054   1.00 30.80 ? 473 HIS B C   1 
ATOM   1175 O  O   . HIS B 1 77 ? 4.353   6.834   4.512   1.00 30.45 ? 473 HIS B O   1 
ATOM   1176 C  CB  . HIS B 1 77 ? 5.644   9.610   3.313   1.00 33.13 ? 473 HIS B CB  1 
ATOM   1177 C  CG  . HIS B 1 77 ? 6.368   10.279  2.190   1.00 35.88 ? 473 HIS B CG  1 
ATOM   1178 N  ND1 . HIS B 1 77 ? 7.001   11.495  2.331   1.00 37.50 ? 473 HIS B ND1 1 
ATOM   1179 C  CD2 . HIS B 1 77 ? 6.539   9.913   0.897   1.00 36.53 ? 473 HIS B CD2 1 
ATOM   1180 C  CE1 . HIS B 1 77 ? 7.526   11.852  1.173   1.00 37.39 ? 473 HIS B CE1 1 
ATOM   1181 N  NE2 . HIS B 1 77 ? 7.259   10.910  0.285   1.00 37.54 ? 473 HIS B NE2 1 
ATOM   1182 N  N   . LEU B 1 78 ? 2.936   8.581   4.563   1.00 29.13 ? 474 LEU B N   1 
ATOM   1183 C  CA  . LEU B 1 78 ? 2.190   8.068   5.715   1.00 29.04 ? 474 LEU B CA  1 
ATOM   1184 C  C   . LEU B 1 78 ? 1.579   6.717   5.349   1.00 28.09 ? 474 LEU B C   1 
ATOM   1185 O  O   . LEU B 1 78 ? 1.579   5.772   6.143   1.00 28.05 ? 474 LEU B O   1 
ATOM   1186 C  CB  . LEU B 1 78 ? 1.067   9.036   6.109   1.00 28.65 ? 474 LEU B CB  1 
ATOM   1187 C  CG  . LEU B 1 78 ? 1.478   10.406  6.665   1.00 31.18 ? 474 LEU B CG  1 
ATOM   1188 C  CD1 . LEU B 1 78 ? 0.228   11.208  7.028   1.00 32.14 ? 474 LEU B CD1 1 
ATOM   1189 C  CD2 . LEU B 1 78 ? 2.363   10.224  7.898   1.00 31.07 ? 474 LEU B CD2 1 
ATOM   1190 N  N   . TRP B 1 79 ? 1.053   6.629   4.138   1.00 26.25 ? 475 TRP B N   1 
ATOM   1191 C  CA  . TRP B 1 79 ? 0.460   5.389   3.688   1.00 26.00 ? 475 TRP B CA  1 
ATOM   1192 C  C   . TRP B 1 79 ? 1.507   4.270   3.653   1.00 25.80 ? 475 TRP B C   1 
ATOM   1193 O  O   . TRP B 1 79 ? 1.299   3.207   4.238   1.00 25.75 ? 475 TRP B O   1 
ATOM   1194 C  CB  . TRP B 1 79 ? -0.176  5.572   2.313   1.00 25.50 ? 475 TRP B CB  1 
ATOM   1195 C  CG  . TRP B 1 79 ? -0.537  4.281   1.652   1.00 29.11 ? 475 TRP B CG  1 
ATOM   1196 C  CD1 . TRP B 1 79 ? -0.016  3.785   0.495   1.00 29.27 ? 475 TRP B CD1 1 
ATOM   1197 C  CD2 . TRP B 1 79 ? -1.491  3.311   2.109   1.00 30.23 ? 475 TRP B CD2 1 
ATOM   1198 N  NE1 . TRP B 1 79 ? -0.583  2.571   0.199   1.00 30.86 ? 475 TRP B NE1 1 
ATOM   1199 C  CE2 . TRP B 1 79 ? -1.491  2.254   1.175   1.00 30.23 ? 475 TRP B CE2 1 
ATOM   1200 C  CE3 . TRP B 1 79 ? -2.344  3.233   3.221   1.00 31.12 ? 475 TRP B CE3 1 
ATOM   1201 C  CZ2 . TRP B 1 79 ? -2.312  1.127   1.312   1.00 30.06 ? 475 TRP B CZ2 1 
ATOM   1202 C  CZ3 . TRP B 1 79 ? -3.165  2.108   3.359   1.00 30.24 ? 475 TRP B CZ3 1 
ATOM   1203 C  CH2 . TRP B 1 79 ? -3.139  1.075   2.409   1.00 30.31 ? 475 TRP B CH2 1 
ATOM   1204 N  N   . PHE B 1 80 ? 2.635   4.501   2.986   1.00 25.90 ? 476 PHE B N   1 
ATOM   1205 C  CA  . PHE B 1 80 ? 3.673   3.471   2.910   1.00 27.06 ? 476 PHE B CA  1 
ATOM   1206 C  C   . PHE B 1 80 ? 4.193   3.095   4.291   1.00 26.92 ? 476 PHE B C   1 
ATOM   1207 O  O   . PHE B 1 80 ? 4.528   1.939   4.546   1.00 28.18 ? 476 PHE B O   1 
ATOM   1208 C  CB  . PHE B 1 80 ? 4.848   3.940   2.048   1.00 28.08 ? 476 PHE B CB  1 
ATOM   1209 C  CG  . PHE B 1 80 ? 4.506   4.095   0.600   1.00 30.35 ? 476 PHE B CG  1 
ATOM   1210 C  CD1 . PHE B 1 80 ? 3.900   3.058   -0.096  1.00 31.40 ? 476 PHE B CD1 1 
ATOM   1211 C  CD2 . PHE B 1 80 ? 4.778   5.284   -0.068  1.00 31.88 ? 476 PHE B CD2 1 
ATOM   1212 C  CE1 . PHE B 1 80 ? 3.563   3.204   -1.444  1.00 32.89 ? 476 PHE B CE1 1 
ATOM   1213 C  CE2 . PHE B 1 80 ? 4.447   5.439   -1.416  1.00 33.32 ? 476 PHE B CE2 1 
ATOM   1214 C  CZ  . PHE B 1 80 ? 3.837   4.396   -2.101  1.00 32.90 ? 476 PHE B CZ  1 
ATOM   1215 N  N   . GLN B 1 81 ? 4.275   4.079   5.176   1.00 26.67 ? 477 GLN B N   1 
ATOM   1216 C  CA  . GLN B 1 81 ? 4.737   3.838   6.536   1.00 26.66 ? 477 GLN B CA  1 
ATOM   1217 C  C   . GLN B 1 81 ? 3.760   2.909   7.246   1.00 25.97 ? 477 GLN B C   1 
ATOM   1218 O  O   . GLN B 1 81 ? 4.171   2.023   8.012   1.00 26.01 ? 477 GLN B O   1 
ATOM   1219 C  CB  . GLN B 1 81 ? 4.820   5.160   7.302   1.00 28.14 ? 477 GLN B CB  1 
ATOM   1220 C  CG  . GLN B 1 81 ? 5.424   5.039   8.691   1.00 31.49 ? 477 GLN B CG  1 
ATOM   1221 C  CD  . GLN B 1 81 ? 6.825   4.450   8.664   1.00 34.18 ? 477 GLN B CD  1 
ATOM   1222 O  OE1 . GLN B 1 81 ? 7.651   4.820   7.825   1.00 35.06 ? 477 GLN B OE1 1 
ATOM   1223 N  NE2 . GLN B 1 81 ? 7.105   3.535   9.594   1.00 36.04 ? 477 GLN B NE2 1 
ATOM   1224 N  N   . SER B 1 82 ? 2.469   3.115   6.996   1.00 24.57 ? 478 SER B N   1 
ATOM   1225 C  CA  . SER B 1 82 ? 1.440   2.286   7.626   1.00 26.80 ? 478 SER B CA  1 
ATOM   1226 C  C   . SER B 1 82 ? 1.558   0.862   7.131   1.00 26.27 ? 478 SER B C   1 
ATOM   1227 O  O   . SER B 1 82 ? 1.439   -0.087  7.896   1.00 27.66 ? 478 SER B O   1 
ATOM   1228 C  CB  . SER B 1 82 ? 0.035   2.784   7.290   1.00 28.37 ? 478 SER B CB  1 
ATOM   1229 O  OG  . SER B 1 82 ? -0.182  4.078   7.823   1.00 34.50 ? 478 SER B OG  1 
ATOM   1230 N  N   . VAL B 1 83 ? 1.771   0.707   5.835   1.00 26.19 ? 479 VAL B N   1 
ATOM   1231 C  CA  . VAL B 1 83 ? 1.895   -0.628  5.275   1.00 24.99 ? 479 VAL B CA  1 
ATOM   1232 C  C   . VAL B 1 83 ? 3.132   -1.282  5.886   1.00 26.11 ? 479 VAL B C   1 
ATOM   1233 O  O   . VAL B 1 83 ? 3.128   -2.451  6.267   1.00 24.90 ? 479 VAL B O   1 
ATOM   1234 C  CB  . VAL B 1 83 ? 2.082   -0.580  3.759   1.00 24.21 ? 479 VAL B CB  1 
ATOM   1235 C  CG1 . VAL B 1 83 ? 2.319   -1.996  3.233   1.00 22.89 ? 479 VAL B CG1 1 
ATOM   1236 C  CG2 . VAL B 1 83 ? 0.859   0.064   3.108   1.00 22.32 ? 479 VAL B CG2 1 
ATOM   1237 N  N   . PHE B 1 84 ? 4.203   -0.512  5.977   1.00 26.22 ? 480 PHE B N   1 
ATOM   1238 C  CA  . PHE B 1 84 ? 5.442   -1.025  6.551   1.00 28.77 ? 480 PHE B CA  1 
ATOM   1239 C  C   . PHE B 1 84 ? 5.225   -1.485  8.002   1.00 29.64 ? 480 PHE B C   1 
ATOM   1240 O  O   . PHE B 1 84 ? 5.775   -2.510  8.416   1.00 29.46 ? 480 PHE B O   1 
ATOM   1241 C  CB  . PHE B 1 84 ? 6.529   0.064   6.503   1.00 29.16 ? 480 PHE B CB  1 
ATOM   1242 C  CG  . PHE B 1 84 ? 7.893   -0.393  6.984   1.00 31.63 ? 480 PHE B CG  1 
ATOM   1243 C  CD1 . PHE B 1 84 ? 8.752   -1.095  6.139   1.00 33.65 ? 480 PHE B CD1 1 
ATOM   1244 C  CD2 . PHE B 1 84 ? 8.322   -0.114  8.285   1.00 32.41 ? 480 PHE B CD2 1 
ATOM   1245 C  CE1 . PHE B 1 84 ? 10.024  -1.516  6.579   1.00 33.65 ? 480 PHE B CE1 1 
ATOM   1246 C  CE2 . PHE B 1 84 ? 9.590   -0.530  8.737   1.00 33.41 ? 480 PHE B CE2 1 
ATOM   1247 C  CZ  . PHE B 1 84 ? 10.440  -1.232  7.882   1.00 32.64 ? 480 PHE B CZ  1 
ATOM   1248 N  N   . ASP B 1 85 ? 4.431   -0.730  8.770   1.00 31.27 ? 481 ASP B N   1 
ATOM   1249 C  CA  . ASP B 1 85 ? 4.163   -1.098  10.169  1.00 33.04 ? 481 ASP B CA  1 
ATOM   1250 C  C   . ASP B 1 85 ? 3.560   -2.491  10.245  1.00 33.24 ? 481 ASP B C   1 
ATOM   1251 O  O   . ASP B 1 85 ? 3.696   -3.178  11.252  1.00 33.56 ? 481 ASP B O   1 
ATOM   1252 C  CB  . ASP B 1 85 ? 3.188   -0.129  10.846  1.00 34.12 ? 481 ASP B CB  1 
ATOM   1253 C  CG  . ASP B 1 85 ? 3.750   1.267   11.005  1.00 37.75 ? 481 ASP B CG  1 
ATOM   1254 O  OD1 . ASP B 1 85 ? 4.969   1.406   11.246  1.00 40.18 ? 481 ASP B OD1 1 
ATOM   1255 O  OD2 . ASP B 1 85 ? 2.962   2.236   10.911  1.00 40.55 ? 481 ASP B OD2 1 
HETATM 1256 N  N   . MSE B 1 86 ? 2.898   -2.902  9.172   1.00 34.55 ? 482 MSE B N   1 
HETATM 1257 C  CA  . MSE B 1 86 ? 2.286   -4.221  9.132   1.00 37.10 ? 482 MSE B CA  1 
HETATM 1258 C  C   . MSE B 1 86 ? 3.379   -5.269  8.930   1.00 37.30 ? 482 MSE B C   1 
HETATM 1259 O  O   . MSE B 1 86 ? 3.409   -6.284  9.627   1.00 37.02 ? 482 MSE B O   1 
HETATM 1260 C  CB  . MSE B 1 86 ? 1.265   -4.297  7.999   1.00 38.38 ? 482 MSE B CB  1 
HETATM 1261 C  CG  . MSE B 1 86 ? 0.063   -3.385  8.177   1.00 41.08 ? 482 MSE B CG  1 
HETATM 1262 SE SE  . MSE B 1 86 ? -1.109  -3.421  6.619   1.00 44.99 ? 482 MSE B SE  1 
HETATM 1263 C  CE  . MSE B 1 86 ? -1.910  -1.668  6.842   1.00 41.40 ? 482 MSE B CE  1 
ATOM   1264 N  N   . LEU B 1 87 ? 4.271   -5.022  7.975   1.00 36.59 ? 483 LEU B N   1 
ATOM   1265 C  CA  . LEU B 1 87 ? 5.372   -5.944  7.712   1.00 38.21 ? 483 LEU B CA  1 
ATOM   1266 C  C   . LEU B 1 87 ? 6.204   -6.130  8.969   1.00 38.16 ? 483 LEU B C   1 
ATOM   1267 O  O   . LEU B 1 87 ? 6.528   -7.251  9.355   1.00 37.12 ? 483 LEU B O   1 
ATOM   1268 C  CB  . LEU B 1 87 ? 6.277   -5.401  6.604   1.00 38.52 ? 483 LEU B CB  1 
ATOM   1269 C  CG  . LEU B 1 87 ? 5.779   -5.587  5.178   1.00 39.12 ? 483 LEU B CG  1 
ATOM   1270 C  CD1 . LEU B 1 87 ? 6.641   -4.775  4.217   1.00 39.90 ? 483 LEU B CD1 1 
ATOM   1271 C  CD2 . LEU B 1 87 ? 5.824   -7.073  4.836   1.00 39.03 ? 483 LEU B CD2 1 
ATOM   1272 N  N   . ARG B 1 88 ? 6.549   -5.012  9.597   1.00 39.33 ? 484 ARG B N   1 
ATOM   1273 C  CA  . ARG B 1 88 ? 7.348   -5.031  10.807  1.00 41.68 ? 484 ARG B CA  1 
ATOM   1274 C  C   . ARG B 1 88 ? 6.661   -5.876  11.875  1.00 42.10 ? 484 ARG B C   1 
ATOM   1275 O  O   . ARG B 1 88 ? 7.320   -6.612  12.616  1.00 41.51 ? 484 ARG B O   1 
ATOM   1276 C  CB  . ARG B 1 88 ? 7.560   -3.604  11.314  1.00 43.57 ? 484 ARG B CB  1 
ATOM   1277 C  CG  . ARG B 1 88 ? 8.562   -3.501  12.450  1.00 49.02 ? 484 ARG B CG  1 
ATOM   1278 C  CD  . ARG B 1 88 ? 8.673   -2.075  12.974  1.00 54.16 ? 484 ARG B CD  1 
ATOM   1279 N  NE  . ARG B 1 88 ? 9.614   -1.980  14.090  1.00 58.38 ? 484 ARG B NE  1 
ATOM   1280 C  CZ  . ARG B 1 88 ? 9.839   -0.872  14.794  1.00 60.46 ? 484 ARG B CZ  1 
ATOM   1281 N  NH1 . ARG B 1 88 ? 9.185   0.247   14.504  1.00 60.93 ? 484 ARG B NH1 1 
ATOM   1282 N  NH2 . ARG B 1 88 ? 10.716  -0.884  15.790  1.00 61.59 ? 484 ARG B NH2 1 
ATOM   1283 N  N   . HIS B 1 89 ? 5.334   -5.773  11.941  1.00 42.05 ? 485 HIS B N   1 
ATOM   1284 C  CA  . HIS B 1 89 ? 4.549   -6.523  12.912  1.00 42.08 ? 485 HIS B CA  1 
ATOM   1285 C  C   . HIS B 1 89 ? 4.751   -8.028  12.725  1.00 42.53 ? 485 HIS B C   1 
ATOM   1286 O  O   . HIS B 1 89 ? 4.819   -8.776  13.699  1.00 42.05 ? 485 HIS B O   1 
ATOM   1287 C  CB  . HIS B 1 89 ? 3.065   -6.176  12.774  1.00 42.53 ? 485 HIS B CB  1 
ATOM   1288 C  CG  . HIS B 1 89 ? 2.207   -6.771  13.847  1.00 44.80 ? 485 HIS B CG  1 
ATOM   1289 N  ND1 . HIS B 1 89 ? 2.270   -6.362  15.162  1.00 44.58 ? 485 HIS B ND1 1 
ATOM   1290 C  CD2 . HIS B 1 89 ? 1.285   -7.762  13.805  1.00 44.45 ? 485 HIS B CD2 1 
ATOM   1291 C  CE1 . HIS B 1 89 ? 1.423   -7.076  15.883  1.00 43.97 ? 485 HIS B CE1 1 
ATOM   1292 N  NE2 . HIS B 1 89 ? 0.814   -7.933  15.084  1.00 43.98 ? 485 HIS B NE2 1 
ATOM   1293 N  N   . PHE B 1 90 ? 4.839   -8.478  11.476  1.00 42.70 ? 486 PHE B N   1 
ATOM   1294 C  CA  . PHE B 1 90 ? 5.069   -9.896  11.210  1.00 44.10 ? 486 PHE B CA  1 
ATOM   1295 C  C   . PHE B 1 90 ? 6.461   -10.269 11.713  1.00 45.61 ? 486 PHE B C   1 
ATOM   1296 O  O   . PHE B 1 90 ? 6.683   -11.380 12.192  1.00 44.61 ? 486 PHE B O   1 
ATOM   1297 C  CB  . PHE B 1 90 ? 4.996   -10.199 9.708   1.00 43.54 ? 486 PHE B CB  1 
ATOM   1298 C  CG  . PHE B 1 90 ? 3.597   -10.346 9.176   1.00 42.78 ? 486 PHE B CG  1 
ATOM   1299 C  CD1 . PHE B 1 90 ? 2.849   -9.227  8.822   1.00 41.60 ? 486 PHE B CD1 1 
ATOM   1300 C  CD2 . PHE B 1 90 ? 3.028   -11.611 9.029   1.00 42.30 ? 486 PHE B CD2 1 
ATOM   1301 C  CE1 . PHE B 1 90 ? 1.556   -9.362  8.329   1.00 42.13 ? 486 PHE B CE1 1 
ATOM   1302 C  CE2 . PHE B 1 90 ? 1.728   -11.761 8.536   1.00 42.84 ? 486 PHE B CE2 1 
ATOM   1303 C  CZ  . PHE B 1 90 ? 0.990   -10.633 8.184   1.00 42.51 ? 486 PHE B CZ  1 
ATOM   1304 N  N   . HIS B 1 91 ? 7.390   -9.326  11.591  1.00 48.03 ? 487 HIS B N   1 
ATOM   1305 C  CA  . HIS B 1 91 ? 8.772   -9.526  12.012  1.00 52.10 ? 487 HIS B CA  1 
ATOM   1306 C  C   . HIS B 1 91 ? 9.046   -9.175  13.473  1.00 53.74 ? 487 HIS B C   1 
ATOM   1307 O  O   . HIS B 1 91 ? 10.181  -8.853  13.830  1.00 56.53 ? 487 HIS B O   1 
ATOM   1308 C  CB  . HIS B 1 91 ? 9.710   -8.699  11.128  1.00 53.79 ? 487 HIS B CB  1 
ATOM   1309 C  CG  . HIS B 1 91 ? 9.921   -9.272  9.764   1.00 56.64 ? 487 HIS B CG  1 
ATOM   1310 N  ND1 . HIS B 1 91 ? 10.712  -10.379 9.537   1.00 57.49 ? 487 HIS B ND1 1 
ATOM   1311 C  CD2 . HIS B 1 91 ? 9.430   -8.905  8.555   1.00 57.49 ? 487 HIS B CD2 1 
ATOM   1312 C  CE1 . HIS B 1 91 ? 10.698  -10.668 8.248   1.00 58.66 ? 487 HIS B CE1 1 
ATOM   1313 N  NE2 . HIS B 1 91 ? 9.930   -9.791  7.629   1.00 58.34 ? 487 HIS B NE2 1 
ATOM   1314 N  N   . THR B 1 92 ? 8.023   -9.210  14.316  1.00 54.03 ? 488 THR B N   1 
ATOM   1315 C  CA  . THR B 1 92 ? 8.205   -8.907  15.733  1.00 54.80 ? 488 THR B CA  1 
ATOM   1316 C  C   . THR B 1 92 ? 7.224   -9.758  16.505  1.00 54.94 ? 488 THR B C   1 
ATOM   1317 O  O   . THR B 1 92 ? 7.488   -10.173 17.631  1.00 55.94 ? 488 THR B O   1 
ATOM   1318 C  CB  . THR B 1 92 ? 7.948   -7.411  16.064  1.00 54.97 ? 488 THR B CB  1 
ATOM   1319 O  OG1 . THR B 1 92 ? 6.639   -7.036  15.625  1.00 55.81 ? 488 THR B OG1 1 
ATOM   1320 C  CG2 . THR B 1 92 ? 8.985   -6.522  15.386  1.00 54.51 ? 488 THR B CG2 1 
ATOM   1321 N  N   . HIS B 1 93 ? 6.085   -10.018 15.878  1.00 54.78 ? 489 HIS B N   1 
ATOM   1322 C  CA  . HIS B 1 93 ? 5.048   -10.842 16.472  1.00 54.39 ? 489 HIS B CA  1 
ATOM   1323 C  C   . HIS B 1 93 ? 4.752   -11.958 15.482  1.00 53.20 ? 489 HIS B C   1 
ATOM   1324 O  O   . HIS B 1 93 ? 3.628   -12.102 15.007  1.00 53.28 ? 489 HIS B O   1 
ATOM   1325 C  CB  . HIS B 1 93 ? 3.790   -10.009 16.736  1.00 55.09 ? 489 HIS B CB  1 
ATOM   1326 C  CG  . HIS B 1 93 ? 4.018   -8.854  17.661  1.00 56.92 ? 489 HIS B CG  1 
ATOM   1327 N  ND1 . HIS B 1 93 ? 4.733   -7.734  17.293  1.00 57.58 ? 489 HIS B ND1 1 
ATOM   1328 C  CD2 . HIS B 1 93 ? 3.661   -8.662  18.954  1.00 58.03 ? 489 HIS B CD2 1 
ATOM   1329 C  CE1 . HIS B 1 93 ? 4.808   -6.904  18.317  1.00 57.81 ? 489 HIS B CE1 1 
ATOM   1330 N  NE2 . HIS B 1 93 ? 4.167   -7.441  19.337  1.00 58.52 ? 489 HIS B NE2 1 
ATOM   1331 N  N   . PRO B 1 94 ? 5.773   -12.764 15.155  1.00 52.96 ? 490 PRO B N   1 
ATOM   1332 C  CA  . PRO B 1 94 ? 5.595   -13.867 14.210  1.00 53.30 ? 490 PRO B CA  1 
ATOM   1333 C  C   . PRO B 1 94 ? 4.547   -14.852 14.686  1.00 54.42 ? 490 PRO B C   1 
ATOM   1334 O  O   . PRO B 1 94 ? 4.294   -14.982 15.887  1.00 54.24 ? 490 PRO B O   1 
ATOM   1335 C  CB  . PRO B 1 94 ? 6.986   -14.490 14.142  1.00 52.75 ? 490 PRO B CB  1 
ATOM   1336 C  CG  . PRO B 1 94 ? 7.518   -14.256 15.520  1.00 51.80 ? 490 PRO B CG  1 
ATOM   1337 C  CD  . PRO B 1 94 ? 7.109   -12.825 15.777  1.00 52.41 ? 490 PRO B CD  1 
ATOM   1338 N  N   . ILE B 1 95 ? 3.928   -15.543 13.741  1.00 55.96 ? 491 ILE B N   1 
ATOM   1339 C  CA  . ILE B 1 95 ? 2.920   -16.517 14.100  1.00 57.83 ? 491 ILE B CA  1 
ATOM   1340 C  C   . ILE B 1 95 ? 3.655   -17.727 14.678  1.00 57.87 ? 491 ILE B C   1 
ATOM   1341 O  O   . ILE B 1 95 ? 4.518   -18.309 14.028  1.00 57.22 ? 491 ILE B O   1 
ATOM   1342 C  CB  . ILE B 1 95 ? 2.064   -16.916 12.866  1.00 59.30 ? 491 ILE B CB  1 
ATOM   1343 C  CG1 . ILE B 1 95 ? 0.820   -17.678 13.330  1.00 60.67 ? 491 ILE B CG1 1 
ATOM   1344 C  CG2 . ILE B 1 95 ? 2.885   -17.739 11.885  1.00 59.13 ? 491 ILE B CG2 1 
ATOM   1345 C  CD1 . ILE B 1 95 ? -0.095  -16.851 14.228  1.00 61.48 ? 491 ILE B CD1 1 
ATOM   1346 N  N   . PRO B 1 96 ? 3.336   -18.105 15.926  1.00 58.16 ? 492 PRO B N   1 
ATOM   1347 C  CA  . PRO B 1 96 ? 3.994   -19.252 16.559  1.00 57.59 ? 492 PRO B CA  1 
ATOM   1348 C  C   . PRO B 1 96 ? 3.777   -20.531 15.770  1.00 56.46 ? 492 PRO B C   1 
ATOM   1349 O  O   . PRO B 1 96 ? 2.731   -20.714 15.152  1.00 56.45 ? 492 PRO B O   1 
ATOM   1350 C  CB  . PRO B 1 96 ? 3.346   -19.300 17.941  1.00 58.06 ? 492 PRO B CB  1 
ATOM   1351 C  CG  . PRO B 1 96 ? 1.959   -18.812 17.666  1.00 58.67 ? 492 PRO B CG  1 
ATOM   1352 C  CD  . PRO B 1 96 ? 2.211   -17.627 16.750  1.00 58.70 ? 492 PRO B CD  1 
ATOM   1353 N  N   . LEU B 1 97 ? 4.771   -21.412 15.792  1.00 55.77 ? 493 LEU B N   1 
ATOM   1354 C  CA  . LEU B 1 97 ? 4.682   -22.675 15.073  1.00 55.01 ? 493 LEU B CA  1 
ATOM   1355 C  C   . LEU B 1 97 ? 4.108   -23.785 15.948  1.00 53.97 ? 493 LEU B C   1 
ATOM   1356 O  O   . LEU B 1 97 ? 4.892   -24.357 16.730  1.00 53.38 ? 493 LEU B O   1 
ATOM   1357 C  CB  . LEU B 1 97 ? 6.065   -23.079 14.555  1.00 54.35 ? 493 LEU B CB  1 
ATOM   1358 C  CG  . LEU B 1 97 ? 6.136   -24.405 13.793  1.00 54.21 ? 493 LEU B CG  1 
ATOM   1359 C  CD1 . LEU B 1 97 ? 5.202   -24.365 12.587  1.00 54.10 ? 493 LEU B CD1 1 
ATOM   1360 C  CD2 . LEU B 1 97 ? 7.564   -24.657 13.358  1.00 53.47 ? 493 LEU B CD2 1 
HETATM 1361 S  S   . SO4 C 2 .  ? -13.590 13.159  -2.780  1.00 29.35 ? 102 SO4 A S   1 
HETATM 1362 O  O1  . SO4 C 2 .  ? -12.880 13.400  -4.039  1.00 31.37 ? 102 SO4 A O1  1 
HETATM 1363 O  O2  . SO4 C 2 .  ? -14.636 12.130  -2.966  1.00 29.43 ? 102 SO4 A O2  1 
HETATM 1364 O  O3  . SO4 C 2 .  ? -14.239 14.410  -2.344  1.00 33.06 ? 102 SO4 A O3  1 
HETATM 1365 O  O4  . SO4 C 2 .  ? -12.617 12.718  -1.766  1.00 29.94 ? 102 SO4 A O4  1 
HETATM 1366 S  S   . SO4 D 2 .  ? 13.087  0.568   -13.442 1.00 35.57 ? 101 SO4 B S   1 
HETATM 1367 O  O1  . SO4 D 2 .  ? 12.553  1.867   -13.880 1.00 36.91 ? 101 SO4 B O1  1 
HETATM 1368 O  O2  . SO4 D 2 .  ? 13.805  -0.052  -14.577 1.00 39.44 ? 101 SO4 B O2  1 
HETATM 1369 O  O3  . SO4 D 2 .  ? 11.986  -0.320  -13.026 1.00 36.88 ? 101 SO4 B O3  1 
HETATM 1370 O  O4  . SO4 D 2 .  ? 14.009  0.784   -12.312 1.00 35.10 ? 101 SO4 B O4  1 
HETATM 1371 O  O   . HOH E 3 .  ? -19.231 0.239   1.809   1.00 31.38 ? 1   HOH A O   1 
HETATM 1372 O  O   . HOH E 3 .  ? -16.340 -3.868  -0.491  1.00 36.70 ? 3   HOH A O   1 
HETATM 1373 O  O   . HOH E 3 .  ? -15.322 19.164  -8.824  1.00 22.20 ? 4   HOH A O   1 
HETATM 1374 O  O   . HOH E 3 .  ? -4.313  -12.755 -1.737  1.00 32.90 ? 5   HOH A O   1 
HETATM 1375 O  O   . HOH E 3 .  ? -18.638 13.088  1.471   1.00 29.04 ? 6   HOH A O   1 
HETATM 1376 O  O   . HOH E 3 .  ? -3.068  -10.982 8.027   1.00 35.57 ? 7   HOH A O   1 
HETATM 1377 O  O   . HOH E 3 .  ? -21.927 6.281   0.872   1.00 40.09 ? 8   HOH A O   1 
HETATM 1378 O  O   . HOH E 3 .  ? -5.906  13.714  3.687   1.00 30.30 ? 9   HOH A O   1 
HETATM 1379 O  O   . HOH E 3 .  ? -3.833  -13.391 9.386   1.00 37.85 ? 12  HOH A O   1 
HETATM 1380 O  O   . HOH E 3 .  ? -16.143 6.390   12.971  1.00 29.40 ? 13  HOH A O   1 
HETATM 1381 O  O   . HOH E 3 .  ? -9.961  12.478  11.000  1.00 40.49 ? 14  HOH A O   1 
HETATM 1382 O  O   . HOH E 3 .  ? -6.086  13.910  9.051   1.00 44.16 ? 16  HOH A O   1 
HETATM 1383 O  O   . HOH E 3 .  ? -6.188  -9.610  6.403   1.00 36.55 ? 17  HOH A O   1 
HETATM 1384 O  O   . HOH E 3 .  ? -20.388 12.948  -7.292  1.00 32.52 ? 20  HOH A O   1 
HETATM 1385 O  O   . HOH E 3 .  ? -17.434 15.441  1.563   1.00 37.31 ? 21  HOH A O   1 
HETATM 1386 O  O   . HOH E 3 .  ? -13.462 16.968  -1.538  1.00 42.86 ? 22  HOH A O   1 
HETATM 1387 O  O   . HOH E 3 .  ? -12.720 12.855  6.090   1.00 36.61 ? 23  HOH A O   1 
HETATM 1388 O  O   . HOH E 3 .  ? -3.995  15.389  4.787   1.00 42.55 ? 25  HOH A O   1 
HETATM 1389 O  O   . HOH E 3 .  ? -7.055  -11.424 2.653   1.00 44.27 ? 28  HOH A O   1 
HETATM 1390 O  O   . HOH E 3 .  ? -4.871  -12.600 5.007   1.00 43.45 ? 29  HOH A O   1 
HETATM 1391 O  O   . HOH F 3 .  ? 3.194   -26.870 17.251  1.00 38.03 ? 2   HOH B O   1 
HETATM 1392 O  O   . HOH F 3 .  ? 5.495   -5.668  -12.760 1.00 28.91 ? 10  HOH B O   1 
HETATM 1393 O  O   . HOH F 3 .  ? 0.900   -7.429  10.325  1.00 39.00 ? 11  HOH B O   1 
HETATM 1394 O  O   . HOH F 3 .  ? 9.263   -12.509 -10.451 1.00 32.72 ? 15  HOH B O   1 
HETATM 1395 O  O   . HOH F 3 .  ? 2.409   4.563   12.756  1.00 46.20 ? 18  HOH B O   1 
HETATM 1396 O  O   . HOH F 3 .  ? 15.199  -13.782 -4.322  1.00 38.17 ? 19  HOH B O   1 
HETATM 1397 O  O   . HOH F 3 .  ? 21.580  -4.703  -10.592 1.00 38.85 ? 24  HOH B O   1 
HETATM 1398 O  O   . HOH F 3 .  ? -1.915  11.809  -4.860  1.00 41.78 ? 26  HOH B O   1 
HETATM 1399 O  O   . HOH F 3 .  ? 15.952  -10.159 -9.748  1.00 39.59 ? 27  HOH B O   1 
HETATM 1400 O  O   . HOH F 3 .  ? 8.912   -16.905 -5.293  1.00 46.81 ? 30  HOH B O   1 
# 
